data_6QZ6
# 
_entry.id   6QZ6 
# 
_audit_conform.dict_name       mmcif_pdbx.dic 
_audit_conform.dict_version    5.383 
_audit_conform.dict_location   http://mmcif.pdb.org/dictionaries/ascii/mmcif_pdbx.dic 
# 
loop_
_database_2.database_id 
_database_2.database_code 
_database_2.pdbx_database_accession 
_database_2.pdbx_DOI 
PDB   6QZ6         pdb_00006qz6 10.2210/pdb6qz6/pdb 
WWPDB D_1292101136 ?            ?                   
# 
loop_
_pdbx_audit_revision_history.ordinal 
_pdbx_audit_revision_history.data_content_type 
_pdbx_audit_revision_history.major_revision 
_pdbx_audit_revision_history.minor_revision 
_pdbx_audit_revision_history.revision_date 
1 'Structure model' 1 0 2019-08-07 
2 'Structure model' 1 1 2019-08-21 
3 'Structure model' 1 2 2019-09-18 
4 'Structure model' 1 3 2024-01-24 
# 
_pdbx_audit_revision_details.ordinal             1 
_pdbx_audit_revision_details.revision_ordinal    1 
_pdbx_audit_revision_details.data_content_type   'Structure model' 
_pdbx_audit_revision_details.provider            repository 
_pdbx_audit_revision_details.type                'Initial release' 
_pdbx_audit_revision_details.description         ? 
_pdbx_audit_revision_details.details             ? 
# 
loop_
_pdbx_audit_revision_group.ordinal 
_pdbx_audit_revision_group.revision_ordinal 
_pdbx_audit_revision_group.data_content_type 
_pdbx_audit_revision_group.group 
1 2 'Structure model' 'Data collection'        
2 2 'Structure model' 'Database references'    
3 3 'Structure model' 'Data collection'        
4 3 'Structure model' 'Refinement description' 
5 4 'Structure model' 'Data collection'        
6 4 'Structure model' 'Database references'    
7 4 'Structure model' 'Refinement description' 
# 
loop_
_pdbx_audit_revision_category.ordinal 
_pdbx_audit_revision_category.revision_ordinal 
_pdbx_audit_revision_category.data_content_type 
_pdbx_audit_revision_category.category 
1 2 'Structure model' citation                      
2 2 'Structure model' citation_author               
3 3 'Structure model' software                      
4 4 'Structure model' chem_comp_atom                
5 4 'Structure model' chem_comp_bond                
6 4 'Structure model' database_2                    
7 4 'Structure model' pdbx_initial_refinement_model 
# 
loop_
_pdbx_audit_revision_item.ordinal 
_pdbx_audit_revision_item.revision_ordinal 
_pdbx_audit_revision_item.data_content_type 
_pdbx_audit_revision_item.item 
1 2 'Structure model' '_citation.journal_volume'            
2 2 'Structure model' '_citation.page_first'                
3 2 'Structure model' '_citation.page_last'                 
4 2 'Structure model' '_citation_author.identifier_ORCID'   
5 3 'Structure model' '_software.version'                   
6 4 'Structure model' '_database_2.pdbx_DOI'                
7 4 'Structure model' '_database_2.pdbx_database_accession' 
# 
_pdbx_database_status.status_code                     REL 
_pdbx_database_status.status_code_sf                  REL 
_pdbx_database_status.status_code_mr                  ? 
_pdbx_database_status.entry_id                        6QZ6 
_pdbx_database_status.recvd_initial_deposition_date   2019-03-11 
_pdbx_database_status.SG_entry                        N 
_pdbx_database_status.deposit_site                    PDBE 
_pdbx_database_status.process_site                    PDBE 
_pdbx_database_status.status_code_cs                  ? 
_pdbx_database_status.methods_development_category    ? 
_pdbx_database_status.pdb_format_compatible           Y 
_pdbx_database_status.status_code_nmr_data            ? 
# 
loop_
_pdbx_database_related.db_name 
_pdbx_database_related.details 
_pdbx_database_related.db_id 
_pdbx_database_related.content_type 
PDB . 6qxj unspecified 
PDB . 6qyk unspecified 
PDB . 6qyl unspecified 
PDB . 6qyn unspecified 
PDB . 6qyo unspecified 
PDB . 6qyp unspecified 
PDB . 6qz5 unspecified 
# 
loop_
_audit_author.name 
_audit_author.pdbx_ordinal 
_audit_author.identifier_ORCID 
'Dokurno, P.'            1  0000-0002-7332-8889 
'Szlavik, Z.'            2  0000-0002-9385-806X 
'Ondi, L.'               3  ?                   
'Csekei, M.'             4  0000-0002-5781-1096 
'Paczal, A.'             5  ?                   
'Szabo, Z.B.'            6  0000-0001-7557-0305 
'Radics, G.'             7  0000-0003-4954-3025 
'Murray, J.'             8  0000-0003-1007-8218 
'Davidson, J.'           9  0000-0002-8301-1607 
'Chen, I.'               10 ?                   
'Davis, B.'              11 0000-0001-6759-7575 
'Hubbard, R.E.'          12 0000-0002-8233-7461 
'Pedder, C.'             13 ?                   
'Surgenor, A.E.'         14 ?                   
'Smith, J.'              15 ?                   
'Robertson, A.'          16 ?                   
'LeToumelin-Braizat, G.' 17 ?                   
'Cauquil, N.'            18 ?                   
'Zarka, M.'              19 ?                   
'Demarles, D.'           20 ?                   
'Perron-Sierra, F.'      21 ?                   
'Geneste, O.'            22 ?                   
'Kotschy, A.'            23 0000-0002-7675-3864 
# 
_citation.abstract                  ? 
_citation.abstract_id_CAS           ? 
_citation.book_id_ISBN              ? 
_citation.book_publisher            ? 
_citation.book_publisher_city       ? 
_citation.book_title                ? 
_citation.coordinate_linkage        ? 
_citation.country                   US 
_citation.database_id_Medline       ? 
_citation.details                   ? 
_citation.id                        primary 
_citation.journal_abbrev            J.Med.Chem. 
_citation.journal_id_ASTM           JMCMAR 
_citation.journal_id_CSD            0151 
_citation.journal_id_ISSN           0022-2623 
_citation.journal_full              ? 
_citation.journal_issue             ? 
_citation.journal_volume            62 
_citation.language                  ? 
_citation.page_first                6913 
_citation.page_last                 6924 
_citation.title                     'Structure-Guided Discovery of a Selective Mcl-1 Inhibitor with Cellular Activity.' 
_citation.year                      2019 
_citation.database_id_CSD           ? 
_citation.pdbx_database_id_DOI      10.1021/acs.jmedchem.9b00134 
_citation.pdbx_database_id_PubMed   31339316 
_citation.unpublished_flag          ? 
# 
loop_
_citation_author.citation_id 
_citation_author.name 
_citation_author.ordinal 
_citation_author.identifier_ORCID 
primary 'Szlavik, Z.'            1  ? 
primary 'Ondi, L.'               2  ? 
primary 'Csekei, M.'             3  ? 
primary 'Paczal, A.'             4  ? 
primary 'Szabo, Z.B.'            5  ? 
primary 'Radics, G.'             6  ? 
primary 'Murray, J.'             7  ? 
primary 'Davidson, J.'           8  ? 
primary 'Chen, I.'               9  ? 
primary 'Davis, B.'              10 ? 
primary 'Hubbard, R.E.'          11 ? 
primary 'Pedder, C.'             12 ? 
primary 'Dokurno, P.'            13 ? 
primary 'Surgenor, A.'           14 ? 
primary 'Smith, J.'              15 ? 
primary 'Robertson, A.'          16 ? 
primary 'LeToumelin-Braizat, G.' 17 ? 
primary 'Cauquil, N.'            18 ? 
primary 'Zarka, M.'              19 ? 
primary 'Demarles, D.'           20 ? 
primary 'Perron-Sierra, F.'      21 ? 
primary 'Claperon, A.'           22 ? 
primary 'Colland, F.'            23 ? 
primary 'Geneste, O.'            24 ? 
primary 'Kotschy, A.'            25 ? 
# 
loop_
_entity.id 
_entity.type 
_entity.src_method 
_entity.pdbx_description 
_entity.formula_weight 
_entity.pdbx_number_of_molecules 
_entity.pdbx_ec 
_entity.pdbx_mutation 
_entity.pdbx_fragment 
_entity.details 
1 polymer     man 'Induced myeloid leukemia cell differentiation protein Mcl-1'                                        19493.154 1 
? ? ? ? 
2 non-polymer syn '(2~{R})-2-[[6-ethyl-5-(1~{H}-indol-4-yl)thieno[2,3-d]pyrimidin-4-yl]amino]-3-phenyl-propanoic acid' 442.533   1 
? ? ? ? 
3 water       nat water                                                                                                18.015    
91 ? ? ? ? 
# 
_entity_name_com.entity_id   1 
_entity_name_com.name        'Bcl-2-like protein 3,Bcl2-L-3,Bcl-2-related protein EAT/mcl1,mcl1/EAT' 
# 
_entity_poly.entity_id                      1 
_entity_poly.type                           'polypeptide(L)' 
_entity_poly.nstd_linkage                   no 
_entity_poly.nstd_monomer                   no 
_entity_poly.pdbx_seq_one_letter_code       
;MHHHHHHLVPRGSEDELYRQSLEIISRYLREQATGAKDTKPMGRSGATSRKALETLRRVGDGVQRNHETAFQGMLRKLDI
KNEDDVKSLSRVMIHVFSDGVTNWGRIVTLISFGAFVAKHLKTINQESCIEPLAESITDVLVRTKRDWLVKQRGWDGFVE
FFHVEDLEGG
;
_entity_poly.pdbx_seq_one_letter_code_can   
;MHHHHHHLVPRGSEDELYRQSLEIISRYLREQATGAKDTKPMGRSGATSRKALETLRRVGDGVQRNHETAFQGMLRKLDI
KNEDDVKSLSRVMIHVFSDGVTNWGRIVTLISFGAFVAKHLKTINQESCIEPLAESITDVLVRTKRDWLVKQRGWDGFVE
FFHVEDLEGG
;
_entity_poly.pdbx_strand_id                 A 
_entity_poly.pdbx_target_identifier         ? 
# 
loop_
_pdbx_entity_nonpoly.entity_id 
_pdbx_entity_nonpoly.name 
_pdbx_entity_nonpoly.comp_id 
2 '(2~{R})-2-[[6-ethyl-5-(1~{H}-indol-4-yl)thieno[2,3-d]pyrimidin-4-yl]amino]-3-phenyl-propanoic acid' JLE 
3 water                                                                                                HOH 
# 
loop_
_entity_poly_seq.entity_id 
_entity_poly_seq.num 
_entity_poly_seq.mon_id 
_entity_poly_seq.hetero 
1 1   MET n 
1 2   HIS n 
1 3   HIS n 
1 4   HIS n 
1 5   HIS n 
1 6   HIS n 
1 7   HIS n 
1 8   LEU n 
1 9   VAL n 
1 10  PRO n 
1 11  ARG n 
1 12  GLY n 
1 13  SER n 
1 14  GLU n 
1 15  ASP n 
1 16  GLU n 
1 17  LEU n 
1 18  TYR n 
1 19  ARG n 
1 20  GLN n 
1 21  SER n 
1 22  LEU n 
1 23  GLU n 
1 24  ILE n 
1 25  ILE n 
1 26  SER n 
1 27  ARG n 
1 28  TYR n 
1 29  LEU n 
1 30  ARG n 
1 31  GLU n 
1 32  GLN n 
1 33  ALA n 
1 34  THR n 
1 35  GLY n 
1 36  ALA n 
1 37  LYS n 
1 38  ASP n 
1 39  THR n 
1 40  LYS n 
1 41  PRO n 
1 42  MET n 
1 43  GLY n 
1 44  ARG n 
1 45  SER n 
1 46  GLY n 
1 47  ALA n 
1 48  THR n 
1 49  SER n 
1 50  ARG n 
1 51  LYS n 
1 52  ALA n 
1 53  LEU n 
1 54  GLU n 
1 55  THR n 
1 56  LEU n 
1 57  ARG n 
1 58  ARG n 
1 59  VAL n 
1 60  GLY n 
1 61  ASP n 
1 62  GLY n 
1 63  VAL n 
1 64  GLN n 
1 65  ARG n 
1 66  ASN n 
1 67  HIS n 
1 68  GLU n 
1 69  THR n 
1 70  ALA n 
1 71  PHE n 
1 72  GLN n 
1 73  GLY n 
1 74  MET n 
1 75  LEU n 
1 76  ARG n 
1 77  LYS n 
1 78  LEU n 
1 79  ASP n 
1 80  ILE n 
1 81  LYS n 
1 82  ASN n 
1 83  GLU n 
1 84  ASP n 
1 85  ASP n 
1 86  VAL n 
1 87  LYS n 
1 88  SER n 
1 89  LEU n 
1 90  SER n 
1 91  ARG n 
1 92  VAL n 
1 93  MET n 
1 94  ILE n 
1 95  HIS n 
1 96  VAL n 
1 97  PHE n 
1 98  SER n 
1 99  ASP n 
1 100 GLY n 
1 101 VAL n 
1 102 THR n 
1 103 ASN n 
1 104 TRP n 
1 105 GLY n 
1 106 ARG n 
1 107 ILE n 
1 108 VAL n 
1 109 THR n 
1 110 LEU n 
1 111 ILE n 
1 112 SER n 
1 113 PHE n 
1 114 GLY n 
1 115 ALA n 
1 116 PHE n 
1 117 VAL n 
1 118 ALA n 
1 119 LYS n 
1 120 HIS n 
1 121 LEU n 
1 122 LYS n 
1 123 THR n 
1 124 ILE n 
1 125 ASN n 
1 126 GLN n 
1 127 GLU n 
1 128 SER n 
1 129 CYS n 
1 130 ILE n 
1 131 GLU n 
1 132 PRO n 
1 133 LEU n 
1 134 ALA n 
1 135 GLU n 
1 136 SER n 
1 137 ILE n 
1 138 THR n 
1 139 ASP n 
1 140 VAL n 
1 141 LEU n 
1 142 VAL n 
1 143 ARG n 
1 144 THR n 
1 145 LYS n 
1 146 ARG n 
1 147 ASP n 
1 148 TRP n 
1 149 LEU n 
1 150 VAL n 
1 151 LYS n 
1 152 GLN n 
1 153 ARG n 
1 154 GLY n 
1 155 TRP n 
1 156 ASP n 
1 157 GLY n 
1 158 PHE n 
1 159 VAL n 
1 160 GLU n 
1 161 PHE n 
1 162 PHE n 
1 163 HIS n 
1 164 VAL n 
1 165 GLU n 
1 166 ASP n 
1 167 LEU n 
1 168 GLU n 
1 169 GLY n 
1 170 GLY n 
# 
_entity_src_gen.entity_id                          1 
_entity_src_gen.pdbx_src_id                        1 
_entity_src_gen.pdbx_alt_source_flag               sample 
_entity_src_gen.pdbx_seq_type                      'Biological sequence' 
_entity_src_gen.pdbx_beg_seq_num                   1 
_entity_src_gen.pdbx_end_seq_num                   170 
_entity_src_gen.gene_src_common_name               Human 
_entity_src_gen.gene_src_genus                     ? 
_entity_src_gen.pdbx_gene_src_gene                 'MCL1, BCL2L3' 
_entity_src_gen.gene_src_species                   ? 
_entity_src_gen.gene_src_strain                    ? 
_entity_src_gen.gene_src_tissue                    ? 
_entity_src_gen.gene_src_tissue_fraction           ? 
_entity_src_gen.gene_src_details                   ? 
_entity_src_gen.pdbx_gene_src_fragment             ? 
_entity_src_gen.pdbx_gene_src_scientific_name      'Homo sapiens' 
_entity_src_gen.pdbx_gene_src_ncbi_taxonomy_id     9606 
_entity_src_gen.pdbx_gene_src_variant              ? 
_entity_src_gen.pdbx_gene_src_cell_line            ? 
_entity_src_gen.pdbx_gene_src_atcc                 ? 
_entity_src_gen.pdbx_gene_src_organ                ? 
_entity_src_gen.pdbx_gene_src_organelle            ? 
_entity_src_gen.pdbx_gene_src_cell                 ? 
_entity_src_gen.pdbx_gene_src_cellular_location    ? 
_entity_src_gen.host_org_common_name               ? 
_entity_src_gen.pdbx_host_org_scientific_name      'Escherichia coli BL21(DE3)' 
_entity_src_gen.pdbx_host_org_ncbi_taxonomy_id     469008 
_entity_src_gen.host_org_genus                     ? 
_entity_src_gen.pdbx_host_org_gene                 ? 
_entity_src_gen.pdbx_host_org_organ                ? 
_entity_src_gen.host_org_species                   ? 
_entity_src_gen.pdbx_host_org_tissue               ? 
_entity_src_gen.pdbx_host_org_tissue_fraction      ? 
_entity_src_gen.pdbx_host_org_strain               ? 
_entity_src_gen.pdbx_host_org_variant              pLysS 
_entity_src_gen.pdbx_host_org_cell_line            ? 
_entity_src_gen.pdbx_host_org_atcc                 ? 
_entity_src_gen.pdbx_host_org_culture_collection   ? 
_entity_src_gen.pdbx_host_org_cell                 ? 
_entity_src_gen.pdbx_host_org_organelle            ? 
_entity_src_gen.pdbx_host_org_cellular_location    ? 
_entity_src_gen.pdbx_host_org_vector_type          ? 
_entity_src_gen.pdbx_host_org_vector               ? 
_entity_src_gen.host_org_details                   ? 
_entity_src_gen.expression_system_id               ? 
_entity_src_gen.plasmid_name                       ? 
_entity_src_gen.plasmid_details                    ? 
_entity_src_gen.pdbx_description                   ? 
# 
loop_
_chem_comp.id 
_chem_comp.type 
_chem_comp.mon_nstd_flag 
_chem_comp.name 
_chem_comp.pdbx_synonyms 
_chem_comp.formula 
_chem_comp.formula_weight 
ALA 'L-peptide linking' y ALANINE                                                                                              ? 
'C3 H7 N O2'      89.093  
ARG 'L-peptide linking' y ARGININE                                                                                             ? 
'C6 H15 N4 O2 1'  175.209 
ASN 'L-peptide linking' y ASPARAGINE                                                                                           ? 
'C4 H8 N2 O3'     132.118 
ASP 'L-peptide linking' y 'ASPARTIC ACID'                                                                                      ? 
'C4 H7 N O4'      133.103 
CYS 'L-peptide linking' y CYSTEINE                                                                                             ? 
'C3 H7 N O2 S'    121.158 
GLN 'L-peptide linking' y GLUTAMINE                                                                                            ? 
'C5 H10 N2 O3'    146.144 
GLU 'L-peptide linking' y 'GLUTAMIC ACID'                                                                                      ? 
'C5 H9 N O4'      147.129 
GLY 'peptide linking'   y GLYCINE                                                                                              ? 
'C2 H5 N O2'      75.067  
HIS 'L-peptide linking' y HISTIDINE                                                                                            ? 
'C6 H10 N3 O2 1'  156.162 
HOH non-polymer         . WATER                                                                                                ? 
'H2 O'            18.015  
ILE 'L-peptide linking' y ISOLEUCINE                                                                                           ? 
'C6 H13 N O2'     131.173 
JLE non-polymer         . '(2~{R})-2-[[6-ethyl-5-(1~{H}-indol-4-yl)thieno[2,3-d]pyrimidin-4-yl]amino]-3-phenyl-propanoic acid' ? 
'C25 H22 N4 O2 S' 442.533 
LEU 'L-peptide linking' y LEUCINE                                                                                              ? 
'C6 H13 N O2'     131.173 
LYS 'L-peptide linking' y LYSINE                                                                                               ? 
'C6 H15 N2 O2 1'  147.195 
MET 'L-peptide linking' y METHIONINE                                                                                           ? 
'C5 H11 N O2 S'   149.211 
PHE 'L-peptide linking' y PHENYLALANINE                                                                                        ? 
'C9 H11 N O2'     165.189 
PRO 'L-peptide linking' y PROLINE                                                                                              ? 
'C5 H9 N O2'      115.130 
SER 'L-peptide linking' y SERINE                                                                                               ? 
'C3 H7 N O3'      105.093 
THR 'L-peptide linking' y THREONINE                                                                                            ? 
'C4 H9 N O3'      119.119 
TRP 'L-peptide linking' y TRYPTOPHAN                                                                                           ? 
'C11 H12 N2 O2'   204.225 
TYR 'L-peptide linking' y TYROSINE                                                                                             ? 
'C9 H11 N O3'     181.189 
VAL 'L-peptide linking' y VALINE                                                                                               ? 
'C5 H11 N O2'     117.146 
# 
loop_
_pdbx_poly_seq_scheme.asym_id 
_pdbx_poly_seq_scheme.entity_id 
_pdbx_poly_seq_scheme.seq_id 
_pdbx_poly_seq_scheme.mon_id 
_pdbx_poly_seq_scheme.ndb_seq_num 
_pdbx_poly_seq_scheme.pdb_seq_num 
_pdbx_poly_seq_scheme.auth_seq_num 
_pdbx_poly_seq_scheme.pdb_mon_id 
_pdbx_poly_seq_scheme.auth_mon_id 
_pdbx_poly_seq_scheme.pdb_strand_id 
_pdbx_poly_seq_scheme.pdb_ins_code 
_pdbx_poly_seq_scheme.hetero 
A 1 1   MET 1   158 ?   ?   ?   A . n 
A 1 2   HIS 2   159 ?   ?   ?   A . n 
A 1 3   HIS 3   160 ?   ?   ?   A . n 
A 1 4   HIS 4   161 ?   ?   ?   A . n 
A 1 5   HIS 5   162 ?   ?   ?   A . n 
A 1 6   HIS 6   163 ?   ?   ?   A . n 
A 1 7   HIS 7   164 ?   ?   ?   A . n 
A 1 8   LEU 8   165 ?   ?   ?   A . n 
A 1 9   VAL 9   166 ?   ?   ?   A . n 
A 1 10  PRO 10  167 ?   ?   ?   A . n 
A 1 11  ARG 11  168 ?   ?   ?   A . n 
A 1 12  GLY 12  169 ?   ?   ?   A . n 
A 1 13  SER 13  170 170 SER SER A . n 
A 1 14  GLU 14  171 171 GLU GLU A . n 
A 1 15  ASP 15  172 172 ASP ASP A . n 
A 1 16  GLU 16  173 173 GLU GLU A . n 
A 1 17  LEU 17  174 174 LEU LEU A . n 
A 1 18  TYR 18  175 175 TYR TYR A . n 
A 1 19  ARG 19  176 176 ARG ARG A . n 
A 1 20  GLN 20  177 177 GLN GLN A . n 
A 1 21  SER 21  178 178 SER SER A . n 
A 1 22  LEU 22  179 179 LEU LEU A . n 
A 1 23  GLU 23  180 180 GLU GLU A . n 
A 1 24  ILE 24  181 181 ILE ILE A . n 
A 1 25  ILE 25  182 182 ILE ILE A . n 
A 1 26  SER 26  183 183 SER SER A . n 
A 1 27  ARG 27  184 184 ARG ARG A . n 
A 1 28  TYR 28  185 185 TYR TYR A . n 
A 1 29  LEU 29  186 186 LEU LEU A . n 
A 1 30  ARG 30  187 187 ARG ARG A . n 
A 1 31  GLU 31  188 188 GLU GLU A . n 
A 1 32  GLN 32  189 189 GLN GLN A . n 
A 1 33  ALA 33  190 190 ALA ALA A . n 
A 1 34  THR 34  191 191 THR THR A . n 
A 1 35  GLY 35  192 192 GLY GLY A . n 
A 1 36  ALA 36  193 193 ALA ALA A . n 
A 1 37  LYS 37  194 194 LYS LYS A . n 
A 1 38  ASP 38  195 195 ASP ASP A . n 
A 1 39  THR 39  196 196 THR THR A . n 
A 1 40  LYS 40  197 197 LYS LYS A . n 
A 1 41  PRO 41  198 198 PRO PRO A . n 
A 1 42  MET 42  199 199 MET MET A . n 
A 1 43  GLY 43  200 200 GLY GLY A . n 
A 1 44  ARG 44  201 201 ARG ARG A . n 
A 1 45  SER 45  202 202 SER SER A . n 
A 1 46  GLY 46  203 203 GLY GLY A . n 
A 1 47  ALA 47  204 204 ALA ALA A . n 
A 1 48  THR 48  205 205 THR THR A . n 
A 1 49  SER 49  206 206 SER SER A . n 
A 1 50  ARG 50  207 207 ARG ARG A . n 
A 1 51  LYS 51  208 208 LYS LYS A . n 
A 1 52  ALA 52  209 209 ALA ALA A . n 
A 1 53  LEU 53  210 210 LEU LEU A . n 
A 1 54  GLU 54  211 211 GLU GLU A . n 
A 1 55  THR 55  212 212 THR THR A . n 
A 1 56  LEU 56  213 213 LEU LEU A . n 
A 1 57  ARG 57  214 214 ARG ARG A . n 
A 1 58  ARG 58  215 215 ARG ARG A . n 
A 1 59  VAL 59  216 216 VAL VAL A . n 
A 1 60  GLY 60  217 217 GLY GLY A . n 
A 1 61  ASP 61  218 218 ASP ASP A . n 
A 1 62  GLY 62  219 219 GLY GLY A . n 
A 1 63  VAL 63  220 220 VAL VAL A . n 
A 1 64  GLN 64  221 221 GLN GLN A . n 
A 1 65  ARG 65  222 222 ARG ARG A . n 
A 1 66  ASN 66  223 223 ASN ASN A . n 
A 1 67  HIS 67  224 224 HIS HIS A . n 
A 1 68  GLU 68  225 225 GLU GLU A . n 
A 1 69  THR 69  226 226 THR THR A . n 
A 1 70  ALA 70  227 227 ALA ALA A . n 
A 1 71  PHE 71  228 228 PHE PHE A . n 
A 1 72  GLN 72  229 229 GLN GLN A . n 
A 1 73  GLY 73  230 230 GLY GLY A . n 
A 1 74  MET 74  231 231 MET MET A . n 
A 1 75  LEU 75  232 232 LEU LEU A . n 
A 1 76  ARG 76  233 233 ARG ARG A . n 
A 1 77  LYS 77  234 234 LYS LYS A . n 
A 1 78  LEU 78  235 235 LEU LEU A . n 
A 1 79  ASP 79  236 236 ASP ASP A . n 
A 1 80  ILE 80  237 237 ILE ILE A . n 
A 1 81  LYS 81  238 238 LYS LYS A . n 
A 1 82  ASN 82  239 239 ASN ASN A . n 
A 1 83  GLU 83  240 240 GLU GLU A . n 
A 1 84  ASP 84  241 241 ASP ASP A . n 
A 1 85  ASP 85  242 242 ASP ASP A . n 
A 1 86  VAL 86  243 243 VAL VAL A . n 
A 1 87  LYS 87  244 244 LYS LYS A . n 
A 1 88  SER 88  245 245 SER SER A . n 
A 1 89  LEU 89  246 246 LEU LEU A . n 
A 1 90  SER 90  247 247 SER SER A . n 
A 1 91  ARG 91  248 248 ARG ARG A . n 
A 1 92  VAL 92  249 249 VAL VAL A . n 
A 1 93  MET 93  250 250 MET MET A . n 
A 1 94  ILE 94  251 251 ILE ILE A . n 
A 1 95  HIS 95  252 252 HIS HIS A . n 
A 1 96  VAL 96  253 253 VAL VAL A . n 
A 1 97  PHE 97  254 254 PHE PHE A . n 
A 1 98  SER 98  255 255 SER SER A . n 
A 1 99  ASP 99  256 256 ASP ASP A . n 
A 1 100 GLY 100 257 257 GLY GLY A . n 
A 1 101 VAL 101 258 258 VAL VAL A . n 
A 1 102 THR 102 259 259 THR THR A . n 
A 1 103 ASN 103 260 260 ASN ASN A . n 
A 1 104 TRP 104 261 261 TRP TRP A . n 
A 1 105 GLY 105 262 262 GLY GLY A . n 
A 1 106 ARG 106 263 263 ARG ARG A . n 
A 1 107 ILE 107 264 264 ILE ILE A . n 
A 1 108 VAL 108 265 265 VAL VAL A . n 
A 1 109 THR 109 266 266 THR THR A . n 
A 1 110 LEU 110 267 267 LEU LEU A . n 
A 1 111 ILE 111 268 268 ILE ILE A . n 
A 1 112 SER 112 269 269 SER SER A . n 
A 1 113 PHE 113 270 270 PHE PHE A . n 
A 1 114 GLY 114 271 271 GLY GLY A . n 
A 1 115 ALA 115 272 272 ALA ALA A . n 
A 1 116 PHE 116 273 273 PHE PHE A . n 
A 1 117 VAL 117 274 274 VAL VAL A . n 
A 1 118 ALA 118 275 275 ALA ALA A . n 
A 1 119 LYS 119 276 276 LYS LYS A . n 
A 1 120 HIS 120 277 277 HIS HIS A . n 
A 1 121 LEU 121 278 278 LEU LEU A . n 
A 1 122 LYS 122 279 279 LYS LYS A . n 
A 1 123 THR 123 280 280 THR THR A . n 
A 1 124 ILE 124 281 281 ILE ILE A . n 
A 1 125 ASN 125 282 282 ASN ASN A . n 
A 1 126 GLN 126 283 283 GLN GLN A . n 
A 1 127 GLU 127 284 284 GLU GLU A . n 
A 1 128 SER 128 285 285 SER SER A . n 
A 1 129 CYS 129 286 286 CYS CYS A . n 
A 1 130 ILE 130 287 287 ILE ILE A . n 
A 1 131 GLU 131 288 288 GLU GLU A . n 
A 1 132 PRO 132 289 289 PRO PRO A . n 
A 1 133 LEU 133 290 290 LEU LEU A . n 
A 1 134 ALA 134 291 291 ALA ALA A . n 
A 1 135 GLU 135 292 292 GLU GLU A . n 
A 1 136 SER 136 293 293 SER SER A . n 
A 1 137 ILE 137 294 294 ILE ILE A . n 
A 1 138 THR 138 295 295 THR THR A . n 
A 1 139 ASP 139 296 296 ASP ASP A . n 
A 1 140 VAL 140 297 297 VAL VAL A . n 
A 1 141 LEU 141 298 298 LEU LEU A . n 
A 1 142 VAL 142 299 299 VAL VAL A . n 
A 1 143 ARG 143 300 300 ARG ARG A . n 
A 1 144 THR 144 301 301 THR THR A . n 
A 1 145 LYS 145 302 302 LYS LYS A . n 
A 1 146 ARG 146 303 303 ARG ARG A . n 
A 1 147 ASP 147 304 304 ASP ASP A . n 
A 1 148 TRP 148 305 305 TRP TRP A . n 
A 1 149 LEU 149 306 306 LEU LEU A . n 
A 1 150 VAL 150 307 307 VAL VAL A . n 
A 1 151 LYS 151 308 308 LYS LYS A . n 
A 1 152 GLN 152 309 309 GLN GLN A . n 
A 1 153 ARG 153 310 310 ARG ARG A . n 
A 1 154 GLY 154 311 311 GLY GLY A . n 
A 1 155 TRP 155 312 312 TRP TRP A . n 
A 1 156 ASP 156 313 313 ASP ASP A . n 
A 1 157 GLY 157 314 314 GLY GLY A . n 
A 1 158 PHE 158 315 315 PHE PHE A . n 
A 1 159 VAL 159 316 316 VAL VAL A . n 
A 1 160 GLU 160 317 317 GLU GLU A . n 
A 1 161 PHE 161 318 318 PHE PHE A . n 
A 1 162 PHE 162 319 319 PHE PHE A . n 
A 1 163 HIS 163 320 320 HIS HIS A . n 
A 1 164 VAL 164 321 ?   ?   ?   A . n 
A 1 165 GLU 165 322 ?   ?   ?   A . n 
A 1 166 ASP 166 323 ?   ?   ?   A . n 
A 1 167 LEU 167 324 ?   ?   ?   A . n 
A 1 168 GLU 168 325 ?   ?   ?   A . n 
A 1 169 GLY 169 326 ?   ?   ?   A . n 
A 1 170 GLY 170 327 ?   ?   ?   A . n 
# 
loop_
_pdbx_nonpoly_scheme.asym_id 
_pdbx_nonpoly_scheme.entity_id 
_pdbx_nonpoly_scheme.mon_id 
_pdbx_nonpoly_scheme.ndb_seq_num 
_pdbx_nonpoly_scheme.pdb_seq_num 
_pdbx_nonpoly_scheme.auth_seq_num 
_pdbx_nonpoly_scheme.pdb_mon_id 
_pdbx_nonpoly_scheme.auth_mon_id 
_pdbx_nonpoly_scheme.pdb_strand_id 
_pdbx_nonpoly_scheme.pdb_ins_code 
B 2 JLE 1  401 401 JLE 8C8 A . 
C 3 HOH 1  501 67  HOH HOH A . 
C 3 HOH 2  502 94  HOH HOH A . 
C 3 HOH 3  503 95  HOH HOH A . 
C 3 HOH 4  504 23  HOH HOH A . 
C 3 HOH 5  505 66  HOH HOH A . 
C 3 HOH 6  506 38  HOH HOH A . 
C 3 HOH 7  507 70  HOH HOH A . 
C 3 HOH 8  508 77  HOH HOH A . 
C 3 HOH 9  509 54  HOH HOH A . 
C 3 HOH 10 510 32  HOH HOH A . 
C 3 HOH 11 511 96  HOH HOH A . 
C 3 HOH 12 512 19  HOH HOH A . 
C 3 HOH 13 513 65  HOH HOH A . 
C 3 HOH 14 514 69  HOH HOH A . 
C 3 HOH 15 515 1   HOH HOH A . 
C 3 HOH 16 516 64  HOH HOH A . 
C 3 HOH 17 517 84  HOH HOH A . 
C 3 HOH 18 518 26  HOH HOH A . 
C 3 HOH 19 519 7   HOH HOH A . 
C 3 HOH 20 520 6   HOH HOH A . 
C 3 HOH 21 521 81  HOH HOH A . 
C 3 HOH 22 522 8   HOH HOH A . 
C 3 HOH 23 523 42  HOH HOH A . 
C 3 HOH 24 524 5   HOH HOH A . 
C 3 HOH 25 525 17  HOH HOH A . 
C 3 HOH 26 526 39  HOH HOH A . 
C 3 HOH 27 527 4   HOH HOH A . 
C 3 HOH 28 528 29  HOH HOH A . 
C 3 HOH 29 529 62  HOH HOH A . 
C 3 HOH 30 530 13  HOH HOH A . 
C 3 HOH 31 531 82  HOH HOH A . 
C 3 HOH 32 532 11  HOH HOH A . 
C 3 HOH 33 533 86  HOH HOH A . 
C 3 HOH 34 534 18  HOH HOH A . 
C 3 HOH 35 535 3   HOH HOH A . 
C 3 HOH 36 536 44  HOH HOH A . 
C 3 HOH 37 537 20  HOH HOH A . 
C 3 HOH 38 538 73  HOH HOH A . 
C 3 HOH 39 539 9   HOH HOH A . 
C 3 HOH 40 540 2   HOH HOH A . 
C 3 HOH 41 541 33  HOH HOH A . 
C 3 HOH 42 542 79  HOH HOH A . 
C 3 HOH 43 543 88  HOH HOH A . 
C 3 HOH 44 544 25  HOH HOH A . 
C 3 HOH 45 545 14  HOH HOH A . 
C 3 HOH 46 546 91  HOH HOH A . 
C 3 HOH 47 547 80  HOH HOH A . 
C 3 HOH 48 548 76  HOH HOH A . 
C 3 HOH 49 549 28  HOH HOH A . 
C 3 HOH 50 550 16  HOH HOH A . 
C 3 HOH 51 551 22  HOH HOH A . 
C 3 HOH 52 552 46  HOH HOH A . 
C 3 HOH 53 553 24  HOH HOH A . 
C 3 HOH 54 554 35  HOH HOH A . 
C 3 HOH 55 555 41  HOH HOH A . 
C 3 HOH 56 556 21  HOH HOH A . 
C 3 HOH 57 557 89  HOH HOH A . 
C 3 HOH 58 558 59  HOH HOH A . 
C 3 HOH 59 559 49  HOH HOH A . 
C 3 HOH 60 560 12  HOH HOH A . 
C 3 HOH 61 561 60  HOH HOH A . 
C 3 HOH 62 562 34  HOH HOH A . 
C 3 HOH 63 563 31  HOH HOH A . 
C 3 HOH 64 564 71  HOH HOH A . 
C 3 HOH 65 565 53  HOH HOH A . 
C 3 HOH 66 566 15  HOH HOH A . 
C 3 HOH 67 567 63  HOH HOH A . 
C 3 HOH 68 568 51  HOH HOH A . 
C 3 HOH 69 569 74  HOH HOH A . 
C 3 HOH 70 570 92  HOH HOH A . 
C 3 HOH 71 571 52  HOH HOH A . 
C 3 HOH 72 572 37  HOH HOH A . 
C 3 HOH 73 573 43  HOH HOH A . 
C 3 HOH 74 574 36  HOH HOH A . 
C 3 HOH 75 575 61  HOH HOH A . 
C 3 HOH 76 576 10  HOH HOH A . 
C 3 HOH 77 577 55  HOH HOH A . 
C 3 HOH 78 578 56  HOH HOH A . 
C 3 HOH 79 579 40  HOH HOH A . 
C 3 HOH 80 580 48  HOH HOH A . 
C 3 HOH 81 581 93  HOH HOH A . 
C 3 HOH 82 582 58  HOH HOH A . 
C 3 HOH 83 583 72  HOH HOH A . 
C 3 HOH 84 584 30  HOH HOH A . 
C 3 HOH 85 585 47  HOH HOH A . 
C 3 HOH 86 586 50  HOH HOH A . 
C 3 HOH 87 587 75  HOH HOH A . 
C 3 HOH 88 588 90  HOH HOH A . 
C 3 HOH 89 589 27  HOH HOH A . 
C 3 HOH 90 590 98  HOH HOH A . 
C 3 HOH 91 591 97  HOH HOH A . 
# 
loop_
_pdbx_unobs_or_zero_occ_atoms.id 
_pdbx_unobs_or_zero_occ_atoms.PDB_model_num 
_pdbx_unobs_or_zero_occ_atoms.polymer_flag 
_pdbx_unobs_or_zero_occ_atoms.occupancy_flag 
_pdbx_unobs_or_zero_occ_atoms.auth_asym_id 
_pdbx_unobs_or_zero_occ_atoms.auth_comp_id 
_pdbx_unobs_or_zero_occ_atoms.auth_seq_id 
_pdbx_unobs_or_zero_occ_atoms.PDB_ins_code 
_pdbx_unobs_or_zero_occ_atoms.auth_atom_id 
_pdbx_unobs_or_zero_occ_atoms.label_alt_id 
_pdbx_unobs_or_zero_occ_atoms.label_asym_id 
_pdbx_unobs_or_zero_occ_atoms.label_comp_id 
_pdbx_unobs_or_zero_occ_atoms.label_seq_id 
_pdbx_unobs_or_zero_occ_atoms.label_atom_id 
1  1 Y 1 A ARG 201 ? CG  ? A ARG 44 CG  
2  1 Y 1 A ARG 201 ? CD  ? A ARG 44 CD  
3  1 Y 1 A ARG 201 ? NE  ? A ARG 44 NE  
4  1 Y 1 A ARG 201 ? CZ  ? A ARG 44 CZ  
5  1 Y 1 A ARG 201 ? NH1 ? A ARG 44 NH1 
6  1 Y 1 A ARG 201 ? NH2 ? A ARG 44 NH2 
7  1 Y 1 A GLU 240 ? CG  ? A GLU 83 CG  
8  1 Y 1 A GLU 240 ? CD  ? A GLU 83 CD  
9  1 Y 1 A GLU 240 ? OE1 ? A GLU 83 OE1 
10 1 Y 1 A GLU 240 ? OE2 ? A GLU 83 OE2 
11 1 Y 1 A LYS 244 ? CG  ? A LYS 87 CG  
12 1 Y 1 A LYS 244 ? CD  ? A LYS 87 CD  
13 1 Y 1 A LYS 244 ? CE  ? A LYS 87 CE  
14 1 Y 1 A LYS 244 ? NZ  ? A LYS 87 NZ  
15 1 Y 1 A ARG 248 ? CG  ? A ARG 91 CG  
16 1 Y 1 A ARG 248 ? CD  ? A ARG 91 CD  
17 1 Y 1 A ARG 248 ? NE  ? A ARG 91 NE  
18 1 Y 1 A ARG 248 ? CZ  ? A ARG 91 CZ  
19 1 Y 1 A ARG 248 ? NH1 ? A ARG 91 NH1 
20 1 Y 1 A ARG 248 ? NH2 ? A ARG 91 NH2 
# 
loop_
_software.citation_id 
_software.classification 
_software.compiler_name 
_software.compiler_version 
_software.contact_author 
_software.contact_author_email 
_software.date 
_software.description 
_software.dependencies 
_software.hardware 
_software.language 
_software.location 
_software.mods 
_software.name 
_software.os 
_software.os_version 
_software.type 
_software.version 
_software.pdbx_ordinal 
? 'data reduction'  ? ? ? ? ? ? ? ? ? ? ? DENZO       ? ? ? .        1 
? refinement        ? ? ? ? ? ? ? ? ? ? ? REFMAC      ? ? ? 5.8.0238 2 
? 'data extraction' ? ? ? ? ? ? ? ? ? ? ? PDB_EXTRACT ? ? ? 3.24     3 
? 'data scaling'    ? ? ? ? ? ? ? ? ? ? ? SCALEPACK   ? ? ? .        4 
? phasing           ? ? ? ? ? ? ? ? ? ? ? MOLREP      ? ? ? .        5 
# 
_cell.angle_alpha                  90.000 
_cell.angle_alpha_esd              ? 
_cell.angle_beta                   90.000 
_cell.angle_beta_esd               ? 
_cell.angle_gamma                  120.000 
_cell.angle_gamma_esd              ? 
_cell.entry_id                     6QZ6 
_cell.details                      ? 
_cell.formula_units_Z              ? 
_cell.length_a                     40.567 
_cell.length_a_esd                 ? 
_cell.length_b                     40.567 
_cell.length_b_esd                 ? 
_cell.length_c                     331.776 
_cell.length_c_esd                 ? 
_cell.volume                       ? 
_cell.volume_esd                   ? 
_cell.Z_PDB                        12 
_cell.reciprocal_angle_alpha       ? 
_cell.reciprocal_angle_beta        ? 
_cell.reciprocal_angle_gamma       ? 
_cell.reciprocal_angle_alpha_esd   ? 
_cell.reciprocal_angle_beta_esd    ? 
_cell.reciprocal_angle_gamma_esd   ? 
_cell.reciprocal_length_a          ? 
_cell.reciprocal_length_b          ? 
_cell.reciprocal_length_c          ? 
_cell.reciprocal_length_a_esd      ? 
_cell.reciprocal_length_b_esd      ? 
_cell.reciprocal_length_c_esd      ? 
_cell.pdbx_unique_axis             ? 
# 
_symmetry.entry_id                         6QZ6 
_symmetry.cell_setting                     ? 
_symmetry.Int_Tables_number                179 
_symmetry.space_group_name_Hall            ? 
_symmetry.space_group_name_H-M             'P 65 2 2' 
_symmetry.pdbx_full_space_group_name_H-M   ? 
# 
_exptl.absorpt_coefficient_mu     ? 
_exptl.absorpt_correction_T_max   ? 
_exptl.absorpt_correction_T_min   ? 
_exptl.absorpt_correction_type    ? 
_exptl.absorpt_process_details    ? 
_exptl.entry_id                   6QZ6 
_exptl.crystals_number            1 
_exptl.details                    ? 
_exptl.method                     'X-RAY DIFFRACTION' 
_exptl.method_details             ? 
# 
_exptl_crystal.colour                      ? 
_exptl_crystal.density_diffrn              ? 
_exptl_crystal.density_Matthews            2.02 
_exptl_crystal.density_method              ? 
_exptl_crystal.density_percent_sol         39.15 
_exptl_crystal.description                 ? 
_exptl_crystal.F_000                       ? 
_exptl_crystal.id                          1 
_exptl_crystal.preparation                 ? 
_exptl_crystal.size_max                    ? 
_exptl_crystal.size_mid                    ? 
_exptl_crystal.size_min                    ? 
_exptl_crystal.size_rad                    ? 
_exptl_crystal.colour_lustre               ? 
_exptl_crystal.colour_modifier             ? 
_exptl_crystal.colour_primary              ? 
_exptl_crystal.density_meas                ? 
_exptl_crystal.density_meas_esd            ? 
_exptl_crystal.density_meas_gt             ? 
_exptl_crystal.density_meas_lt             ? 
_exptl_crystal.density_meas_temp           ? 
_exptl_crystal.density_meas_temp_esd       ? 
_exptl_crystal.density_meas_temp_gt        ? 
_exptl_crystal.density_meas_temp_lt        ? 
_exptl_crystal.pdbx_crystal_image_url      ? 
_exptl_crystal.pdbx_crystal_image_format   ? 
_exptl_crystal.pdbx_mosaicity              ? 
_exptl_crystal.pdbx_mosaicity_esd          ? 
# 
_exptl_crystal_grow.apparatus       ? 
_exptl_crystal_grow.atmosphere      ? 
_exptl_crystal_grow.crystal_id      1 
_exptl_crystal_grow.details         ? 
_exptl_crystal_grow.method          'VAPOR DIFFUSION, SITTING DROP' 
_exptl_crystal_grow.method_ref      ? 
_exptl_crystal_grow.pH              6.5 
_exptl_crystal_grow.pressure        ? 
_exptl_crystal_grow.pressure_esd    ? 
_exptl_crystal_grow.seeding         ? 
_exptl_crystal_grow.seeding_ref     ? 
_exptl_crystal_grow.temp            293 
_exptl_crystal_grow.temp_details    ? 
_exptl_crystal_grow.temp_esd        ? 
_exptl_crystal_grow.time            ? 
_exptl_crystal_grow.pdbx_details    
'0.05M BIS-TRIS pH 6.5, 30% v/v Pentaerythritol ethoxylate (15/4 EO/OH), 0.05M Ammonium Sulphate' 
_exptl_crystal_grow.pdbx_pH_range   ? 
# 
_diffrn.ambient_environment              ? 
_diffrn.ambient_temp                     100 
_diffrn.ambient_temp_details             ? 
_diffrn.ambient_temp_esd                 ? 
_diffrn.crystal_id                       1 
_diffrn.crystal_support                  ? 
_diffrn.crystal_treatment                ? 
_diffrn.details                          ? 
_diffrn.id                               1 
_diffrn.ambient_pressure                 ? 
_diffrn.ambient_pressure_esd             ? 
_diffrn.ambient_pressure_gt              ? 
_diffrn.ambient_pressure_lt              ? 
_diffrn.ambient_temp_gt                  ? 
_diffrn.ambient_temp_lt                  ? 
_diffrn.pdbx_serial_crystal_experiment   N 
# 
_diffrn_detector.details                      ? 
_diffrn_detector.detector                     CCD 
_diffrn_detector.diffrn_id                    1 
_diffrn_detector.type                         'ADSC QUANTUM 315r' 
_diffrn_detector.area_resol_mean              ? 
_diffrn_detector.dtime                        ? 
_diffrn_detector.pdbx_frames_total            ? 
_diffrn_detector.pdbx_collection_time_total   ? 
_diffrn_detector.pdbx_collection_date         2009-11-10 
_diffrn_detector.pdbx_frequency               ? 
# 
_diffrn_radiation.collimation                      ? 
_diffrn_radiation.diffrn_id                        1 
_diffrn_radiation.filter_edge                      ? 
_diffrn_radiation.inhomogeneity                    ? 
_diffrn_radiation.monochromator                    Mirrors 
_diffrn_radiation.polarisn_norm                    ? 
_diffrn_radiation.polarisn_ratio                   ? 
_diffrn_radiation.probe                            ? 
_diffrn_radiation.type                             ? 
_diffrn_radiation.xray_symbol                      ? 
_diffrn_radiation.wavelength_id                    1 
_diffrn_radiation.pdbx_monochromatic_or_laue_m_l   M 
_diffrn_radiation.pdbx_wavelength_list             ? 
_diffrn_radiation.pdbx_wavelength                  ? 
_diffrn_radiation.pdbx_diffrn_protocol             'SINGLE WAVELENGTH' 
_diffrn_radiation.pdbx_analyzer                    ? 
_diffrn_radiation.pdbx_scattering_type             x-ray 
# 
_diffrn_radiation_wavelength.id           1 
_diffrn_radiation_wavelength.wavelength   0.9762 
_diffrn_radiation_wavelength.wt           1.0 
# 
_diffrn_source.current                     ? 
_diffrn_source.details                     ? 
_diffrn_source.diffrn_id                   1 
_diffrn_source.power                       ? 
_diffrn_source.size                        ? 
_diffrn_source.source                      SYNCHROTRON 
_diffrn_source.target                      ? 
_diffrn_source.type                        'ESRF BEAMLINE ID23-1' 
_diffrn_source.voltage                     ? 
_diffrn_source.take-off_angle              ? 
_diffrn_source.pdbx_wavelength_list        0.9762 
_diffrn_source.pdbx_wavelength             ? 
_diffrn_source.pdbx_synchrotron_beamline   ID23-1 
_diffrn_source.pdbx_synchrotron_site       ESRF 
# 
_reflns.B_iso_Wilson_estimate            ? 
_reflns.entry_id                         6QZ6 
_reflns.data_reduction_details           ? 
_reflns.data_reduction_method            ? 
_reflns.d_resolution_high                1.80 
_reflns.d_resolution_low                 25.0 
_reflns.details                          ? 
_reflns.limit_h_max                      ? 
_reflns.limit_h_min                      ? 
_reflns.limit_k_max                      ? 
_reflns.limit_k_min                      ? 
_reflns.limit_l_max                      ? 
_reflns.limit_l_min                      ? 
_reflns.number_all                       ? 
_reflns.number_obs                       15065 
_reflns.observed_criterion               ? 
_reflns.observed_criterion_F_max         ? 
_reflns.observed_criterion_F_min         ? 
_reflns.observed_criterion_I_max         ? 
_reflns.observed_criterion_I_min         ? 
_reflns.observed_criterion_sigma_F       ? 
_reflns.observed_criterion_sigma_I       ? 
_reflns.percent_possible_obs             91.2 
_reflns.R_free_details                   ? 
_reflns.Rmerge_F_all                     ? 
_reflns.Rmerge_F_obs                     ? 
_reflns.Friedel_coverage                 ? 
_reflns.number_gt                        ? 
_reflns.threshold_expression             ? 
_reflns.pdbx_redundancy                  6.2 
_reflns.pdbx_Rmerge_I_obs                0.096 
_reflns.pdbx_Rmerge_I_all                ? 
_reflns.pdbx_Rsym_value                  ? 
_reflns.pdbx_netI_over_av_sigmaI         ? 
_reflns.pdbx_netI_over_sigmaI            16.3 
_reflns.pdbx_res_netI_over_av_sigmaI_2   ? 
_reflns.pdbx_res_netI_over_sigmaI_2      ? 
_reflns.pdbx_chi_squared                 ? 
_reflns.pdbx_scaling_rejects             ? 
_reflns.pdbx_d_res_high_opt              ? 
_reflns.pdbx_d_res_low_opt               ? 
_reflns.pdbx_d_res_opt_method            ? 
_reflns.phase_calculation_details        ? 
_reflns.pdbx_Rrim_I_all                  ? 
_reflns.pdbx_Rpim_I_all                  ? 
_reflns.pdbx_d_opt                       ? 
_reflns.pdbx_number_measured_all         ? 
_reflns.pdbx_diffrn_id                   1 
_reflns.pdbx_ordinal                     1 
_reflns.pdbx_CC_half                     ? 
_reflns.pdbx_R_split                     ? 
# 
_reflns_shell.d_res_high                  1.80 
_reflns_shell.d_res_low                   1.86 
_reflns_shell.meanI_over_sigI_all         ? 
_reflns_shell.meanI_over_sigI_obs         1.1 
_reflns_shell.number_measured_all         ? 
_reflns_shell.number_measured_obs         ? 
_reflns_shell.number_possible             ? 
_reflns_shell.number_unique_all           ? 
_reflns_shell.number_unique_obs           ? 
_reflns_shell.percent_possible_all        61.9 
_reflns_shell.percent_possible_obs        ? 
_reflns_shell.Rmerge_F_all                ? 
_reflns_shell.Rmerge_F_obs                ? 
_reflns_shell.Rmerge_I_all                ? 
_reflns_shell.Rmerge_I_obs                0.767 
_reflns_shell.meanI_over_sigI_gt          ? 
_reflns_shell.meanI_over_uI_all           ? 
_reflns_shell.meanI_over_uI_gt            ? 
_reflns_shell.number_measured_gt          ? 
_reflns_shell.number_unique_gt            ? 
_reflns_shell.percent_possible_gt         ? 
_reflns_shell.Rmerge_F_gt                 ? 
_reflns_shell.Rmerge_I_gt                 ? 
_reflns_shell.pdbx_redundancy             2.2 
_reflns_shell.pdbx_Rsym_value             ? 
_reflns_shell.pdbx_chi_squared            ? 
_reflns_shell.pdbx_netI_over_sigmaI_all   ? 
_reflns_shell.pdbx_netI_over_sigmaI_obs   ? 
_reflns_shell.pdbx_Rrim_I_all             ? 
_reflns_shell.pdbx_Rpim_I_all             ? 
_reflns_shell.pdbx_rejects                ? 
_reflns_shell.pdbx_ordinal                1 
_reflns_shell.pdbx_diffrn_id              1 
_reflns_shell.pdbx_CC_half                ? 
_reflns_shell.pdbx_R_split                ? 
# 
_refine.aniso_B[1][1]                            0.4300 
_refine.aniso_B[1][2]                            0.2100 
_refine.aniso_B[1][3]                            0.0000 
_refine.aniso_B[2][2]                            0.4300 
_refine.aniso_B[2][3]                            -0.0000 
_refine.aniso_B[3][3]                            -1.3900 
_refine.B_iso_max                                109.180 
_refine.B_iso_mean                               38.0960 
_refine.B_iso_min                                20.650 
_refine.correlation_coeff_Fo_to_Fc               0.9420 
_refine.correlation_coeff_Fo_to_Fc_free          0.9240 
_refine.details                                  
'HYDROGENS HAVE BEEN ADDED IN THE RIDING POSITIONS U VALUES      : REFINED INDIVIDUALLY' 
_refine.diff_density_max                         ? 
_refine.diff_density_max_esd                     ? 
_refine.diff_density_min                         ? 
_refine.diff_density_min_esd                     ? 
_refine.diff_density_rms                         ? 
_refine.diff_density_rms_esd                     ? 
_refine.entry_id                                 6QZ6 
_refine.pdbx_refine_id                           'X-RAY DIFFRACTION' 
_refine.ls_abs_structure_details                 ? 
_refine.ls_abs_structure_Flack                   ? 
_refine.ls_abs_structure_Flack_esd               ? 
_refine.ls_abs_structure_Rogers                  ? 
_refine.ls_abs_structure_Rogers_esd              ? 
_refine.ls_d_res_high                            1.9000 
_refine.ls_d_res_low                             20.0000 
_refine.ls_extinction_coef                       ? 
_refine.ls_extinction_coef_esd                   ? 
_refine.ls_extinction_expression                 ? 
_refine.ls_extinction_method                     ? 
_refine.ls_goodness_of_fit_all                   ? 
_refine.ls_goodness_of_fit_all_esd               ? 
_refine.ls_goodness_of_fit_obs                   ? 
_refine.ls_goodness_of_fit_obs_esd               ? 
_refine.ls_hydrogen_treatment                    ? 
_refine.ls_matrix_type                           ? 
_refine.ls_number_constraints                    ? 
_refine.ls_number_parameters                     ? 
_refine.ls_number_reflns_all                     ? 
_refine.ls_number_reflns_obs                     12647 
_refine.ls_number_reflns_R_free                  681 
_refine.ls_number_reflns_R_work                  ? 
_refine.ls_number_restraints                     ? 
_refine.ls_percent_reflns_obs                    95.0200 
_refine.ls_percent_reflns_R_free                 5.1000 
_refine.ls_R_factor_all                          ? 
_refine.ls_R_factor_obs                          0.2212 
_refine.ls_R_factor_R_free                       0.2540 
_refine.ls_R_factor_R_free_error                 ? 
_refine.ls_R_factor_R_free_error_details         ? 
_refine.ls_R_factor_R_work                       0.2195 
_refine.ls_R_Fsqd_factor_obs                     ? 
_refine.ls_R_I_factor_obs                        ? 
_refine.ls_redundancy_reflns_all                 ? 
_refine.ls_redundancy_reflns_obs                 ? 
_refine.ls_restrained_S_all                      ? 
_refine.ls_restrained_S_obs                      ? 
_refine.ls_shift_over_esd_max                    ? 
_refine.ls_shift_over_esd_mean                   ? 
_refine.ls_structure_factor_coef                 ? 
_refine.ls_weighting_details                     ? 
_refine.ls_weighting_scheme                      ? 
_refine.ls_wR_factor_all                         ? 
_refine.ls_wR_factor_obs                         ? 
_refine.ls_wR_factor_R_free                      ? 
_refine.ls_wR_factor_R_work                      ? 
_refine.occupancy_max                            ? 
_refine.occupancy_min                            ? 
_refine.solvent_model_details                    ? 
_refine.solvent_model_param_bsol                 ? 
_refine.solvent_model_param_ksol                 ? 
_refine.ls_R_factor_gt                           ? 
_refine.ls_goodness_of_fit_gt                    ? 
_refine.ls_goodness_of_fit_ref                   ? 
_refine.ls_shift_over_su_max                     ? 
_refine.ls_shift_over_su_max_lt                  ? 
_refine.ls_shift_over_su_mean                    ? 
_refine.ls_shift_over_su_mean_lt                 ? 
_refine.pdbx_ls_sigma_I                          ? 
_refine.pdbx_ls_sigma_F                          0.000 
_refine.pdbx_ls_sigma_Fsqd                       ? 
_refine.pdbx_data_cutoff_high_absF               ? 
_refine.pdbx_data_cutoff_high_rms_absF           ? 
_refine.pdbx_data_cutoff_low_absF                ? 
_refine.pdbx_isotropic_thermal_model             ? 
_refine.pdbx_ls_cross_valid_method               THROUGHOUT 
_refine.pdbx_method_to_determine_struct          'MOLECULAR REPLACEMENT' 
_refine.pdbx_starting_model                      6qfq 
_refine.pdbx_stereochemistry_target_values       ? 
_refine.pdbx_R_Free_selection_details            RANDOM 
_refine.pdbx_stereochem_target_val_spec_case     ? 
_refine.pdbx_overall_ESU_R                       0.1830 
_refine.pdbx_overall_ESU_R_Free                  0.1620 
_refine.pdbx_solvent_vdw_probe_radii             1.2000 
_refine.pdbx_solvent_ion_probe_radii             0.8000 
_refine.pdbx_solvent_shrinkage_radii             0.8000 
_refine.pdbx_real_space_R                        ? 
_refine.pdbx_density_correlation                 ? 
_refine.pdbx_pd_number_of_powder_patterns        ? 
_refine.pdbx_pd_number_of_points                 ? 
_refine.pdbx_pd_meas_number_of_points            ? 
_refine.pdbx_pd_proc_ls_prof_R_factor            ? 
_refine.pdbx_pd_proc_ls_prof_wR_factor           ? 
_refine.pdbx_pd_Marquardt_correlation_coeff      ? 
_refine.pdbx_pd_Fsqrd_R_factor                   ? 
_refine.pdbx_pd_ls_matrix_band_width             ? 
_refine.pdbx_overall_phase_error                 ? 
_refine.pdbx_overall_SU_R_free_Cruickshank_DPI   ? 
_refine.pdbx_overall_SU_R_free_Blow_DPI          ? 
_refine.pdbx_overall_SU_R_Blow_DPI               ? 
_refine.pdbx_TLS_residual_ADP_flag               ? 
_refine.pdbx_diffrn_id                           1 
_refine.overall_SU_B                             3.9420 
_refine.overall_SU_ML                            0.1120 
_refine.overall_SU_R_Cruickshank_DPI             0.1832 
_refine.overall_SU_R_free                        ? 
_refine.overall_FOM_free_R_set                   ? 
_refine.overall_FOM_work_R_set                   ? 
_refine.pdbx_average_fsc_overall                 ? 
_refine.pdbx_average_fsc_work                    ? 
_refine.pdbx_average_fsc_free                    ? 
# 
_refine_hist.pdbx_refine_id                   'X-RAY DIFFRACTION' 
_refine_hist.cycle_id                         final 
_refine_hist.details                          ? 
_refine_hist.d_res_high                       1.9000 
_refine_hist.d_res_low                        20.0000 
_refine_hist.number_atoms_solvent             91 
_refine_hist.number_atoms_total               1320 
_refine_hist.number_reflns_all                ? 
_refine_hist.number_reflns_obs                ? 
_refine_hist.number_reflns_R_free             ? 
_refine_hist.number_reflns_R_work             ? 
_refine_hist.R_factor_all                     ? 
_refine_hist.R_factor_obs                     ? 
_refine_hist.R_factor_R_free                  ? 
_refine_hist.R_factor_R_work                  ? 
_refine_hist.pdbx_number_residues_total       151 
_refine_hist.pdbx_B_iso_mean_ligand           29.31 
_refine_hist.pdbx_B_iso_mean_solvent          48.84 
_refine_hist.pdbx_number_atoms_protein        1197 
_refine_hist.pdbx_number_atoms_nucleic_acid   0 
_refine_hist.pdbx_number_atoms_ligand         32 
_refine_hist.pdbx_number_atoms_lipid          ? 
_refine_hist.pdbx_number_atoms_carb           ? 
_refine_hist.pdbx_pseudo_atom_details         ? 
# 
loop_
_refine_ls_restr.pdbx_refine_id 
_refine_ls_restr.criterion 
_refine_ls_restr.dev_ideal 
_refine_ls_restr.dev_ideal_target 
_refine_ls_restr.number 
_refine_ls_restr.rejects 
_refine_ls_restr.type 
_refine_ls_restr.weight 
_refine_ls_restr.pdbx_restraint_function 
'X-RAY DIFFRACTION' ? 0.012  0.013  1258 ? r_bond_refined_d       ? ? 
'X-RAY DIFFRACTION' ? 0.001  0.017  1173 ? r_bond_other_d         ? ? 
'X-RAY DIFFRACTION' ? 1.670  1.679  1700 ? r_angle_refined_deg    ? ? 
'X-RAY DIFFRACTION' ? 1.431  1.600  2677 ? r_angle_other_deg      ? ? 
'X-RAY DIFFRACTION' ? 4.710  5.000  152  ? r_dihedral_angle_1_deg ? ? 
'X-RAY DIFFRACTION' ? 31.949 20.857 70   ? r_dihedral_angle_2_deg ? ? 
'X-RAY DIFFRACTION' ? 14.995 15.000 222  ? r_dihedral_angle_3_deg ? ? 
'X-RAY DIFFRACTION' ? 24.549 15.000 12   ? r_dihedral_angle_4_deg ? ? 
'X-RAY DIFFRACTION' ? 0.087  0.200  160  ? r_chiral_restr         ? ? 
'X-RAY DIFFRACTION' ? 0.008  0.020  1414 ? r_gen_planes_refined   ? ? 
'X-RAY DIFFRACTION' ? 0.001  0.020  280  ? r_gen_planes_other     ? ? 
# 
_refine_ls_shell.pdbx_refine_id                   'X-RAY DIFFRACTION' 
_refine_ls_shell.d_res_high                       1.9000 
_refine_ls_shell.d_res_low                        2.0020 
_refine_ls_shell.number_reflns_all                1828 
_refine_ls_shell.number_reflns_obs                ? 
_refine_ls_shell.number_reflns_R_free             94 
_refine_ls_shell.number_reflns_R_work             1734 
_refine_ls_shell.percent_reflns_obs               94.3200 
_refine_ls_shell.percent_reflns_R_free            ? 
_refine_ls_shell.R_factor_all                     ? 
_refine_ls_shell.R_factor_obs                     ? 
_refine_ls_shell.R_factor_R_free                  0.2720 
_refine_ls_shell.R_factor_R_free_error            0.0000 
_refine_ls_shell.R_factor_R_work                  0.2740 
_refine_ls_shell.redundancy_reflns_all            ? 
_refine_ls_shell.redundancy_reflns_obs            ? 
_refine_ls_shell.wR_factor_all                    ? 
_refine_ls_shell.wR_factor_obs                    ? 
_refine_ls_shell.wR_factor_R_free                 ? 
_refine_ls_shell.wR_factor_R_work                 ? 
_refine_ls_shell.pdbx_total_number_of_bins_used   10 
_refine_ls_shell.pdbx_phase_error                 ? 
_refine_ls_shell.pdbx_fsc_work                    ? 
_refine_ls_shell.pdbx_fsc_free                    ? 
# 
_struct.entry_id                     6QZ6 
_struct.title                        'Structure of Mcl-1 in complex with compound 8b' 
_struct.pdbx_model_details           ? 
_struct.pdbx_formula_weight          ? 
_struct.pdbx_formula_weight_method   ? 
_struct.pdbx_model_type_details      ? 
_struct.pdbx_CASP_flag               N 
# 
_struct_keywords.entry_id        6QZ6 
_struct_keywords.text            'Apoptosis-inhibitor complex, Mcl1, Small molecule inhibitor, APOPTOSIS' 
_struct_keywords.pdbx_keywords   APOPTOSIS 
# 
loop_
_struct_asym.id 
_struct_asym.pdbx_blank_PDB_chainid_flag 
_struct_asym.pdbx_modified 
_struct_asym.entity_id 
_struct_asym.details 
A N N 1 ? 
B N N 2 ? 
C N N 3 ? 
# 
_struct_ref.id                         1 
_struct_ref.db_name                    UNP 
_struct_ref.db_code                    MCL1_HUMAN 
_struct_ref.pdbx_db_accession          Q07820 
_struct_ref.pdbx_db_isoform            ? 
_struct_ref.entity_id                  1 
_struct_ref.pdbx_seq_one_letter_code   
;EDELYRQSLEIISRYLREQATGAKDTKPMGRSGATSRKALETLRRVGDGVQRNHETAFQGMLRKLDIKNEDDVKSLSRVM
IHVFSDGVTNWGRIVTLISFGAFVAKHLKTINQESCIEPLAESITDVLVRTKRDWLVKQRGWDGFVEFFHVEDLEGG
;
_struct_ref.pdbx_align_begin           171 
# 
_struct_ref_seq.align_id                      1 
_struct_ref_seq.ref_id                        1 
_struct_ref_seq.pdbx_PDB_id_code              6QZ6 
_struct_ref_seq.pdbx_strand_id                A 
_struct_ref_seq.seq_align_beg                 14 
_struct_ref_seq.pdbx_seq_align_beg_ins_code   ? 
_struct_ref_seq.seq_align_end                 170 
_struct_ref_seq.pdbx_seq_align_end_ins_code   ? 
_struct_ref_seq.pdbx_db_accession             Q07820 
_struct_ref_seq.db_align_beg                  171 
_struct_ref_seq.pdbx_db_align_beg_ins_code    ? 
_struct_ref_seq.db_align_end                  327 
_struct_ref_seq.pdbx_db_align_end_ins_code    ? 
_struct_ref_seq.pdbx_auth_seq_align_beg       171 
_struct_ref_seq.pdbx_auth_seq_align_end       327 
# 
loop_
_struct_ref_seq_dif.align_id 
_struct_ref_seq_dif.pdbx_pdb_id_code 
_struct_ref_seq_dif.mon_id 
_struct_ref_seq_dif.pdbx_pdb_strand_id 
_struct_ref_seq_dif.seq_num 
_struct_ref_seq_dif.pdbx_pdb_ins_code 
_struct_ref_seq_dif.pdbx_seq_db_name 
_struct_ref_seq_dif.pdbx_seq_db_accession_code 
_struct_ref_seq_dif.db_mon_id 
_struct_ref_seq_dif.pdbx_seq_db_seq_num 
_struct_ref_seq_dif.details 
_struct_ref_seq_dif.pdbx_auth_seq_num 
_struct_ref_seq_dif.pdbx_ordinal 
1 6QZ6 MET A 1  ? UNP Q07820 ? ? 'initiating methionine' 158 1  
1 6QZ6 HIS A 2  ? UNP Q07820 ? ? 'expression tag'        159 2  
1 6QZ6 HIS A 3  ? UNP Q07820 ? ? 'expression tag'        160 3  
1 6QZ6 HIS A 4  ? UNP Q07820 ? ? 'expression tag'        161 4  
1 6QZ6 HIS A 5  ? UNP Q07820 ? ? 'expression tag'        162 5  
1 6QZ6 HIS A 6  ? UNP Q07820 ? ? 'expression tag'        163 6  
1 6QZ6 HIS A 7  ? UNP Q07820 ? ? 'expression tag'        164 7  
1 6QZ6 LEU A 8  ? UNP Q07820 ? ? 'expression tag'        165 8  
1 6QZ6 VAL A 9  ? UNP Q07820 ? ? 'expression tag'        166 9  
1 6QZ6 PRO A 10 ? UNP Q07820 ? ? 'expression tag'        167 10 
1 6QZ6 ARG A 11 ? UNP Q07820 ? ? 'expression tag'        168 11 
1 6QZ6 GLY A 12 ? UNP Q07820 ? ? 'expression tag'        169 12 
1 6QZ6 SER A 13 ? UNP Q07820 ? ? 'expression tag'        170 13 
# 
_pdbx_struct_assembly.id                   1 
_pdbx_struct_assembly.details              author_defined_assembly 
_pdbx_struct_assembly.method_details       ? 
_pdbx_struct_assembly.oligomeric_details   monomeric 
_pdbx_struct_assembly.oligomeric_count     1 
# 
loop_
_pdbx_struct_assembly_prop.biol_id 
_pdbx_struct_assembly_prop.type 
_pdbx_struct_assembly_prop.value 
_pdbx_struct_assembly_prop.details 
1 'ABSA (A^2)' 0    ? 
1 MORE         0    ? 
1 'SSA (A^2)'  7900 ? 
# 
_pdbx_struct_assembly_gen.assembly_id       1 
_pdbx_struct_assembly_gen.oper_expression   1 
_pdbx_struct_assembly_gen.asym_id_list      A,B,C 
# 
_pdbx_struct_assembly_auth_evidence.id                     1 
_pdbx_struct_assembly_auth_evidence.assembly_id            1 
_pdbx_struct_assembly_auth_evidence.experimental_support   'gel filtration' 
_pdbx_struct_assembly_auth_evidence.details                ? 
# 
_pdbx_struct_oper_list.id                   1 
_pdbx_struct_oper_list.type                 'identity operation' 
_pdbx_struct_oper_list.name                 1_555 
_pdbx_struct_oper_list.symmetry_operation   x,y,z 
_pdbx_struct_oper_list.matrix[1][1]         1.0000000000 
_pdbx_struct_oper_list.matrix[1][2]         0.0000000000 
_pdbx_struct_oper_list.matrix[1][3]         0.0000000000 
_pdbx_struct_oper_list.vector[1]            0.0000000000 
_pdbx_struct_oper_list.matrix[2][1]         0.0000000000 
_pdbx_struct_oper_list.matrix[2][2]         1.0000000000 
_pdbx_struct_oper_list.matrix[2][3]         0.0000000000 
_pdbx_struct_oper_list.vector[2]            0.0000000000 
_pdbx_struct_oper_list.matrix[3][1]         0.0000000000 
_pdbx_struct_oper_list.matrix[3][2]         0.0000000000 
_pdbx_struct_oper_list.matrix[3][3]         1.0000000000 
_pdbx_struct_oper_list.vector[3]            0.0000000000 
# 
loop_
_struct_conf.conf_type_id 
_struct_conf.id 
_struct_conf.pdbx_PDB_helix_id 
_struct_conf.beg_label_comp_id 
_struct_conf.beg_label_asym_id 
_struct_conf.beg_label_seq_id 
_struct_conf.pdbx_beg_PDB_ins_code 
_struct_conf.end_label_comp_id 
_struct_conf.end_label_asym_id 
_struct_conf.end_label_seq_id 
_struct_conf.pdbx_end_PDB_ins_code 
_struct_conf.beg_auth_comp_id 
_struct_conf.beg_auth_asym_id 
_struct_conf.beg_auth_seq_id 
_struct_conf.end_auth_comp_id 
_struct_conf.end_auth_asym_id 
_struct_conf.end_auth_seq_id 
_struct_conf.pdbx_PDB_helix_class 
_struct_conf.details 
_struct_conf.pdbx_PDB_helix_length 
HELX_P HELX_P1 AA1 ASP A 15  ? GLY A 35  ? ASP A 172 GLY A 192 1 ? 21 
HELX_P HELX_P2 AA2 SER A 45  ? HIS A 67  ? SER A 202 HIS A 224 1 ? 23 
HELX_P HELX_P3 AA3 HIS A 67  ? ASP A 79  ? HIS A 224 ASP A 236 1 ? 13 
HELX_P HELX_P4 AA4 ASN A 82  ? SER A 88  ? ASN A 239 SER A 245 1 ? 7  
HELX_P HELX_P5 AA5 SER A 88  ? PHE A 97  ? SER A 245 PHE A 254 1 ? 10 
HELX_P HELX_P6 AA6 ASN A 103 ? ILE A 124 ? ASN A 260 ILE A 281 1 ? 22 
HELX_P HELX_P7 AA7 GLN A 126 ? SER A 128 ? GLN A 283 SER A 285 5 ? 3  
HELX_P HELX_P8 AA8 CYS A 129 ? GLN A 152 ? CYS A 286 GLN A 309 1 ? 24 
HELX_P HELX_P9 AA9 ARG A 153 ? HIS A 163 ? ARG A 310 HIS A 320 1 ? 11 
# 
_struct_conf_type.id          HELX_P 
_struct_conf_type.criteria    ? 
_struct_conf_type.reference   ? 
# 
_struct_site.id                   AC1 
_struct_site.pdbx_evidence_code   Software 
_struct_site.pdbx_auth_asym_id    A 
_struct_site.pdbx_auth_comp_id    JLE 
_struct_site.pdbx_auth_seq_id     401 
_struct_site.pdbx_auth_ins_code   ? 
_struct_site.pdbx_num_residues    12 
_struct_site.details              'binding site for residue JLE A 401' 
# 
loop_
_struct_site_gen.id 
_struct_site_gen.site_id 
_struct_site_gen.pdbx_num_res 
_struct_site_gen.label_comp_id 
_struct_site_gen.label_asym_id 
_struct_site_gen.label_seq_id 
_struct_site_gen.pdbx_auth_ins_code 
_struct_site_gen.auth_comp_id 
_struct_site_gen.auth_asym_id 
_struct_site_gen.auth_seq_id 
_struct_site_gen.label_atom_id 
_struct_site_gen.label_alt_id 
_struct_site_gen.symmetry 
_struct_site_gen.details 
1  AC1 12 HIS A 67  ? HIS A 224 . ? 1_555 ? 
2  AC1 12 HIS A 67  ? HIS A 224 . ? 8_555 ? 
3  AC1 12 PHE A 71  ? PHE A 228 . ? 1_555 ? 
4  AC1 12 MET A 74  ? MET A 231 . ? 1_555 ? 
5  AC1 12 VAL A 96  ? VAL A 253 . ? 1_555 ? 
6  AC1 12 ARG A 106 ? ARG A 263 . ? 1_555 ? 
7  AC1 12 THR A 109 ? THR A 266 . ? 1_555 ? 
8  AC1 12 LEU A 110 ? LEU A 267 . ? 1_555 ? 
9  AC1 12 PHE A 113 ? PHE A 270 . ? 1_555 ? 
10 AC1 12 HOH C .   ? HOH A 513 . ? 1_555 ? 
11 AC1 12 HOH C .   ? HOH A 515 . ? 1_555 ? 
12 AC1 12 HOH C .   ? HOH A 559 . ? 1_555 ? 
# 
loop_
_pdbx_validate_close_contact.id 
_pdbx_validate_close_contact.PDB_model_num 
_pdbx_validate_close_contact.auth_atom_id_1 
_pdbx_validate_close_contact.auth_asym_id_1 
_pdbx_validate_close_contact.auth_comp_id_1 
_pdbx_validate_close_contact.auth_seq_id_1 
_pdbx_validate_close_contact.PDB_ins_code_1 
_pdbx_validate_close_contact.label_alt_id_1 
_pdbx_validate_close_contact.auth_atom_id_2 
_pdbx_validate_close_contact.auth_asym_id_2 
_pdbx_validate_close_contact.auth_comp_id_2 
_pdbx_validate_close_contact.auth_seq_id_2 
_pdbx_validate_close_contact.PDB_ins_code_2 
_pdbx_validate_close_contact.label_alt_id_2 
_pdbx_validate_close_contact.dist 
1 1 O   A HOH 579 ? ? O A HOH 581 ? ? 1.91 
2 1 O   A THR 259 ? ? O A HOH 501 ? ? 2.11 
3 1 NH2 A ARG 187 ? ? O A HOH 502 ? ? 2.15 
# 
loop_
_pdbx_struct_special_symmetry.id 
_pdbx_struct_special_symmetry.PDB_model_num 
_pdbx_struct_special_symmetry.auth_asym_id 
_pdbx_struct_special_symmetry.auth_comp_id 
_pdbx_struct_special_symmetry.auth_seq_id 
_pdbx_struct_special_symmetry.PDB_ins_code 
_pdbx_struct_special_symmetry.label_asym_id 
_pdbx_struct_special_symmetry.label_comp_id 
_pdbx_struct_special_symmetry.label_seq_id 
1 1 A HOH 585 ? C HOH . 
2 1 A HOH 586 ? C HOH . 
# 
loop_
_pdbx_unobs_or_zero_occ_residues.id 
_pdbx_unobs_or_zero_occ_residues.PDB_model_num 
_pdbx_unobs_or_zero_occ_residues.polymer_flag 
_pdbx_unobs_or_zero_occ_residues.occupancy_flag 
_pdbx_unobs_or_zero_occ_residues.auth_asym_id 
_pdbx_unobs_or_zero_occ_residues.auth_comp_id 
_pdbx_unobs_or_zero_occ_residues.auth_seq_id 
_pdbx_unobs_or_zero_occ_residues.PDB_ins_code 
_pdbx_unobs_or_zero_occ_residues.label_asym_id 
_pdbx_unobs_or_zero_occ_residues.label_comp_id 
_pdbx_unobs_or_zero_occ_residues.label_seq_id 
1  1 Y 1 A MET 158 ? A MET 1   
2  1 Y 1 A HIS 159 ? A HIS 2   
3  1 Y 1 A HIS 160 ? A HIS 3   
4  1 Y 1 A HIS 161 ? A HIS 4   
5  1 Y 1 A HIS 162 ? A HIS 5   
6  1 Y 1 A HIS 163 ? A HIS 6   
7  1 Y 1 A HIS 164 ? A HIS 7   
8  1 Y 1 A LEU 165 ? A LEU 8   
9  1 Y 1 A VAL 166 ? A VAL 9   
10 1 Y 1 A PRO 167 ? A PRO 10  
11 1 Y 1 A ARG 168 ? A ARG 11  
12 1 Y 1 A GLY 169 ? A GLY 12  
13 1 Y 1 A VAL 321 ? A VAL 164 
14 1 Y 1 A GLU 322 ? A GLU 165 
15 1 Y 1 A ASP 323 ? A ASP 166 
16 1 Y 1 A LEU 324 ? A LEU 167 
17 1 Y 1 A GLU 325 ? A GLU 168 
18 1 Y 1 A GLY 326 ? A GLY 169 
19 1 Y 1 A GLY 327 ? A GLY 170 
# 
loop_
_chem_comp_atom.comp_id 
_chem_comp_atom.atom_id 
_chem_comp_atom.type_symbol 
_chem_comp_atom.pdbx_aromatic_flag 
_chem_comp_atom.pdbx_stereo_config 
_chem_comp_atom.pdbx_ordinal 
ALA N    N N N 1   
ALA CA   C N S 2   
ALA C    C N N 3   
ALA O    O N N 4   
ALA CB   C N N 5   
ALA OXT  O N N 6   
ALA H    H N N 7   
ALA H2   H N N 8   
ALA HA   H N N 9   
ALA HB1  H N N 10  
ALA HB2  H N N 11  
ALA HB3  H N N 12  
ALA HXT  H N N 13  
ARG N    N N N 14  
ARG CA   C N S 15  
ARG C    C N N 16  
ARG O    O N N 17  
ARG CB   C N N 18  
ARG CG   C N N 19  
ARG CD   C N N 20  
ARG NE   N N N 21  
ARG CZ   C N N 22  
ARG NH1  N N N 23  
ARG NH2  N N N 24  
ARG OXT  O N N 25  
ARG H    H N N 26  
ARG H2   H N N 27  
ARG HA   H N N 28  
ARG HB2  H N N 29  
ARG HB3  H N N 30  
ARG HG2  H N N 31  
ARG HG3  H N N 32  
ARG HD2  H N N 33  
ARG HD3  H N N 34  
ARG HE   H N N 35  
ARG HH11 H N N 36  
ARG HH12 H N N 37  
ARG HH21 H N N 38  
ARG HH22 H N N 39  
ARG HXT  H N N 40  
ASN N    N N N 41  
ASN CA   C N S 42  
ASN C    C N N 43  
ASN O    O N N 44  
ASN CB   C N N 45  
ASN CG   C N N 46  
ASN OD1  O N N 47  
ASN ND2  N N N 48  
ASN OXT  O N N 49  
ASN H    H N N 50  
ASN H2   H N N 51  
ASN HA   H N N 52  
ASN HB2  H N N 53  
ASN HB3  H N N 54  
ASN HD21 H N N 55  
ASN HD22 H N N 56  
ASN HXT  H N N 57  
ASP N    N N N 58  
ASP CA   C N S 59  
ASP C    C N N 60  
ASP O    O N N 61  
ASP CB   C N N 62  
ASP CG   C N N 63  
ASP OD1  O N N 64  
ASP OD2  O N N 65  
ASP OXT  O N N 66  
ASP H    H N N 67  
ASP H2   H N N 68  
ASP HA   H N N 69  
ASP HB2  H N N 70  
ASP HB3  H N N 71  
ASP HD2  H N N 72  
ASP HXT  H N N 73  
CYS N    N N N 74  
CYS CA   C N R 75  
CYS C    C N N 76  
CYS O    O N N 77  
CYS CB   C N N 78  
CYS SG   S N N 79  
CYS OXT  O N N 80  
CYS H    H N N 81  
CYS H2   H N N 82  
CYS HA   H N N 83  
CYS HB2  H N N 84  
CYS HB3  H N N 85  
CYS HG   H N N 86  
CYS HXT  H N N 87  
GLN N    N N N 88  
GLN CA   C N S 89  
GLN C    C N N 90  
GLN O    O N N 91  
GLN CB   C N N 92  
GLN CG   C N N 93  
GLN CD   C N N 94  
GLN OE1  O N N 95  
GLN NE2  N N N 96  
GLN OXT  O N N 97  
GLN H    H N N 98  
GLN H2   H N N 99  
GLN HA   H N N 100 
GLN HB2  H N N 101 
GLN HB3  H N N 102 
GLN HG2  H N N 103 
GLN HG3  H N N 104 
GLN HE21 H N N 105 
GLN HE22 H N N 106 
GLN HXT  H N N 107 
GLU N    N N N 108 
GLU CA   C N S 109 
GLU C    C N N 110 
GLU O    O N N 111 
GLU CB   C N N 112 
GLU CG   C N N 113 
GLU CD   C N N 114 
GLU OE1  O N N 115 
GLU OE2  O N N 116 
GLU OXT  O N N 117 
GLU H    H N N 118 
GLU H2   H N N 119 
GLU HA   H N N 120 
GLU HB2  H N N 121 
GLU HB3  H N N 122 
GLU HG2  H N N 123 
GLU HG3  H N N 124 
GLU HE2  H N N 125 
GLU HXT  H N N 126 
GLY N    N N N 127 
GLY CA   C N N 128 
GLY C    C N N 129 
GLY O    O N N 130 
GLY OXT  O N N 131 
GLY H    H N N 132 
GLY H2   H N N 133 
GLY HA2  H N N 134 
GLY HA3  H N N 135 
GLY HXT  H N N 136 
HIS N    N N N 137 
HIS CA   C N S 138 
HIS C    C N N 139 
HIS O    O N N 140 
HIS CB   C N N 141 
HIS CG   C Y N 142 
HIS ND1  N Y N 143 
HIS CD2  C Y N 144 
HIS CE1  C Y N 145 
HIS NE2  N Y N 146 
HIS OXT  O N N 147 
HIS H    H N N 148 
HIS H2   H N N 149 
HIS HA   H N N 150 
HIS HB2  H N N 151 
HIS HB3  H N N 152 
HIS HD1  H N N 153 
HIS HD2  H N N 154 
HIS HE1  H N N 155 
HIS HE2  H N N 156 
HIS HXT  H N N 157 
HOH O    O N N 158 
HOH H1   H N N 159 
HOH H2   H N N 160 
ILE N    N N N 161 
ILE CA   C N S 162 
ILE C    C N N 163 
ILE O    O N N 164 
ILE CB   C N S 165 
ILE CG1  C N N 166 
ILE CG2  C N N 167 
ILE CD1  C N N 168 
ILE OXT  O N N 169 
ILE H    H N N 170 
ILE H2   H N N 171 
ILE HA   H N N 172 
ILE HB   H N N 173 
ILE HG12 H N N 174 
ILE HG13 H N N 175 
ILE HG21 H N N 176 
ILE HG22 H N N 177 
ILE HG23 H N N 178 
ILE HD11 H N N 179 
ILE HD12 H N N 180 
ILE HD13 H N N 181 
ILE HXT  H N N 182 
JLE C5   C Y N 183 
JLE C6   C Y N 184 
JLE C4   C Y N 185 
JLE C2   C Y N 186 
JLE C8   C Y N 187 
JLE N3   N Y N 188 
JLE C25  C Y N 189 
JLE C24  C Y N 190 
JLE C23  C Y N 191 
JLE C22  C Y N 192 
JLE C21  C N N 193 
JLE C9   C Y N 194 
JLE N1   N Y N 195 
JLE C11  C Y N 196 
JLE C12  C Y N 197 
JLE C13  C Y N 198 
JLE C14  C Y N 199 
JLE C10  C Y N 200 
JLE C15  C Y N 201 
JLE C20  C N R 202 
JLE C17  C Y N 203 
JLE C16  C Y N 204 
JLE C26  C Y N 205 
JLE C27  C Y N 206 
JLE C28  C N N 207 
JLE O30  O N N 208 
JLE O29  O N N 209 
JLE N19  N N N 210 
JLE S7   S Y N 211 
JLE C31  C N N 212 
JLE C32  C N N 213 
JLE N18  N Y N 214 
JLE H1   H N N 215 
JLE H2   H N N 216 
JLE H3   H N N 217 
JLE H4   H N N 218 
JLE H5   H N N 219 
JLE H6   H N N 220 
JLE H7   H N N 221 
JLE H8   H N N 222 
JLE H9   H N N 223 
JLE H10  H N N 224 
JLE H11  H N N 225 
JLE H12  H N N 226 
JLE H13  H N N 227 
JLE H14  H N N 228 
JLE H15  H N N 229 
JLE H16  H N N 230 
JLE H17  H N N 231 
JLE H18  H N N 232 
JLE H19  H N N 233 
JLE H20  H N N 234 
JLE H21  H N N 235 
JLE H22  H N N 236 
LEU N    N N N 237 
LEU CA   C N S 238 
LEU C    C N N 239 
LEU O    O N N 240 
LEU CB   C N N 241 
LEU CG   C N N 242 
LEU CD1  C N N 243 
LEU CD2  C N N 244 
LEU OXT  O N N 245 
LEU H    H N N 246 
LEU H2   H N N 247 
LEU HA   H N N 248 
LEU HB2  H N N 249 
LEU HB3  H N N 250 
LEU HG   H N N 251 
LEU HD11 H N N 252 
LEU HD12 H N N 253 
LEU HD13 H N N 254 
LEU HD21 H N N 255 
LEU HD22 H N N 256 
LEU HD23 H N N 257 
LEU HXT  H N N 258 
LYS N    N N N 259 
LYS CA   C N S 260 
LYS C    C N N 261 
LYS O    O N N 262 
LYS CB   C N N 263 
LYS CG   C N N 264 
LYS CD   C N N 265 
LYS CE   C N N 266 
LYS NZ   N N N 267 
LYS OXT  O N N 268 
LYS H    H N N 269 
LYS H2   H N N 270 
LYS HA   H N N 271 
LYS HB2  H N N 272 
LYS HB3  H N N 273 
LYS HG2  H N N 274 
LYS HG3  H N N 275 
LYS HD2  H N N 276 
LYS HD3  H N N 277 
LYS HE2  H N N 278 
LYS HE3  H N N 279 
LYS HZ1  H N N 280 
LYS HZ2  H N N 281 
LYS HZ3  H N N 282 
LYS HXT  H N N 283 
MET N    N N N 284 
MET CA   C N S 285 
MET C    C N N 286 
MET O    O N N 287 
MET CB   C N N 288 
MET CG   C N N 289 
MET SD   S N N 290 
MET CE   C N N 291 
MET OXT  O N N 292 
MET H    H N N 293 
MET H2   H N N 294 
MET HA   H N N 295 
MET HB2  H N N 296 
MET HB3  H N N 297 
MET HG2  H N N 298 
MET HG3  H N N 299 
MET HE1  H N N 300 
MET HE2  H N N 301 
MET HE3  H N N 302 
MET HXT  H N N 303 
PHE N    N N N 304 
PHE CA   C N S 305 
PHE C    C N N 306 
PHE O    O N N 307 
PHE CB   C N N 308 
PHE CG   C Y N 309 
PHE CD1  C Y N 310 
PHE CD2  C Y N 311 
PHE CE1  C Y N 312 
PHE CE2  C Y N 313 
PHE CZ   C Y N 314 
PHE OXT  O N N 315 
PHE H    H N N 316 
PHE H2   H N N 317 
PHE HA   H N N 318 
PHE HB2  H N N 319 
PHE HB3  H N N 320 
PHE HD1  H N N 321 
PHE HD2  H N N 322 
PHE HE1  H N N 323 
PHE HE2  H N N 324 
PHE HZ   H N N 325 
PHE HXT  H N N 326 
PRO N    N N N 327 
PRO CA   C N S 328 
PRO C    C N N 329 
PRO O    O N N 330 
PRO CB   C N N 331 
PRO CG   C N N 332 
PRO CD   C N N 333 
PRO OXT  O N N 334 
PRO H    H N N 335 
PRO HA   H N N 336 
PRO HB2  H N N 337 
PRO HB3  H N N 338 
PRO HG2  H N N 339 
PRO HG3  H N N 340 
PRO HD2  H N N 341 
PRO HD3  H N N 342 
PRO HXT  H N N 343 
SER N    N N N 344 
SER CA   C N S 345 
SER C    C N N 346 
SER O    O N N 347 
SER CB   C N N 348 
SER OG   O N N 349 
SER OXT  O N N 350 
SER H    H N N 351 
SER H2   H N N 352 
SER HA   H N N 353 
SER HB2  H N N 354 
SER HB3  H N N 355 
SER HG   H N N 356 
SER HXT  H N N 357 
THR N    N N N 358 
THR CA   C N S 359 
THR C    C N N 360 
THR O    O N N 361 
THR CB   C N R 362 
THR OG1  O N N 363 
THR CG2  C N N 364 
THR OXT  O N N 365 
THR H    H N N 366 
THR H2   H N N 367 
THR HA   H N N 368 
THR HB   H N N 369 
THR HG1  H N N 370 
THR HG21 H N N 371 
THR HG22 H N N 372 
THR HG23 H N N 373 
THR HXT  H N N 374 
TRP N    N N N 375 
TRP CA   C N S 376 
TRP C    C N N 377 
TRP O    O N N 378 
TRP CB   C N N 379 
TRP CG   C Y N 380 
TRP CD1  C Y N 381 
TRP CD2  C Y N 382 
TRP NE1  N Y N 383 
TRP CE2  C Y N 384 
TRP CE3  C Y N 385 
TRP CZ2  C Y N 386 
TRP CZ3  C Y N 387 
TRP CH2  C Y N 388 
TRP OXT  O N N 389 
TRP H    H N N 390 
TRP H2   H N N 391 
TRP HA   H N N 392 
TRP HB2  H N N 393 
TRP HB3  H N N 394 
TRP HD1  H N N 395 
TRP HE1  H N N 396 
TRP HE3  H N N 397 
TRP HZ2  H N N 398 
TRP HZ3  H N N 399 
TRP HH2  H N N 400 
TRP HXT  H N N 401 
TYR N    N N N 402 
TYR CA   C N S 403 
TYR C    C N N 404 
TYR O    O N N 405 
TYR CB   C N N 406 
TYR CG   C Y N 407 
TYR CD1  C Y N 408 
TYR CD2  C Y N 409 
TYR CE1  C Y N 410 
TYR CE2  C Y N 411 
TYR CZ   C Y N 412 
TYR OH   O N N 413 
TYR OXT  O N N 414 
TYR H    H N N 415 
TYR H2   H N N 416 
TYR HA   H N N 417 
TYR HB2  H N N 418 
TYR HB3  H N N 419 
TYR HD1  H N N 420 
TYR HD2  H N N 421 
TYR HE1  H N N 422 
TYR HE2  H N N 423 
TYR HH   H N N 424 
TYR HXT  H N N 425 
VAL N    N N N 426 
VAL CA   C N S 427 
VAL C    C N N 428 
VAL O    O N N 429 
VAL CB   C N N 430 
VAL CG1  C N N 431 
VAL CG2  C N N 432 
VAL OXT  O N N 433 
VAL H    H N N 434 
VAL H2   H N N 435 
VAL HA   H N N 436 
VAL HB   H N N 437 
VAL HG11 H N N 438 
VAL HG12 H N N 439 
VAL HG13 H N N 440 
VAL HG21 H N N 441 
VAL HG22 H N N 442 
VAL HG23 H N N 443 
VAL HXT  H N N 444 
# 
loop_
_chem_comp_bond.comp_id 
_chem_comp_bond.atom_id_1 
_chem_comp_bond.atom_id_2 
_chem_comp_bond.value_order 
_chem_comp_bond.pdbx_aromatic_flag 
_chem_comp_bond.pdbx_stereo_config 
_chem_comp_bond.pdbx_ordinal 
ALA N   CA   sing N N 1   
ALA N   H    sing N N 2   
ALA N   H2   sing N N 3   
ALA CA  C    sing N N 4   
ALA CA  CB   sing N N 5   
ALA CA  HA   sing N N 6   
ALA C   O    doub N N 7   
ALA C   OXT  sing N N 8   
ALA CB  HB1  sing N N 9   
ALA CB  HB2  sing N N 10  
ALA CB  HB3  sing N N 11  
ALA OXT HXT  sing N N 12  
ARG N   CA   sing N N 13  
ARG N   H    sing N N 14  
ARG N   H2   sing N N 15  
ARG CA  C    sing N N 16  
ARG CA  CB   sing N N 17  
ARG CA  HA   sing N N 18  
ARG C   O    doub N N 19  
ARG C   OXT  sing N N 20  
ARG CB  CG   sing N N 21  
ARG CB  HB2  sing N N 22  
ARG CB  HB3  sing N N 23  
ARG CG  CD   sing N N 24  
ARG CG  HG2  sing N N 25  
ARG CG  HG3  sing N N 26  
ARG CD  NE   sing N N 27  
ARG CD  HD2  sing N N 28  
ARG CD  HD3  sing N N 29  
ARG NE  CZ   sing N N 30  
ARG NE  HE   sing N N 31  
ARG CZ  NH1  sing N N 32  
ARG CZ  NH2  doub N N 33  
ARG NH1 HH11 sing N N 34  
ARG NH1 HH12 sing N N 35  
ARG NH2 HH21 sing N N 36  
ARG NH2 HH22 sing N N 37  
ARG OXT HXT  sing N N 38  
ASN N   CA   sing N N 39  
ASN N   H    sing N N 40  
ASN N   H2   sing N N 41  
ASN CA  C    sing N N 42  
ASN CA  CB   sing N N 43  
ASN CA  HA   sing N N 44  
ASN C   O    doub N N 45  
ASN C   OXT  sing N N 46  
ASN CB  CG   sing N N 47  
ASN CB  HB2  sing N N 48  
ASN CB  HB3  sing N N 49  
ASN CG  OD1  doub N N 50  
ASN CG  ND2  sing N N 51  
ASN ND2 HD21 sing N N 52  
ASN ND2 HD22 sing N N 53  
ASN OXT HXT  sing N N 54  
ASP N   CA   sing N N 55  
ASP N   H    sing N N 56  
ASP N   H2   sing N N 57  
ASP CA  C    sing N N 58  
ASP CA  CB   sing N N 59  
ASP CA  HA   sing N N 60  
ASP C   O    doub N N 61  
ASP C   OXT  sing N N 62  
ASP CB  CG   sing N N 63  
ASP CB  HB2  sing N N 64  
ASP CB  HB3  sing N N 65  
ASP CG  OD1  doub N N 66  
ASP CG  OD2  sing N N 67  
ASP OD2 HD2  sing N N 68  
ASP OXT HXT  sing N N 69  
CYS N   CA   sing N N 70  
CYS N   H    sing N N 71  
CYS N   H2   sing N N 72  
CYS CA  C    sing N N 73  
CYS CA  CB   sing N N 74  
CYS CA  HA   sing N N 75  
CYS C   O    doub N N 76  
CYS C   OXT  sing N N 77  
CYS CB  SG   sing N N 78  
CYS CB  HB2  sing N N 79  
CYS CB  HB3  sing N N 80  
CYS SG  HG   sing N N 81  
CYS OXT HXT  sing N N 82  
GLN N   CA   sing N N 83  
GLN N   H    sing N N 84  
GLN N   H2   sing N N 85  
GLN CA  C    sing N N 86  
GLN CA  CB   sing N N 87  
GLN CA  HA   sing N N 88  
GLN C   O    doub N N 89  
GLN C   OXT  sing N N 90  
GLN CB  CG   sing N N 91  
GLN CB  HB2  sing N N 92  
GLN CB  HB3  sing N N 93  
GLN CG  CD   sing N N 94  
GLN CG  HG2  sing N N 95  
GLN CG  HG3  sing N N 96  
GLN CD  OE1  doub N N 97  
GLN CD  NE2  sing N N 98  
GLN NE2 HE21 sing N N 99  
GLN NE2 HE22 sing N N 100 
GLN OXT HXT  sing N N 101 
GLU N   CA   sing N N 102 
GLU N   H    sing N N 103 
GLU N   H2   sing N N 104 
GLU CA  C    sing N N 105 
GLU CA  CB   sing N N 106 
GLU CA  HA   sing N N 107 
GLU C   O    doub N N 108 
GLU C   OXT  sing N N 109 
GLU CB  CG   sing N N 110 
GLU CB  HB2  sing N N 111 
GLU CB  HB3  sing N N 112 
GLU CG  CD   sing N N 113 
GLU CG  HG2  sing N N 114 
GLU CG  HG3  sing N N 115 
GLU CD  OE1  doub N N 116 
GLU CD  OE2  sing N N 117 
GLU OE2 HE2  sing N N 118 
GLU OXT HXT  sing N N 119 
GLY N   CA   sing N N 120 
GLY N   H    sing N N 121 
GLY N   H2   sing N N 122 
GLY CA  C    sing N N 123 
GLY CA  HA2  sing N N 124 
GLY CA  HA3  sing N N 125 
GLY C   O    doub N N 126 
GLY C   OXT  sing N N 127 
GLY OXT HXT  sing N N 128 
HIS N   CA   sing N N 129 
HIS N   H    sing N N 130 
HIS N   H2   sing N N 131 
HIS CA  C    sing N N 132 
HIS CA  CB   sing N N 133 
HIS CA  HA   sing N N 134 
HIS C   O    doub N N 135 
HIS C   OXT  sing N N 136 
HIS CB  CG   sing N N 137 
HIS CB  HB2  sing N N 138 
HIS CB  HB3  sing N N 139 
HIS CG  ND1  sing Y N 140 
HIS CG  CD2  doub Y N 141 
HIS ND1 CE1  doub Y N 142 
HIS ND1 HD1  sing N N 143 
HIS CD2 NE2  sing Y N 144 
HIS CD2 HD2  sing N N 145 
HIS CE1 NE2  sing Y N 146 
HIS CE1 HE1  sing N N 147 
HIS NE2 HE2  sing N N 148 
HIS OXT HXT  sing N N 149 
HOH O   H1   sing N N 150 
HOH O   H2   sing N N 151 
ILE N   CA   sing N N 152 
ILE N   H    sing N N 153 
ILE N   H2   sing N N 154 
ILE CA  C    sing N N 155 
ILE CA  CB   sing N N 156 
ILE CA  HA   sing N N 157 
ILE C   O    doub N N 158 
ILE C   OXT  sing N N 159 
ILE CB  CG1  sing N N 160 
ILE CB  CG2  sing N N 161 
ILE CB  HB   sing N N 162 
ILE CG1 CD1  sing N N 163 
ILE CG1 HG12 sing N N 164 
ILE CG1 HG13 sing N N 165 
ILE CG2 HG21 sing N N 166 
ILE CG2 HG22 sing N N 167 
ILE CG2 HG23 sing N N 168 
ILE CD1 HD11 sing N N 169 
ILE CD1 HD12 sing N N 170 
ILE CD1 HD13 sing N N 171 
ILE OXT HXT  sing N N 172 
JLE C21 C22  sing N N 173 
JLE C21 C20  sing N N 174 
JLE C22 C23  doub Y N 175 
JLE C22 C27  sing Y N 176 
JLE C23 C24  sing Y N 177 
JLE C12 C11  doub Y N 178 
JLE C12 C13  sing Y N 179 
JLE C27 C26  doub Y N 180 
JLE O30 C28  doub N N 181 
JLE C11 C14  sing Y N 182 
JLE C24 C25  doub Y N 183 
JLE C26 C25  sing Y N 184 
JLE C28 O29  sing N N 185 
JLE C28 C20  sing N N 186 
JLE C20 N19  sing N N 187 
JLE C13 C10  doub Y N 188 
JLE C14 N18  sing Y N 189 
JLE C14 C15  doub Y N 190 
JLE N19 C4   sing N N 191 
JLE N18 C17  sing Y N 192 
JLE C10 C15  sing Y N 193 
JLE C10 C9   sing N N 194 
JLE C15 C16  sing Y N 195 
JLE C4  N1   doub Y N 196 
JLE C4  C5   sing Y N 197 
JLE C17 C16  doub Y N 198 
JLE N1  C2   sing Y N 199 
JLE C9  C5   sing Y N 200 
JLE C9  C8   doub Y N 201 
JLE C5  C6   doub Y N 202 
JLE C2  N3   doub Y N 203 
JLE C8  C31  sing N N 204 
JLE C8  S7   sing Y N 205 
JLE C31 C32  sing N N 206 
JLE C6  N3   sing Y N 207 
JLE C6  S7   sing Y N 208 
JLE C2  H1   sing N N 209 
JLE C25 H2   sing N N 210 
JLE C24 H3   sing N N 211 
JLE C23 H4   sing N N 212 
JLE C21 H5   sing N N 213 
JLE C21 H6   sing N N 214 
JLE C11 H7   sing N N 215 
JLE C12 H8   sing N N 216 
JLE C13 H9   sing N N 217 
JLE C20 H10  sing N N 218 
JLE C17 H11  sing N N 219 
JLE C16 H12  sing N N 220 
JLE C26 H13  sing N N 221 
JLE C27 H14  sing N N 222 
JLE O29 H15  sing N N 223 
JLE N19 H16  sing N N 224 
JLE C31 H17  sing N N 225 
JLE C31 H18  sing N N 226 
JLE C32 H19  sing N N 227 
JLE C32 H20  sing N N 228 
JLE C32 H21  sing N N 229 
JLE N18 H22  sing N N 230 
LEU N   CA   sing N N 231 
LEU N   H    sing N N 232 
LEU N   H2   sing N N 233 
LEU CA  C    sing N N 234 
LEU CA  CB   sing N N 235 
LEU CA  HA   sing N N 236 
LEU C   O    doub N N 237 
LEU C   OXT  sing N N 238 
LEU CB  CG   sing N N 239 
LEU CB  HB2  sing N N 240 
LEU CB  HB3  sing N N 241 
LEU CG  CD1  sing N N 242 
LEU CG  CD2  sing N N 243 
LEU CG  HG   sing N N 244 
LEU CD1 HD11 sing N N 245 
LEU CD1 HD12 sing N N 246 
LEU CD1 HD13 sing N N 247 
LEU CD2 HD21 sing N N 248 
LEU CD2 HD22 sing N N 249 
LEU CD2 HD23 sing N N 250 
LEU OXT HXT  sing N N 251 
LYS N   CA   sing N N 252 
LYS N   H    sing N N 253 
LYS N   H2   sing N N 254 
LYS CA  C    sing N N 255 
LYS CA  CB   sing N N 256 
LYS CA  HA   sing N N 257 
LYS C   O    doub N N 258 
LYS C   OXT  sing N N 259 
LYS CB  CG   sing N N 260 
LYS CB  HB2  sing N N 261 
LYS CB  HB3  sing N N 262 
LYS CG  CD   sing N N 263 
LYS CG  HG2  sing N N 264 
LYS CG  HG3  sing N N 265 
LYS CD  CE   sing N N 266 
LYS CD  HD2  sing N N 267 
LYS CD  HD3  sing N N 268 
LYS CE  NZ   sing N N 269 
LYS CE  HE2  sing N N 270 
LYS CE  HE3  sing N N 271 
LYS NZ  HZ1  sing N N 272 
LYS NZ  HZ2  sing N N 273 
LYS NZ  HZ3  sing N N 274 
LYS OXT HXT  sing N N 275 
MET N   CA   sing N N 276 
MET N   H    sing N N 277 
MET N   H2   sing N N 278 
MET CA  C    sing N N 279 
MET CA  CB   sing N N 280 
MET CA  HA   sing N N 281 
MET C   O    doub N N 282 
MET C   OXT  sing N N 283 
MET CB  CG   sing N N 284 
MET CB  HB2  sing N N 285 
MET CB  HB3  sing N N 286 
MET CG  SD   sing N N 287 
MET CG  HG2  sing N N 288 
MET CG  HG3  sing N N 289 
MET SD  CE   sing N N 290 
MET CE  HE1  sing N N 291 
MET CE  HE2  sing N N 292 
MET CE  HE3  sing N N 293 
MET OXT HXT  sing N N 294 
PHE N   CA   sing N N 295 
PHE N   H    sing N N 296 
PHE N   H2   sing N N 297 
PHE CA  C    sing N N 298 
PHE CA  CB   sing N N 299 
PHE CA  HA   sing N N 300 
PHE C   O    doub N N 301 
PHE C   OXT  sing N N 302 
PHE CB  CG   sing N N 303 
PHE CB  HB2  sing N N 304 
PHE CB  HB3  sing N N 305 
PHE CG  CD1  doub Y N 306 
PHE CG  CD2  sing Y N 307 
PHE CD1 CE1  sing Y N 308 
PHE CD1 HD1  sing N N 309 
PHE CD2 CE2  doub Y N 310 
PHE CD2 HD2  sing N N 311 
PHE CE1 CZ   doub Y N 312 
PHE CE1 HE1  sing N N 313 
PHE CE2 CZ   sing Y N 314 
PHE CE2 HE2  sing N N 315 
PHE CZ  HZ   sing N N 316 
PHE OXT HXT  sing N N 317 
PRO N   CA   sing N N 318 
PRO N   CD   sing N N 319 
PRO N   H    sing N N 320 
PRO CA  C    sing N N 321 
PRO CA  CB   sing N N 322 
PRO CA  HA   sing N N 323 
PRO C   O    doub N N 324 
PRO C   OXT  sing N N 325 
PRO CB  CG   sing N N 326 
PRO CB  HB2  sing N N 327 
PRO CB  HB3  sing N N 328 
PRO CG  CD   sing N N 329 
PRO CG  HG2  sing N N 330 
PRO CG  HG3  sing N N 331 
PRO CD  HD2  sing N N 332 
PRO CD  HD3  sing N N 333 
PRO OXT HXT  sing N N 334 
SER N   CA   sing N N 335 
SER N   H    sing N N 336 
SER N   H2   sing N N 337 
SER CA  C    sing N N 338 
SER CA  CB   sing N N 339 
SER CA  HA   sing N N 340 
SER C   O    doub N N 341 
SER C   OXT  sing N N 342 
SER CB  OG   sing N N 343 
SER CB  HB2  sing N N 344 
SER CB  HB3  sing N N 345 
SER OG  HG   sing N N 346 
SER OXT HXT  sing N N 347 
THR N   CA   sing N N 348 
THR N   H    sing N N 349 
THR N   H2   sing N N 350 
THR CA  C    sing N N 351 
THR CA  CB   sing N N 352 
THR CA  HA   sing N N 353 
THR C   O    doub N N 354 
THR C   OXT  sing N N 355 
THR CB  OG1  sing N N 356 
THR CB  CG2  sing N N 357 
THR CB  HB   sing N N 358 
THR OG1 HG1  sing N N 359 
THR CG2 HG21 sing N N 360 
THR CG2 HG22 sing N N 361 
THR CG2 HG23 sing N N 362 
THR OXT HXT  sing N N 363 
TRP N   CA   sing N N 364 
TRP N   H    sing N N 365 
TRP N   H2   sing N N 366 
TRP CA  C    sing N N 367 
TRP CA  CB   sing N N 368 
TRP CA  HA   sing N N 369 
TRP C   O    doub N N 370 
TRP C   OXT  sing N N 371 
TRP CB  CG   sing N N 372 
TRP CB  HB2  sing N N 373 
TRP CB  HB3  sing N N 374 
TRP CG  CD1  doub Y N 375 
TRP CG  CD2  sing Y N 376 
TRP CD1 NE1  sing Y N 377 
TRP CD1 HD1  sing N N 378 
TRP CD2 CE2  doub Y N 379 
TRP CD2 CE3  sing Y N 380 
TRP NE1 CE2  sing Y N 381 
TRP NE1 HE1  sing N N 382 
TRP CE2 CZ2  sing Y N 383 
TRP CE3 CZ3  doub Y N 384 
TRP CE3 HE3  sing N N 385 
TRP CZ2 CH2  doub Y N 386 
TRP CZ2 HZ2  sing N N 387 
TRP CZ3 CH2  sing Y N 388 
TRP CZ3 HZ3  sing N N 389 
TRP CH2 HH2  sing N N 390 
TRP OXT HXT  sing N N 391 
TYR N   CA   sing N N 392 
TYR N   H    sing N N 393 
TYR N   H2   sing N N 394 
TYR CA  C    sing N N 395 
TYR CA  CB   sing N N 396 
TYR CA  HA   sing N N 397 
TYR C   O    doub N N 398 
TYR C   OXT  sing N N 399 
TYR CB  CG   sing N N 400 
TYR CB  HB2  sing N N 401 
TYR CB  HB3  sing N N 402 
TYR CG  CD1  doub Y N 403 
TYR CG  CD2  sing Y N 404 
TYR CD1 CE1  sing Y N 405 
TYR CD1 HD1  sing N N 406 
TYR CD2 CE2  doub Y N 407 
TYR CD2 HD2  sing N N 408 
TYR CE1 CZ   doub Y N 409 
TYR CE1 HE1  sing N N 410 
TYR CE2 CZ   sing Y N 411 
TYR CE2 HE2  sing N N 412 
TYR CZ  OH   sing N N 413 
TYR OH  HH   sing N N 414 
TYR OXT HXT  sing N N 415 
VAL N   CA   sing N N 416 
VAL N   H    sing N N 417 
VAL N   H2   sing N N 418 
VAL CA  C    sing N N 419 
VAL CA  CB   sing N N 420 
VAL CA  HA   sing N N 421 
VAL C   O    doub N N 422 
VAL C   OXT  sing N N 423 
VAL CB  CG1  sing N N 424 
VAL CB  CG2  sing N N 425 
VAL CB  HB   sing N N 426 
VAL CG1 HG11 sing N N 427 
VAL CG1 HG12 sing N N 428 
VAL CG1 HG13 sing N N 429 
VAL CG2 HG21 sing N N 430 
VAL CG2 HG22 sing N N 431 
VAL CG2 HG23 sing N N 432 
VAL OXT HXT  sing N N 433 
# 
_pdbx_entity_instance_feature.ordinal        1 
_pdbx_entity_instance_feature.comp_id        JLE 
_pdbx_entity_instance_feature.asym_id        ? 
_pdbx_entity_instance_feature.seq_num        ? 
_pdbx_entity_instance_feature.auth_comp_id   JLE 
_pdbx_entity_instance_feature.auth_asym_id   ? 
_pdbx_entity_instance_feature.auth_seq_num   ? 
_pdbx_entity_instance_feature.feature_type   'SUBJECT OF INVESTIGATION' 
_pdbx_entity_instance_feature.details        ? 
# 
_pdbx_initial_refinement_model.id               1 
_pdbx_initial_refinement_model.entity_id_list   ? 
_pdbx_initial_refinement_model.type             'experimental model' 
_pdbx_initial_refinement_model.source_name      PDB 
_pdbx_initial_refinement_model.accession_code   6QFQ 
_pdbx_initial_refinement_model.details          ? 
# 
_atom_sites.entry_id                    6QZ6 
_atom_sites.fract_transf_matrix[1][1]   -0.02468029 
_atom_sites.fract_transf_matrix[1][2]   0.00847135 
_atom_sites.fract_transf_matrix[1][3]   0.01137283 
_atom_sites.fract_transf_matrix[2][1]   -0.02299053 
_atom_sites.fract_transf_matrix[2][2]   0.00300540 
_atom_sites.fract_transf_matrix[2][3]   -0.01651067 
_atom_sites.fract_transf_matrix[3][1]   -0.00074762 
_atom_sites.fract_transf_matrix[3][2]   -0.00287349 
_atom_sites.fract_transf_matrix[3][3]   0.00051798 
_atom_sites.fract_transf_vector[1]      0.133146 
_atom_sites.fract_transf_vector[2]      0.248608 
_atom_sites.fract_transf_vector[3]      -0.037538 
# 
loop_
_atom_type.symbol 
C 
N 
O 
S 
# 
loop_
_atom_site.group_PDB 
_atom_site.id 
_atom_site.type_symbol 
_atom_site.label_atom_id 
_atom_site.label_alt_id 
_atom_site.label_comp_id 
_atom_site.label_asym_id 
_atom_site.label_entity_id 
_atom_site.label_seq_id 
_atom_site.pdbx_PDB_ins_code 
_atom_site.Cartn_x 
_atom_site.Cartn_y 
_atom_site.Cartn_z 
_atom_site.occupancy 
_atom_site.B_iso_or_equiv 
_atom_site.pdbx_formal_charge 
_atom_site.auth_seq_id 
_atom_site.auth_comp_id 
_atom_site.auth_asym_id 
_atom_site.auth_atom_id 
_atom_site.pdbx_PDB_model_num 
ATOM   1    N N   . SER A 1 13  ? 5.730   18.947  -5.039  1.00 87.93  ? 170 SER A N   1 
ATOM   2    C CA  . SER A 1 13  ? 6.443   18.512  -6.294  1.00 91.55  ? 170 SER A CA  1 
ATOM   3    C C   . SER A 1 13  ? 7.963   18.485  -6.052  1.00 76.00  ? 170 SER A C   1 
ATOM   4    O O   . SER A 1 13  ? 8.424   19.048  -5.051  1.00 72.41  ? 170 SER A O   1 
ATOM   5    C CB  . SER A 1 13  ? 6.059   19.380  -7.492  1.00 95.35  ? 170 SER A CB  1 
ATOM   6    O OG  . SER A 1 13  ? 6.157   20.770  -7.199  1.00 98.51  ? 170 SER A OG  1 
ATOM   7    N N   . GLU A 1 14  ? 8.725   17.848  -6.938  1.00 58.06  ? 171 GLU A N   1 
ATOM   8    C CA  . GLU A 1 14  ? 10.186  17.661  -6.737  1.00 60.83  ? 171 GLU A CA  1 
ATOM   9    C C   . GLU A 1 14  ? 10.415  16.766  -5.503  1.00 46.74  ? 171 GLU A C   1 
ATOM   10   O O   . GLU A 1 14  ? 11.314  17.066  -4.657  1.00 37.17  ? 171 GLU A O   1 
ATOM   11   C CB  . GLU A 1 14  ? 10.883  19.029  -6.681  1.00 75.01  ? 171 GLU A CB  1 
ATOM   12   C CG  . GLU A 1 14  ? 11.764  19.315  -7.894  1.00 85.45  ? 171 GLU A CG  1 
ATOM   13   C CD  . GLU A 1 14  ? 13.254  19.131  -7.653  1.00 97.87  ? 171 GLU A CD  1 
ATOM   14   O OE1 . GLU A 1 14  ? 13.657  19.199  -6.467  1.00 109.18 ? 171 GLU A OE1 1 
ATOM   15   O OE2 . GLU A 1 14  ? 14.007  18.922  -8.642  1.00 97.71  ? 171 GLU A OE2 1 
ATOM   16   N N   . ASP A 1 15  ? 9.630   15.679  -5.409  1.00 36.00  ? 172 ASP A N   1 
ATOM   17   C CA  . ASP A 1 15  ? 9.860   14.515  -4.504  1.00 32.25  ? 172 ASP A CA  1 
ATOM   18   C C   . ASP A 1 15  ? 9.466   13.243  -5.289  1.00 30.30  ? 172 ASP A C   1 
ATOM   19   O O   . ASP A 1 15  ? 8.339   12.764  -5.130  1.00 31.05  ? 172 ASP A O   1 
ATOM   20   C CB  . ASP A 1 15  ? 9.104   14.694  -3.185  1.00 32.27  ? 172 ASP A CB  1 
ATOM   21   C CG  . ASP A 1 15  ? 9.313   13.585  -2.160  1.00 31.42  ? 172 ASP A CG  1 
ATOM   22   O OD1 . ASP A 1 15  ? 9.999   12.565  -2.459  1.00 32.22  ? 172 ASP A OD1 1 
ATOM   23   O OD2 . ASP A 1 15  ? 8.785   13.736  -1.057  1.00 31.34  ? 172 ASP A OD2 1 
ATOM   24   N N   . GLU A 1 16  ? 10.375  12.740  -6.104  1.00 32.22  ? 173 GLU A N   1 
ATOM   25   C CA  . GLU A 1 16  ? 10.170  11.569  -6.989  1.00 36.74  ? 173 GLU A CA  1 
ATOM   26   C C   . GLU A 1 16  ? 9.853   10.314  -6.163  1.00 32.86  ? 173 GLU A C   1 
ATOM   27   O O   . GLU A 1 16  ? 9.004   9.493   -6.626  1.00 29.99  ? 173 GLU A O   1 
ATOM   28   C CB  . GLU A 1 16  ? 11.411  11.387  -7.847  1.00 42.07  ? 173 GLU A CB  1 
ATOM   29   C CG  . GLU A 1 16  ? 11.336  10.182  -8.763  1.00 54.36  ? 173 GLU A CG  1 
ATOM   30   C CD  . GLU A 1 16  ? 10.220  10.215  -9.791  1.00 58.01  ? 173 GLU A CD  1 
ATOM   31   O OE1 . GLU A 1 16  ? 9.636   11.316  -10.033 1.00 51.70  ? 173 GLU A OE1 1 
ATOM   32   O OE2 . GLU A 1 16  ? 9.932   9.122   -10.336 1.00 60.14  ? 173 GLU A OE2 1 
ATOM   33   N N   . LEU A 1 17  ? 10.497  10.124  -5.015  1.00 30.34  ? 174 LEU A N   1 
ATOM   34   C CA  . LEU A 1 17  ? 10.229  8.907   -4.187  1.00 30.15  ? 174 LEU A CA  1 
ATOM   35   C C   . LEU A 1 17  ? 8.768   8.929   -3.773  1.00 31.06  ? 174 LEU A C   1 
ATOM   36   O O   . LEU A 1 17  ? 8.076   7.871   -3.884  1.00 31.45  ? 174 LEU A O   1 
ATOM   37   C CB  . LEU A 1 17  ? 11.177  8.799   -2.995  1.00 32.57  ? 174 LEU A CB  1 
ATOM   38   C CG  . LEU A 1 17  ? 10.885  7.614   -2.058  1.00 32.26  ? 174 LEU A CG  1 
ATOM   39   C CD1 . LEU A 1 17  ? 11.081  6.292   -2.762  1.00 34.25  ? 174 LEU A CD1 1 
ATOM   40   C CD2 . LEU A 1 17  ? 11.735  7.654   -0.806  1.00 34.90  ? 174 LEU A CD2 1 
ATOM   41   N N   . TYR A 1 18  ? 8.290   10.089  -3.350  1.00 29.85  ? 175 TYR A N   1 
ATOM   42   C CA  . TYR A 1 18  ? 6.876   10.259  -2.961  1.00 28.90  ? 175 TYR A CA  1 
ATOM   43   C C   . TYR A 1 18  ? 5.963   10.025  -4.166  1.00 28.09  ? 175 TYR A C   1 
ATOM   44   O O   . TYR A 1 18  ? 4.975   9.283   -4.035  1.00 27.39  ? 175 TYR A O   1 
ATOM   45   C CB  . TYR A 1 18  ? 6.571   11.619  -2.347  1.00 30.17  ? 175 TYR A CB  1 
ATOM   46   C CG  . TYR A 1 18  ? 5.154   11.678  -1.846  1.00 31.61  ? 175 TYR A CG  1 
ATOM   47   C CD1 . TYR A 1 18  ? 4.813   11.177  -0.608  1.00 39.52  ? 175 TYR A CD1 1 
ATOM   48   C CD2 . TYR A 1 18  ? 4.144   12.137  -2.661  1.00 38.30  ? 175 TYR A CD2 1 
ATOM   49   C CE1 . TYR A 1 18  ? 3.503   11.178  -0.168  1.00 44.66  ? 175 TYR A CE1 1 
ATOM   50   C CE2 . TYR A 1 18  ? 2.832   12.173  -2.226  1.00 43.53  ? 175 TYR A CE2 1 
ATOM   51   C CZ  . TYR A 1 18  ? 2.507   11.676  -0.985  1.00 42.03  ? 175 TYR A CZ  1 
ATOM   52   O OH  . TYR A 1 18  ? 1.193   11.690  -0.598  1.00 50.48  ? 175 TYR A OH  1 
ATOM   53   N N   . ARG A 1 19  ? 6.222   10.681  -5.280  1.00 28.81  ? 176 ARG A N   1 
ATOM   54   C CA  . ARG A 1 19  ? 5.374   10.573  -6.486  1.00 30.06  ? 176 ARG A CA  1 
ATOM   55   C C   . ARG A 1 19  ? 5.296   9.108   -6.941  1.00 28.76  ? 176 ARG A C   1 
ATOM   56   O O   . ARG A 1 19  ? 4.154   8.608   -7.158  1.00 35.08  ? 176 ARG A O   1 
ATOM   57   C CB  . ARG A 1 19  ? 5.904   11.440  -7.625  1.00 33.52  ? 176 ARG A CB  1 
ATOM   58   C CG  . ARG A 1 19  ? 5.046   11.419  -8.884  1.00 37.91  ? 176 ARG A CG  1 
ATOM   59   C CD  . ARG A 1 19  ? 5.875   11.734  -10.115 1.00 40.66  ? 176 ARG A CD  1 
ATOM   60   N NE  . ARG A 1 19  ? 6.864   10.699  -10.446 1.00 48.66  ? 176 ARG A NE  1 
ATOM   61   C CZ  . ARG A 1 19  ? 6.579   9.456   -10.862 1.00 48.36  ? 176 ARG A CZ  1 
ATOM   62   N NH1 . ARG A 1 19  ? 7.557   8.594   -11.113 1.00 50.01  ? 176 ARG A NH1 1 
ATOM   63   N NH2 . ARG A 1 19  ? 5.326   9.071   -11.020 1.00 46.10  ? 176 ARG A NH2 1 
ATOM   64   N N   . GLN A 1 20  ? 6.415   8.426   -7.012  1.00 28.61  ? 177 GLN A N   1 
ATOM   65   C CA  . GLN A 1 20  ? 6.514   7.021   -7.510  1.00 29.22  ? 177 GLN A CA  1 
ATOM   66   C C   . GLN A 1 20  ? 5.803   6.085   -6.518  1.00 30.35  ? 177 GLN A C   1 
ATOM   67   O O   . GLN A 1 20  ? 5.038   5.181   -6.955  1.00 29.00  ? 177 GLN A O   1 
ATOM   68   C CB  . GLN A 1 20  ? 7.963   6.627   -7.729  1.00 29.03  ? 177 GLN A CB  1 
ATOM   69   C CG  . GLN A 1 20  ? 8.061   5.253   -8.392  1.00 34.50  ? 177 GLN A CG  1 
ATOM   70   C CD  . GLN A 1 20  ? 9.466   4.757   -8.631  1.00 42.30  ? 177 GLN A CD  1 
ATOM   71   O OE1 . GLN A 1 20  ? 9.727   3.964   -9.540  1.00 45.24  ? 177 GLN A OE1 1 
ATOM   72   N NE2 . GLN A 1 20  ? 10.373  5.172   -7.773  1.00 31.36  ? 177 GLN A NE2 1 
ATOM   73   N N   . SER A 1 21  ? 6.001   6.306   -5.226  1.00 28.59  ? 178 SER A N   1 
ATOM   74   C CA  . SER A 1 21  ? 5.342   5.532   -4.156  1.00 27.76  ? 178 SER A CA  1 
ATOM   75   C C   . SER A 1 21  ? 3.820   5.699   -4.263  1.00 29.99  ? 178 SER A C   1 
ATOM   76   O O   . SER A 1 21  ? 3.104   4.665   -4.165  1.00 28.68  ? 178 SER A O   1 
ATOM   77   C CB  . SER A 1 21  ? 5.859   5.953   -2.804  1.00 26.24  ? 178 SER A CB  1 
ATOM   78   O OG  . SER A 1 21  ? 7.232   5.628   -2.642  1.00 26.36  ? 178 SER A OG  1 
ATOM   79   N N   . LEU A 1 22  ? 3.326   6.930   -4.416  1.00 28.99  ? 179 LEU A N   1 
ATOM   80   C CA  . LEU A 1 22  ? 1.872   7.212   -4.470  1.00 27.31  ? 179 LEU A CA  1 
ATOM   81   C C   . LEU A 1 22  ? 1.316   6.493   -5.703  1.00 32.70  ? 179 LEU A C   1 
ATOM   82   O O   . LEU A 1 22  ? 0.286   5.816   -5.624  1.00 32.50  ? 179 LEU A O   1 
ATOM   83   C CB  . LEU A 1 22  ? 1.536   8.700   -4.507  1.00 30.02  ? 179 LEU A CB  1 
ATOM   84   C CG  . LEU A 1 22  ? 0.038   9.039   -4.496  1.00 31.78  ? 179 LEU A CG  1 
ATOM   85   C CD1 . LEU A 1 22  ? -0.708  8.351   -3.324  1.00 33.88  ? 179 LEU A CD1 1 
ATOM   86   C CD2 . LEU A 1 22  ? -0.189  10.533  -4.432  1.00 36.35  ? 179 LEU A CD2 1 
ATOM   87   N N   . GLU A 1 23  ? 2.016   6.570   -6.800  1.00 28.98  ? 180 GLU A N   1 
ATOM   88   C CA  . GLU A 1 23  ? 1.532   5.990   -8.082  1.00 34.57  ? 180 GLU A CA  1 
ATOM   89   C C   . GLU A 1 23  ? 1.330   4.479   -7.923  1.00 28.31  ? 180 GLU A C   1 
ATOM   90   O O   . GLU A 1 23  ? 0.204   4.012   -8.252  1.00 33.57  ? 180 GLU A O   1 
ATOM   91   C CB  . GLU A 1 23  ? 2.534   6.336   -9.178  1.00 33.18  ? 180 GLU A CB  1 
ATOM   92   C CG  . GLU A 1 23  ? 2.160   5.889   -10.567 0.75 40.91  ? 180 GLU A CG  1 
ATOM   93   C CD  . GLU A 1 23  ? 3.229   6.359   -11.537 0.75 43.10  ? 180 GLU A CD  1 
ATOM   94   O OE1 . GLU A 1 23  ? 4.381   5.865   -11.458 0.75 51.08  ? 180 GLU A OE1 1 
ATOM   95   O OE2 . GLU A 1 23  ? 2.932   7.251   -12.313 0.75 49.92  ? 180 GLU A OE2 1 
ATOM   96   N N   . ILE A 1 24  ? 2.336   3.763   -7.402  1.00 26.50  ? 181 ILE A N   1 
ATOM   97   C CA  . ILE A 1 24  ? 2.380   2.289   -7.217  1.00 28.74  ? 181 ILE A CA  1 
ATOM   98   C C   . ILE A 1 24  ? 1.295   1.872   -6.205  1.00 31.06  ? 181 ILE A C   1 
ATOM   99   O O   . ILE A 1 24  ? 0.524   0.942   -6.513  1.00 26.18  ? 181 ILE A O   1 
ATOM   100  C CB  . ILE A 1 24  ? 3.757   1.820   -6.766  1.00 29.90  ? 181 ILE A CB  1 
ATOM   101  C CG1 . ILE A 1 24  ? 4.811   2.077   -7.844  1.00 31.20  ? 181 ILE A CG1 1 
ATOM   102  C CG2 . ILE A 1 24  ? 3.702   0.368   -6.303  1.00 29.03  ? 181 ILE A CG2 1 
ATOM   103  C CD1 . ILE A 1 24  ? 6.230   1.932   -7.332  1.00 31.55  ? 181 ILE A CD1 1 
ATOM   104  N N   . ILE A 1 25  ? 1.217   2.534   -5.044  1.00 25.83  ? 182 ILE A N   1 
ATOM   105  C CA  . ILE A 1 25  ? 0.297   2.077   -3.970  1.00 28.07  ? 182 ILE A CA  1 
ATOM   106  C C   . ILE A 1 25  ? -1.152  2.396   -4.395  1.00 27.25  ? 182 ILE A C   1 
ATOM   107  O O   . ILE A 1 25  ? -2.053  1.566   -4.143  1.00 28.92  ? 182 ILE A O   1 
ATOM   108  C CB  . ILE A 1 25  ? 0.727   2.733   -2.640  1.00 25.87  ? 182 ILE A CB  1 
ATOM   109  C CG1 . ILE A 1 25  ? 2.046   2.104   -2.185  1.00 21.83  ? 182 ILE A CG1 1 
ATOM   110  C CG2 . ILE A 1 25  ? -0.368  2.615   -1.592  1.00 28.64  ? 182 ILE A CG2 1 
ATOM   111  C CD1 . ILE A 1 25  ? 2.784   2.924   -1.129  1.00 25.38  ? 182 ILE A CD1 1 
ATOM   112  N N   . SER A 1 26  ? -1.373  3.541   -5.005  1.00 28.84  ? 183 SER A N   1 
ATOM   113  C CA  . SER A 1 26  ? -2.719  3.975   -5.436  1.00 30.72  ? 183 SER A CA  1 
ATOM   114  C C   . SER A 1 26  ? -3.251  3.037   -6.545  1.00 34.60  ? 183 SER A C   1 
ATOM   115  O O   . SER A 1 26  ? -4.409  2.612   -6.476  1.00 32.48  ? 183 SER A O   1 
ATOM   116  C CB  . SER A 1 26  ? -2.696  5.406   -5.868  1.00 36.35  ? 183 SER A CB  1 
ATOM   117  O OG  . SER A 1 26  ? -3.918  5.716   -6.511  1.00 46.69  ? 183 SER A OG  1 
ATOM   118  N N   . ARG A 1 27  ? -2.412  2.646   -7.486  1.00 32.00  ? 184 ARG A N   1 
ATOM   119  C CA  . ARG A 1 27  ? -2.812  1.741   -8.586  1.00 34.25  ? 184 ARG A CA  1 
ATOM   120  C C   . ARG A 1 27  ? -3.100  0.374   -8.022  1.00 30.74  ? 184 ARG A C   1 
ATOM   121  O O   . ARG A 1 27  ? -4.118  -0.188  -8.415  1.00 34.02  ? 184 ARG A O   1 
ATOM   122  C CB  . ARG A 1 27  ? -1.721  1.630   -9.637  1.00 33.87  ? 184 ARG A CB  1 
ATOM   123  C CG  . ARG A 1 27  ? -1.599  2.920   -10.397 1.00 35.57  ? 184 ARG A CG  1 
ATOM   124  C CD  . ARG A 1 27  ? -1.108  2.630   -11.768 1.00 45.93  ? 184 ARG A CD  1 
ATOM   125  N NE  . ARG A 1 27  ? -0.957  3.886   -12.453 1.00 49.23  ? 184 ARG A NE  1 
ATOM   126  C CZ  . ARG A 1 27  ? -0.855  4.005   -13.766 1.00 55.52  ? 184 ARG A CZ  1 
ATOM   127  N NH1 . ARG A 1 27  ? -0.881  2.923   -14.530 1.00 47.68  ? 184 ARG A NH1 1 
ATOM   128  N NH2 . ARG A 1 27  ? -0.723  5.206   -14.297 1.00 56.01  ? 184 ARG A NH2 1 
ATOM   129  N N   . TYR A 1 28  ? -2.276  -0.114  -7.102  1.00 28.58  ? 185 TYR A N   1 
ATOM   130  C CA  . TYR A 1 28  ? -2.498  -1.423  -6.497  1.00 28.19  ? 185 TYR A CA  1 
ATOM   131  C C   . TYR A 1 28  ? -3.852  -1.414  -5.770  1.00 31.29  ? 185 TYR A C   1 
ATOM   132  O O   . TYR A 1 28  ? -4.662  -2.334  -6.032  1.00 26.73  ? 185 TYR A O   1 
ATOM   133  C CB  . TYR A 1 28  ? -1.348  -1.856  -5.618  1.00 28.66  ? 185 TYR A CB  1 
ATOM   134  C CG  . TYR A 1 28  ? -1.539  -3.231  -5.076  1.00 28.09  ? 185 TYR A CG  1 
ATOM   135  C CD1 . TYR A 1 28  ? -1.720  -4.311  -5.933  1.00 30.34  ? 185 TYR A CD1 1 
ATOM   136  C CD2 . TYR A 1 28  ? -1.502  -3.466  -3.728  1.00 28.25  ? 185 TYR A CD2 1 
ATOM   137  C CE1 . TYR A 1 28  ? -1.885  -5.582  -5.428  1.00 28.55  ? 185 TYR A CE1 1 
ATOM   138  C CE2 . TYR A 1 28  ? -1.605  -4.735  -3.211  1.00 30.68  ? 185 TYR A CE2 1 
ATOM   139  C CZ  . TYR A 1 28  ? -1.819  -5.795  -4.067  1.00 31.61  ? 185 TYR A CZ  1 
ATOM   140  O OH  . TYR A 1 28  ? -1.980  -7.032  -3.545  1.00 30.39  ? 185 TYR A OH  1 
ATOM   141  N N   . LEU A 1 29  ? -4.076  -0.456  -4.872  1.00 28.30  ? 186 LEU A N   1 
ATOM   142  C CA  . LEU A 1 29  ? -5.318  -0.408  -4.060  1.00 29.95  ? 186 LEU A CA  1 
ATOM   143  C C   . LEU A 1 29  ? -6.549  -0.318  -4.974  1.00 32.71  ? 186 LEU A C   1 
ATOM   144  O O   . LEU A 1 29  ? -7.525  -1.017  -4.703  1.00 34.93  ? 186 LEU A O   1 
ATOM   145  C CB  . LEU A 1 29  ? -5.279  0.746   -3.064  1.00 28.30  ? 186 LEU A CB  1 
ATOM   146  C CG  . LEU A 1 29  ? -4.808  0.312   -1.678  1.00 27.40  ? 186 LEU A CG  1 
ATOM   147  C CD1 . LEU A 1 29  ? -3.513  -0.454  -1.755  1.00 28.09  ? 186 LEU A CD1 1 
ATOM   148  C CD2 . LEU A 1 29  ? -4.717  1.495   -0.721  1.00 32.07  ? 186 LEU A CD2 1 
ATOM   149  N N   . ARG A 1 30  ? -6.495  0.473   -6.027  1.00 33.65  ? 187 ARG A N   1 
ATOM   150  C CA  . ARG A 1 30  ? -7.662  0.647   -6.928  1.00 37.47  ? 187 ARG A CA  1 
ATOM   151  C C   . ARG A 1 30  ? -7.881  -0.646  -7.714  1.00 37.19  ? 187 ARG A C   1 
ATOM   152  O O   . ARG A 1 30  ? -9.053  -1.048  -7.806  1.00 37.01  ? 187 ARG A O   1 
ATOM   153  C CB  . ARG A 1 30  ? -7.468  1.854   -7.838  1.00 37.49  ? 187 ARG A CB  1 
ATOM   154  C CG  . ARG A 1 30  ? -7.542  3.203   -7.132  1.00 52.81  ? 187 ARG A CG  1 
ATOM   155  C CD  . ARG A 1 30  ? -7.430  4.387   -8.088  1.00 59.11  ? 187 ARG A CD  1 
ATOM   156  N NE  . ARG A 1 30  ? -6.092  4.970   -8.164  1.00 65.80  ? 187 ARG A NE  1 
ATOM   157  C CZ  . ARG A 1 30  ? -5.475  5.379   -9.283  1.00 69.28  ? 187 ARG A CZ  1 
ATOM   158  N NH1 . ARG A 1 30  ? -4.256  5.882   -9.220  1.00 59.64  ? 187 ARG A NH1 1 
ATOM   159  N NH2 . ARG A 1 30  ? -6.045  5.251   -10.471 1.00 71.48  ? 187 ARG A NH2 1 
ATOM   160  N N   . GLU A 1 31  ? -6.826  -1.257  -8.277  1.00 37.72  ? 188 GLU A N   1 
ATOM   161  C CA  . GLU A 1 31  ? -6.931  -2.575  -8.995  1.00 40.91  ? 188 GLU A CA  1 
ATOM   162  C C   . GLU A 1 31  ? -7.480  -3.664  -8.064  1.00 40.10  ? 188 GLU A C   1 
ATOM   163  O O   . GLU A 1 31  ? -8.422  -4.427  -8.478  1.00 37.87  ? 188 GLU A O   1 
ATOM   164  C CB  . GLU A 1 31  ? -5.599  -3.067  -9.553  1.00 42.63  ? 188 GLU A CB  1 
ATOM   165  C CG  . GLU A 1 31  ? -5.136  -2.157  -10.658 1.00 53.18  ? 188 GLU A CG  1 
ATOM   166  C CD  . GLU A 1 31  ? -3.843  -2.448  -11.392 1.00 53.71  ? 188 GLU A CD  1 
ATOM   167  O OE1 . GLU A 1 31  ? -3.348  -3.606  -11.283 1.00 50.07  ? 188 GLU A OE1 1 
ATOM   168  O OE2 . GLU A 1 31  ? -3.383  -1.497  -12.122 1.00 51.39  ? 188 GLU A OE2 1 
ATOM   169  N N   . GLN A 1 32  ? -6.959  -3.744  -6.844  1.00 31.06  ? 189 GLN A N   1 
ATOM   170  C CA  . GLN A 1 32  ? -7.464  -4.760  -5.885  1.00 31.24  ? 189 GLN A CA  1 
ATOM   171  C C   . GLN A 1 32  ? -8.956  -4.529  -5.616  1.00 33.74  ? 189 GLN A C   1 
ATOM   172  O O   . GLN A 1 32  ? -9.684  -5.552  -5.538  1.00 36.46  ? 189 GLN A O   1 
ATOM   173  C CB  . GLN A 1 32  ? -6.652  -4.761  -4.605  1.00 33.01  ? 189 GLN A CB  1 
ATOM   174  C CG  . GLN A 1 32  ? -5.258  -5.284  -4.846  1.00 34.02  ? 189 GLN A CG  1 
ATOM   175  C CD  . GLN A 1 32  ? -5.250  -6.783  -4.880  1.00 34.65  ? 189 GLN A CD  1 
ATOM   176  O OE1 . GLN A 1 32  ? -5.495  -7.422  -3.860  1.00 32.62  ? 189 GLN A OE1 1 
ATOM   177  N NE2 . GLN A 1 32  ? -4.867  -7.326  -6.037  1.00 36.22  ? 189 GLN A NE2 1 
ATOM   178  N N   . ALA A 1 33  ? -9.380  -3.280  -5.426  1.00 30.79  ? 190 ALA A N   1 
ATOM   179  C CA  . ALA A 1 33  ? -10.756 -2.946  -4.998  1.00 34.74  ? 190 ALA A CA  1 
ATOM   180  C C   . ALA A 1 33  ? -11.754 -3.241  -6.143  1.00 37.60  ? 190 ALA A C   1 
ATOM   181  O O   . ALA A 1 33  ? -12.799 -3.854  -5.862  1.00 38.82  ? 190 ALA A O   1 
ATOM   182  C CB  . ALA A 1 33  ? -10.836 -1.522  -4.514  1.00 35.45  ? 190 ALA A CB  1 
ATOM   183  N N   . THR A 1 34  ? -11.455 -2.817  -7.376  1.00 38.80  ? 191 THR A N   1 
ATOM   184  C CA  . THR A 1 34  ? -12.382 -2.810  -8.558  1.00 44.07  ? 191 THR A CA  1 
ATOM   185  C C   . THR A 1 34  ? -12.131 -3.989  -9.502  1.00 41.69  ? 191 THR A C   1 
ATOM   186  O O   . THR A 1 34  ? -13.016 -4.271  -10.267 1.00 45.41  ? 191 THR A O   1 
ATOM   187  C CB  . THR A 1 34  ? -12.233 -1.556  -9.436  1.00 44.79  ? 191 THR A CB  1 
ATOM   188  O OG1 . THR A 1 34  ? -10.951 -1.579  -10.081 1.00 42.17  ? 191 THR A OG1 1 
ATOM   189  C CG2 . THR A 1 34  ? -12.404 -0.274  -8.649  1.00 48.07  ? 191 THR A CG2 1 
ATOM   190  N N   . GLY A 1 35  ? -10.953 -4.608  -9.489  1.00 44.47  ? 192 GLY A N   1 
ATOM   191  C CA  . GLY A 1 35  ? -10.540 -5.609  -10.489 1.00 42.90  ? 192 GLY A CA  1 
ATOM   192  C C   . GLY A 1 35  ? -10.077 -4.994  -11.806 1.00 39.57  ? 192 GLY A C   1 
ATOM   193  O O   . GLY A 1 35  ? -9.600  -5.759  -12.625 1.00 44.76  ? 192 GLY A O   1 
ATOM   194  N N   . ALA A 1 36  ? -10.255 -3.691  -12.069 1.00 44.90  ? 193 ALA A N   1 
ATOM   195  C CA  . ALA A 1 36  ? -9.821  -3.085  -13.354 1.00 44.84  ? 193 ALA A CA  1 
ATOM   196  C C   . ALA A 1 36  ? -8.332  -2.725  -13.266 1.00 54.01  ? 193 ALA A C   1 
ATOM   197  O O   . ALA A 1 36  ? -7.926  -2.092  -12.264 1.00 51.31  ? 193 ALA A O   1 
ATOM   198  C CB  . ALA A 1 36  ? -10.652 -1.875  -13.707 1.00 51.55  ? 193 ALA A CB  1 
ATOM   199  N N   . LYS A 1 37  ? -7.551  -3.137  -14.268 1.00 53.10  ? 194 LYS A N   1 
ATOM   200  C CA  . LYS A 1 37  ? -6.091  -2.868  -14.385 1.00 57.51  ? 194 LYS A CA  1 
ATOM   201  C C   . LYS A 1 37  ? -5.913  -1.576  -15.168 1.00 57.61  ? 194 LYS A C   1 
ATOM   202  O O   . LYS A 1 37  ? -6.549  -1.472  -16.220 1.00 61.00  ? 194 LYS A O   1 
ATOM   203  C CB  . LYS A 1 37  ? -5.371  -4.006  -15.109 1.00 53.78  ? 194 LYS A CB  1 
ATOM   204  C CG  . LYS A 1 37  ? -4.589  -4.962  -14.220 1.00 64.19  ? 194 LYS A CG  1 
ATOM   205  C CD  . LYS A 1 37  ? -3.750  -5.974  -14.998 1.00 69.28  ? 194 LYS A CD  1 
ATOM   206  C CE  . LYS A 1 37  ? -3.036  -5.349  -16.184 1.00 71.71  ? 194 LYS A CE  1 
ATOM   207  N NZ  . LYS A 1 37  ? -1.830  -6.111  -16.578 1.00 72.44  ? 194 LYS A NZ  1 
ATOM   208  N N   . ASP A 1 38  ? -5.093  -0.642  -14.683 1.00 58.88  ? 195 ASP A N   1 
ATOM   209  C CA  . ASP A 1 38  ? -4.857  0.659   -15.366 1.00 71.81  ? 195 ASP A CA  1 
ATOM   210  C C   . ASP A 1 38  ? -3.915  0.455   -16.572 1.00 70.78  ? 195 ASP A C   1 
ATOM   211  O O   . ASP A 1 38  ? -2.778  -0.045  -16.372 1.00 58.90  ? 195 ASP A O   1 
ATOM   212  C CB  . ASP A 1 38  ? -4.351  1.725   -14.388 1.00 77.43  ? 195 ASP A CB  1 
ATOM   213  C CG  . ASP A 1 38  ? -4.934  3.097   -14.677 1.00 83.29  ? 195 ASP A CG  1 
ATOM   214  O OD1 . ASP A 1 38  ? -5.590  3.243   -15.732 1.00 90.00  ? 195 ASP A OD1 1 
ATOM   215  O OD2 . ASP A 1 38  ? -4.735  4.009   -13.851 1.00 86.34  ? 195 ASP A OD2 1 
ATOM   216  N N   . THR A 1 39  ? -4.385  0.793   -17.787 1.00 72.51  ? 196 THR A N   1 
ATOM   217  C CA  . THR A 1 39  ? -3.617  0.687   -19.065 1.00 74.74  ? 196 THR A CA  1 
ATOM   218  C C   . THR A 1 39  ? -2.897  2.013   -19.328 1.00 67.90  ? 196 THR A C   1 
ATOM   219  O O   . THR A 1 39  ? -2.055  2.049   -20.235 1.00 60.54  ? 196 THR A O   1 
ATOM   220  C CB  . THR A 1 39  ? -4.481  0.295   -20.283 1.00 72.93  ? 196 THR A CB  1 
ATOM   221  O OG1 . THR A 1 39  ? -5.633  1.136   -20.372 1.00 65.58  ? 196 THR A OG1 1 
ATOM   222  C CG2 . THR A 1 39  ? -4.908  -1.158  -20.253 1.00 72.52  ? 196 THR A CG2 1 
ATOM   223  N N   . LYS A 1 40  ? -3.237  3.061   -18.580 1.00 60.01  ? 197 LYS A N   1 
ATOM   224  C CA  . LYS A 1 40  ? -2.559  4.375   -18.668 1.00 60.77  ? 197 LYS A CA  1 
ATOM   225  C C   . LYS A 1 40  ? -1.095  4.173   -18.261 1.00 64.44  ? 197 LYS A C   1 
ATOM   226  O O   . LYS A 1 40  ? -0.824  3.544   -17.239 1.00 55.47  ? 197 LYS A O   1 
ATOM   227  C CB  . LYS A 1 40  ? -3.356  5.384   -17.837 1.00 64.35  ? 197 LYS A CB  1 
ATOM   228  C CG  . LYS A 1 40  ? -2.599  6.620   -17.377 1.00 72.74  ? 197 LYS A CG  1 
ATOM   229  C CD  . LYS A 1 40  ? -3.255  7.306   -16.201 1.00 82.00  ? 197 LYS A CD  1 
ATOM   230  C CE  . LYS A 1 40  ? -4.556  7.995   -16.561 1.00 86.76  ? 197 LYS A CE  1 
ATOM   231  N NZ  . LYS A 1 40  ? -5.423  8.173   -15.371 1.00 85.24  ? 197 LYS A NZ  1 
ATOM   232  N N   . PRO A 1 41  ? -0.103  4.605   -19.085 1.00 67.87  ? 198 PRO A N   1 
ATOM   233  C CA  . PRO A 1 41  ? 1.318   4.502   -18.729 1.00 63.60  ? 198 PRO A CA  1 
ATOM   234  C C   . PRO A 1 41  ? 1.712   5.117   -17.373 1.00 61.06  ? 198 PRO A C   1 
ATOM   235  O O   . PRO A 1 41  ? 1.101   6.086   -16.925 1.00 50.74  ? 198 PRO A O   1 
ATOM   236  C CB  . PRO A 1 41  ? 2.044   5.329   -19.810 1.00 67.45  ? 198 PRO A CB  1 
ATOM   237  C CG  . PRO A 1 41  ? 1.095   5.416   -20.986 1.00 61.24  ? 198 PRO A CG  1 
ATOM   238  C CD  . PRO A 1 41  ? -0.295  5.180   -20.432 1.00 69.21  ? 198 PRO A CD  1 
ATOM   239  N N   . MET A 1 42  ? 2.748   4.556   -16.754 1.00 62.38  ? 199 MET A N   1 
ATOM   240  C CA  . MET A 1 42  ? 3.371   5.101   -15.520 1.00 67.46  ? 199 MET A CA  1 
ATOM   241  C C   . MET A 1 42  ? 4.128   6.378   -15.910 1.00 67.58  ? 199 MET A C   1 
ATOM   242  O O   . MET A 1 42  ? 4.476   6.483   -17.088 1.00 70.24  ? 199 MET A O   1 
ATOM   243  C CB  . MET A 1 42  ? 4.352   4.089   -14.918 1.00 66.80  ? 199 MET A CB  1 
ATOM   244  C CG  . MET A 1 42  ? 3.716   2.767   -14.539 1.00 71.21  ? 199 MET A CG  1 
ATOM   245  S SD  . MET A 1 42  ? 2.551   2.906   -13.153 1.00 75.01  ? 199 MET A SD  1 
ATOM   246  C CE  . MET A 1 42  ? 1.809   1.277   -13.236 1.00 87.62  ? 199 MET A CE  1 
ATOM   247  N N   . GLY A 1 43  ? 4.396   7.295   -14.973 1.00 64.11  ? 200 GLY A N   1 
ATOM   248  C CA  . GLY A 1 43  ? 5.194   8.510   -15.243 1.00 64.87  ? 200 GLY A CA  1 
ATOM   249  C C   . GLY A 1 43  ? 6.688   8.214   -15.387 1.00 69.12  ? 200 GLY A C   1 
ATOM   250  O O   . GLY A 1 43  ? 7.065   7.106   -15.864 1.00 68.83  ? 200 GLY A O   1 
ATOM   251  N N   . ARG A 1 44  ? 7.533   9.174   -15.000 1.00 68.60  ? 201 ARG A N   1 
ATOM   252  C CA  . ARG A 1 44  ? 9.009   8.992   -14.907 1.00 69.88  ? 201 ARG A CA  1 
ATOM   253  C C   . ARG A 1 44  ? 9.329   7.713   -14.103 1.00 60.09  ? 201 ARG A C   1 
ATOM   254  O O   . ARG A 1 44  ? 8.666   7.450   -13.085 1.00 66.73  ? 201 ARG A O   1 
ATOM   255  C CB  . ARG A 1 44  ? 9.649   10.237  -14.276 1.00 66.36  ? 201 ARG A CB  1 
ATOM   256  N N   . SER A 1 45  ? 10.327  6.948   -14.544 1.00 56.96  ? 202 SER A N   1 
ATOM   257  C CA  . SER A 1 45  ? 10.787  5.672   -13.934 1.00 62.62  ? 202 SER A CA  1 
ATOM   258  C C   . SER A 1 45  ? 9.714   4.586   -14.151 1.00 60.34  ? 202 SER A C   1 
ATOM   259  O O   . SER A 1 45  ? 9.453   3.798   -13.218 1.00 50.73  ? 202 SER A O   1 
ATOM   260  C CB  . SER A 1 45  ? 11.159  5.875   -12.461 1.00 70.86  ? 202 SER A CB  1 
ATOM   261  O OG  . SER A 1 45  ? 12.335  5.144   -12.102 1.00 74.97  ? 202 SER A OG  1 
ATOM   262  N N   . GLY A 1 46  ? 9.141   4.538   -15.361 1.00 60.70  ? 203 GLY A N   1 
ATOM   263  C CA  . GLY A 1 46  ? 8.091   3.584   -15.778 1.00 62.14  ? 203 GLY A CA  1 
ATOM   264  C C   . GLY A 1 46  ? 8.471   2.120   -15.566 1.00 55.65  ? 203 GLY A C   1 
ATOM   265  O O   . GLY A 1 46  ? 7.673   1.392   -14.939 1.00 55.65  ? 203 GLY A O   1 
ATOM   266  N N   . ALA A 1 47  ? 9.617   1.684   -16.098 0.75 50.63  ? 204 ALA A N   1 
ATOM   267  C CA  . ALA A 1 47  ? 10.128  0.295   -15.987 0.75 45.54  ? 204 ALA A CA  1 
ATOM   268  C C   . ALA A 1 47  ? 10.011  -0.172  -14.530 0.75 42.92  ? 204 ALA A C   1 
ATOM   269  O O   . ALA A 1 47  ? 9.433   -1.265  -14.254 0.75 39.18  ? 204 ALA A O   1 
ATOM   270  C CB  . ALA A 1 47  ? 11.566  0.241   -16.434 0.75 45.37  ? 204 ALA A CB  1 
ATOM   271  N N   . THR A 1 48  ? 10.539  0.642   -13.612 1.00 40.65  ? 205 THR A N   1 
ATOM   272  C CA  . THR A 1 48  ? 10.578  0.306   -12.169 1.00 41.36  ? 205 THR A CA  1 
ATOM   273  C C   . THR A 1 48  ? 9.169   0.242   -11.589 1.00 37.50  ? 205 THR A C   1 
ATOM   274  O O   . THR A 1 48  ? 8.922   -0.713  -10.810 1.00 40.16  ? 205 THR A O   1 
ATOM   275  C CB  . THR A 1 48  ? 11.430  1.297   -11.387 1.00 47.16  ? 205 THR A CB  1 
ATOM   276  O OG1 . THR A 1 48  ? 12.739  1.025   -11.880 1.00 50.14  ? 205 THR A OG1 1 
ATOM   277  C CG2 . THR A 1 48  ? 11.314  1.114   -9.886  1.00 48.05  ? 205 THR A CG2 1 
ATOM   278  N N   . SER A 1 49  ? 8.303   1.206   -11.908 1.00 35.06  ? 206 SER A N   1 
ATOM   279  C CA  . SER A 1 49  ? 6.935   1.262   -11.345 1.00 38.75  ? 206 SER A CA  1 
ATOM   280  C C   . SER A 1 49  ? 6.101   0.076   -11.850 1.00 38.92  ? 206 SER A C   1 
ATOM   281  O O   . SER A 1 49  ? 5.309   -0.447  -11.072 1.00 38.41  ? 206 SER A O   1 
ATOM   282  C CB  . SER A 1 49  ? 6.267   2.540   -11.647 1.00 39.38  ? 206 SER A CB  1 
ATOM   283  O OG  . SER A 1 49  ? 6.943   3.618   -11.018 1.00 41.93  ? 206 SER A OG  1 
ATOM   284  N N   . ARG A 1 50  ? 6.300   -0.362  -13.091 1.00 39.49  ? 207 ARG A N   1 
ATOM   285  C CA  . ARG A 1 50  ? 5.533   -1.508  -13.655 1.00 36.98  ? 207 ARG A CA  1 
ATOM   286  C C   . ARG A 1 50  ? 5.936   -2.783  -12.938 1.00 36.08  ? 207 ARG A C   1 
ATOM   287  O O   . ARG A 1 50  ? 5.022   -3.541  -12.542 1.00 40.83  ? 207 ARG A O   1 
ATOM   288  C CB  . ARG A 1 50  ? 5.773   -1.645  -15.160 1.00 44.07  ? 207 ARG A CB  1 
ATOM   289  C CG  . ARG A 1 50  ? 5.058   -0.586  -15.972 1.00 46.24  ? 207 ARG A CG  1 
ATOM   290  C CD  . ARG A 1 50  ? 5.192   -0.865  -17.467 1.00 56.97  ? 207 ARG A CD  1 
ATOM   291  N NE  . ARG A 1 50  ? 5.105   0.412   -18.162 0.75 62.80  ? 207 ARG A NE  1 
ATOM   292  C CZ  . ARG A 1 50  ? 6.132   1.231   -18.363 0.75 60.39  ? 207 ARG A CZ  1 
ATOM   293  N NH1 . ARG A 1 50  ? 5.936   2.388   -18.973 0.75 62.02  ? 207 ARG A NH1 1 
ATOM   294  N NH2 . ARG A 1 50  ? 7.346   0.889   -17.963 0.75 60.57  ? 207 ARG A NH2 1 
ATOM   295  N N   . LYS A 1 51  ? 7.236   -3.029  -12.823 1.00 32.87  ? 208 LYS A N   1 
ATOM   296  C CA  . LYS A 1 51  ? 7.818   -4.202  -12.134 1.00 41.20  ? 208 LYS A CA  1 
ATOM   297  C C   . LYS A 1 51  ? 7.353   -4.224  -10.676 1.00 36.27  ? 208 LYS A C   1 
ATOM   298  O O   . LYS A 1 51  ? 7.180   -5.340  -10.105 1.00 38.02  ? 208 LYS A O   1 
ATOM   299  C CB  . LYS A 1 51  ? 9.352   -4.134  -12.149 1.00 44.77  ? 208 LYS A CB  1 
ATOM   300  C CG  . LYS A 1 51  ? 10.019  -4.368  -13.496 1.00 57.57  ? 208 LYS A CG  1 
ATOM   301  C CD  . LYS A 1 51  ? 10.658  -5.733  -13.637 1.00 66.42  ? 208 LYS A CD  1 
ATOM   302  C CE  . LYS A 1 51  ? 11.535  -5.836  -14.868 1.00 75.41  ? 208 LYS A CE  1 
ATOM   303  N NZ  . LYS A 1 51  ? 11.561  -7.222  -15.394 1.00 78.20  ? 208 LYS A NZ  1 
ATOM   304  N N   . ALA A 1 52  ? 7.320   -3.046  -10.047 1.00 33.90  ? 209 ALA A N   1 
ATOM   305  C CA  . ALA A 1 52  ? 6.939   -2.901  -8.622  1.00 34.24  ? 209 ALA A CA  1 
ATOM   306  C C   . ALA A 1 52  ? 5.491   -3.358  -8.458  1.00 30.88  ? 209 ALA A C   1 
ATOM   307  O O   . ALA A 1 52  ? 5.198   -4.152  -7.587  1.00 32.31  ? 209 ALA A O   1 
ATOM   308  C CB  . ALA A 1 52  ? 7.109   -1.453  -8.196  1.00 29.54  ? 209 ALA A CB  1 
ATOM   309  N N   . LEU A 1 53  ? 4.622   -2.840  -9.303  1.00 27.37  ? 210 LEU A N   1 
ATOM   310  C CA  . LEU A 1 53  ? 3.193   -3.192  -9.322  1.00 35.04  ? 210 LEU A CA  1 
ATOM   311  C C   . LEU A 1 53  ? 2.998   -4.676  -9.667  1.00 36.36  ? 210 LEU A C   1 
ATOM   312  O O   . LEU A 1 53  ? 2.162   -5.293  -8.997  1.00 31.63  ? 210 LEU A O   1 
ATOM   313  C CB  . LEU A 1 53  ? 2.523   -2.276  -10.338 1.00 38.09  ? 210 LEU A CB  1 
ATOM   314  C CG  . LEU A 1 53  ? 1.007   -2.314  -10.361 1.00 43.19  ? 210 LEU A CG  1 
ATOM   315  C CD1 . LEU A 1 53  ? 0.441   -2.070  -8.971  1.00 46.75  ? 210 LEU A CD1 1 
ATOM   316  C CD2 . LEU A 1 53  ? 0.469   -1.300  -11.355 1.00 42.98  ? 210 LEU A CD2 1 
ATOM   317  N N   . GLU A 1 54  ? 3.783   -5.248  -10.597 1.00 38.16  ? 211 GLU A N   1 
ATOM   318  C CA  . GLU A 1 54  ? 3.750   -6.707  -10.923 1.00 36.20  ? 211 GLU A CA  1 
ATOM   319  C C   . GLU A 1 54  ? 4.166   -7.482  -9.676  1.00 35.40  ? 211 GLU A C   1 
ATOM   320  O O   . GLU A 1 54  ? 3.525   -8.512  -9.352  1.00 33.71  ? 211 GLU A O   1 
ATOM   321  C CB  . GLU A 1 54  ? 4.699   -7.161  -12.058 1.00 41.23  ? 211 GLU A CB  1 
ATOM   322  C CG  . GLU A 1 54  ? 4.358   -6.631  -13.447 0.75 45.12  ? 211 GLU A CG  1 
ATOM   323  C CD  . GLU A 1 54  ? 5.474   -6.560  -14.504 0.50 45.81  ? 211 GLU A CD  1 
ATOM   324  O OE1 . GLU A 1 54  ? 6.539   -7.220  -14.351 0.50 46.25  ? 211 GLU A OE1 1 
ATOM   325  O OE2 . GLU A 1 54  ? 5.274   -5.838  -15.503 0.50 44.39  ? 211 GLU A OE2 1 
ATOM   326  N N   . THR A 1 55  ? 5.201   -7.013  -8.977  1.00 29.44  ? 212 THR A N   1 
ATOM   327  C CA  . THR A 1 55  ? 5.669   -7.654  -7.735  1.00 29.97  ? 212 THR A CA  1 
ATOM   328  C C   . THR A 1 55  ? 4.527   -7.669  -6.715  1.00 27.14  ? 212 THR A C   1 
ATOM   329  O O   . THR A 1 55  ? 4.392   -8.684  -6.053  1.00 31.10  ? 212 THR A O   1 
ATOM   330  C CB  . THR A 1 55  ? 6.938   -6.980  -7.213  1.00 31.90  ? 212 THR A CB  1 
ATOM   331  O OG1 . THR A 1 55  ? 7.894   -7.030  -8.258  1.00 36.46  ? 212 THR A OG1 1 
ATOM   332  C CG2 . THR A 1 55  ? 7.540   -7.654  -6.005  1.00 34.40  ? 212 THR A CG2 1 
ATOM   333  N N   . LEU A 1 56  ? 3.822   -6.550  -6.552  1.00 30.68  ? 213 LEU A N   1 
ATOM   334  C CA  . LEU A 1 56  ? 2.735   -6.377  -5.559  1.00 32.09  ? 213 LEU A CA  1 
ATOM   335  C C   . LEU A 1 56  ? 1.580   -7.315  -5.890  1.00 35.64  ? 213 LEU A C   1 
ATOM   336  O O   . LEU A 1 56  ? 1.079   -7.991  -4.953  1.00 42.42  ? 213 LEU A O   1 
ATOM   337  C CB  . LEU A 1 56  ? 2.266   -4.917  -5.557  1.00 34.26  ? 213 LEU A CB  1 
ATOM   338  C CG  . LEU A 1 56  ? 2.925   -3.999  -4.536  1.00 32.43  ? 213 LEU A CG  1 
ATOM   339  C CD1 . LEU A 1 56  ? 2.363   -2.598  -4.651  1.00 32.77  ? 213 LEU A CD1 1 
ATOM   340  C CD2 . LEU A 1 56  ? 2.737   -4.516  -3.119  1.00 31.86  ? 213 LEU A CD2 1 
ATOM   341  N N   . ARG A 1 57  ? 1.222   -7.436  -7.163  1.00 34.66  ? 214 ARG A N   1 
ATOM   342  C CA  . ARG A 1 57  ? 0.175   -8.399  -7.582  1.00 35.97  ? 214 ARG A CA  1 
ATOM   343  C C   . ARG A 1 57  ? 0.585   -9.806  -7.154  1.00 41.94  ? 214 ARG A C   1 
ATOM   344  O O   . ARG A 1 57  ? -0.320  -10.591 -6.831  1.00 45.39  ? 214 ARG A O   1 
ATOM   345  C CB  . ARG A 1 57  ? -0.107  -8.406  -9.077  1.00 35.33  ? 214 ARG A CB  1 
ATOM   346  C CG  . ARG A 1 57  ? -0.634  -7.091  -9.614  1.00 39.65  ? 214 ARG A CG  1 
ATOM   347  C CD  . ARG A 1 57  ? -0.770  -7.238  -11.099 1.00 37.66  ? 214 ARG A CD  1 
ATOM   348  N NE  . ARG A 1 57  ? -1.326  -6.023  -11.601 1.00 36.89  ? 214 ARG A NE  1 
ATOM   349  C CZ  . ARG A 1 57  ? -0.757  -5.215  -12.484 1.00 41.56  ? 214 ARG A CZ  1 
ATOM   350  N NH1 . ARG A 1 57  ? 0.403   -5.513  -13.037 1.00 47.91  ? 214 ARG A NH1 1 
ATOM   351  N NH2 . ARG A 1 57  ? -1.366  -4.097  -12.810 1.00 38.43  ? 214 ARG A NH2 1 
ATOM   352  N N   . ARG A 1 58  ? 1.864   -10.152 -7.137  1.00 33.44  ? 215 ARG A N   1 
ATOM   353  C CA  . ARG A 1 58  ? 2.247   -11.514 -6.728  1.00 33.54  ? 215 ARG A CA  1 
ATOM   354  C C   . ARG A 1 58  ? 2.344   -11.567 -5.206  1.00 34.24  ? 215 ARG A C   1 
ATOM   355  O O   . ARG A 1 58  ? 1.668   -12.365 -4.587  1.00 31.94  ? 215 ARG A O   1 
ATOM   356  C CB  . ARG A 1 58  ? 3.540   -11.932 -7.416  1.00 38.46  ? 215 ARG A CB  1 
ATOM   357  C CG  . ARG A 1 58  ? 3.951   -13.354 -7.072  1.00 49.36  ? 215 ARG A CG  1 
ATOM   358  C CD  . ARG A 1 58  ? 5.057   -13.909 -7.945  1.00 54.33  ? 215 ARG A CD  1 
ATOM   359  N NE  . ARG A 1 58  ? 6.320   -13.418 -7.411  1.00 56.93  ? 215 ARG A NE  1 
ATOM   360  C CZ  . ARG A 1 58  ? 6.965   -12.347 -7.845  1.00 57.31  ? 215 ARG A CZ  1 
ATOM   361  N NH1 . ARG A 1 58  ? 6.487   -11.656 -8.867  1.00 61.09  ? 215 ARG A NH1 1 
ATOM   362  N NH2 . ARG A 1 58  ? 8.092   -11.972 -7.264  1.00 54.40  ? 215 ARG A NH2 1 
ATOM   363  N N   . VAL A 1 59  ? 3.196   -10.738 -4.609  1.00 27.24  ? 216 VAL A N   1 
ATOM   364  C CA  . VAL A 1 59  ? 3.552   -10.892 -3.185  1.00 30.77  ? 216 VAL A CA  1 
ATOM   365  C C   . VAL A 1 59  ? 2.355   -10.395 -2.371  1.00 26.93  ? 216 VAL A C   1 
ATOM   366  O O   . VAL A 1 59  ? 2.059   -11.079 -1.389  1.00 28.36  ? 216 VAL A O   1 
ATOM   367  C CB  . VAL A 1 59  ? 4.876   -10.177 -2.860  1.00 31.41  ? 216 VAL A CB  1 
ATOM   368  C CG1 . VAL A 1 59  ? 5.229   -10.374 -1.392  1.00 33.02  ? 216 VAL A CG1 1 
ATOM   369  C CG2 . VAL A 1 59  ? 6.008   -10.657 -3.773  1.00 31.30  ? 216 VAL A CG2 1 
ATOM   370  N N   . GLY A 1 60  ? 1.727   -9.281  -2.778  1.00 30.12  ? 217 GLY A N   1 
ATOM   371  C CA  . GLY A 1 60  ? 0.610   -8.618  -2.071  1.00 31.58  ? 217 GLY A CA  1 
ATOM   372  C C   . GLY A 1 60  ? -0.634  -9.498  -2.051  1.00 35.38  ? 217 GLY A C   1 
ATOM   373  O O   . GLY A 1 60  ? -1.237  -9.615  -1.012  1.00 27.78  ? 217 GLY A O   1 
ATOM   374  N N   . ASP A 1 61  ? -0.995  -10.087 -3.195  1.00 33.25  ? 218 ASP A N   1 
ATOM   375  C CA  . ASP A 1 61  ? -2.106  -11.070 -3.292  1.00 34.90  ? 218 ASP A CA  1 
ATOM   376  C C   . ASP A 1 61  ? -1.783  -12.258 -2.394  1.00 29.93  ? 218 ASP A C   1 
ATOM   377  O O   . ASP A 1 61  ? -2.686  -12.691 -1.659  1.00 29.60  ? 218 ASP A O   1 
ATOM   378  C CB  . ASP A 1 61  ? -2.390  -11.441 -4.756  1.00 38.59  ? 218 ASP A CB  1 
ATOM   379  C CG  . ASP A 1 61  ? -3.027  -10.323 -5.589  1.00 52.13  ? 218 ASP A CG  1 
ATOM   380  O OD1 . ASP A 1 61  ? -2.802  -9.118  -5.269  1.00 55.55  ? 218 ASP A OD1 1 
ATOM   381  O OD2 . ASP A 1 61  ? -3.727  -10.658 -6.595  1.00 59.64  ? 218 ASP A OD2 1 
ATOM   382  N N   . GLY A 1 62  ? -0.529  -12.725 -2.395  1.00 28.62  ? 219 GLY A N   1 
ATOM   383  C CA  . GLY A 1 62  ? -0.043  -13.844 -1.566  1.00 33.52  ? 219 GLY A CA  1 
ATOM   384  C C   . GLY A 1 62  ? -0.234  -13.580 -0.074  1.00 30.39  ? 219 GLY A C   1 
ATOM   385  O O   . GLY A 1 62  ? -0.693  -14.482 0.660   1.00 30.60  ? 219 GLY A O   1 
ATOM   386  N N   . VAL A 1 63  ? 0.103   -12.366 0.391   1.00 28.86  ? 220 VAL A N   1 
ATOM   387  C CA  . VAL A 1 63  ? -0.070  -12.039 1.816   1.00 25.80  ? 220 VAL A CA  1 
ATOM   388  C C   . VAL A 1 63  ? -1.551  -12.078 2.180   1.00 20.65  ? 220 VAL A C   1 
ATOM   389  O O   . VAL A 1 63  ? -1.868  -12.663 3.185   1.00 27.22  ? 220 VAL A O   1 
ATOM   390  C CB  . VAL A 1 63  ? 0.587   -10.705 2.213   1.00 26.33  ? 220 VAL A CB  1 
ATOM   391  C CG1 . VAL A 1 63  ? 0.240   -10.408 3.640   1.00 27.75  ? 220 VAL A CG1 1 
ATOM   392  C CG2 . VAL A 1 63  ? 2.084   -10.783 2.044   1.00 27.59  ? 220 VAL A CG2 1 
ATOM   393  N N   . GLN A 1 64  ? -2.404  -11.465 1.404   1.00 24.74  ? 221 GLN A N   1 
ATOM   394  C CA  . GLN A 1 64  ? -3.853  -11.386 1.683   1.00 26.42  ? 221 GLN A CA  1 
ATOM   395  C C   . GLN A 1 64  ? -4.476  -12.791 1.684   1.00 29.64  ? 221 GLN A C   1 
ATOM   396  O O   . GLN A 1 64  ? -5.303  -13.056 2.523   1.00 30.06  ? 221 GLN A O   1 
ATOM   397  C CB  . GLN A 1 64  ? -4.556  -10.545 0.634   1.00 25.88  ? 221 GLN A CB  1 
ATOM   398  C CG  . GLN A 1 64  ? -4.257  -9.049  0.707   1.00 30.66  ? 221 GLN A CG  1 
ATOM   399  C CD  . GLN A 1 64  ? -4.989  -8.312  -0.386  1.00 32.12  ? 221 GLN A CD  1 
ATOM   400  O OE1 . GLN A 1 64  ? -6.172  -7.999  -0.262  1.00 35.26  ? 221 GLN A OE1 1 
ATOM   401  N NE2 . GLN A 1 64  ? -4.267  -7.943  -1.439  1.00 31.34  ? 221 GLN A NE2 1 
ATOM   402  N N   . ARG A 1 65  ? -4.061  -13.654 0.786   1.00 28.81  ? 222 ARG A N   1 
ATOM   403  C CA  . ARG A 1 65  ? -4.655  -15.025 0.670   1.00 30.58  ? 222 ARG A CA  1 
ATOM   404  C C   . ARG A 1 65  ? -4.146  -15.868 1.836   1.00 32.23  ? 222 ARG A C   1 
ATOM   405  O O   . ARG A 1 65  ? -4.969  -16.476 2.571   1.00 29.27  ? 222 ARG A O   1 
ATOM   406  C CB  . ARG A 1 65  ? -4.289  -15.544 -0.714  1.00 33.06  ? 222 ARG A CB  1 
ATOM   407  C CG  . ARG A 1 65  ? -4.438  -17.039 -0.921  1.00 38.66  ? 222 ARG A CG  1 
ATOM   408  C CD  . ARG A 1 65  ? -4.146  -17.309 -2.382  1.00 43.29  ? 222 ARG A CD  1 
ATOM   409  N NE  . ARG A 1 65  ? -2.724  -17.354 -2.633  1.00 41.00  ? 222 ARG A NE  1 
ATOM   410  C CZ  . ARG A 1 65  ? -2.017  -16.539 -3.415  1.00 38.51  ? 222 ARG A CZ  1 
ATOM   411  N NH1 . ARG A 1 65  ? -2.582  -15.579 -4.118  1.00 42.17  ? 222 ARG A NH1 1 
ATOM   412  N NH2 . ARG A 1 65  ? -0.723  -16.749 -3.544  1.00 39.93  ? 222 ARG A NH2 1 
ATOM   413  N N   . ASN A 1 66  ? -2.823  -15.836 2.071   1.00 27.44  ? 223 ASN A N   1 
ATOM   414  C CA  . ASN A 1 66  ? -2.140  -16.690 3.058   1.00 26.42  ? 223 ASN A CA  1 
ATOM   415  C C   . ASN A 1 66  ? -2.538  -16.321 4.477   1.00 26.00  ? 223 ASN A C   1 
ATOM   416  O O   . ASN A 1 66  ? -2.522  -17.207 5.329   1.00 27.18  ? 223 ASN A O   1 
ATOM   417  C CB  . ASN A 1 66  ? -0.630  -16.666 2.909   1.00 27.91  ? 223 ASN A CB  1 
ATOM   418  C CG  . ASN A 1 66  ? -0.184  -17.493 1.744   1.00 32.42  ? 223 ASN A CG  1 
ATOM   419  O OD1 . ASN A 1 66  ? -0.964  -18.295 1.220   1.00 32.15  ? 223 ASN A OD1 1 
ATOM   420  N ND2 . ASN A 1 66  ? 1.014   -17.205 1.285   1.00 34.65  ? 223 ASN A ND2 1 
ATOM   421  N N   . HIS A 1 67  ? -2.831  -15.051 4.742   1.00 29.32  ? 224 HIS A N   1 
ATOM   422  C CA  . HIS A 1 67  ? -3.057  -14.526 6.104   1.00 26.61  ? 224 HIS A CA  1 
ATOM   423  C C   . HIS A 1 67  ? -4.443  -13.898 6.191   1.00 28.95  ? 224 HIS A C   1 
ATOM   424  O O   . HIS A 1 67  ? -4.621  -12.966 6.965   1.00 25.54  ? 224 HIS A O   1 
ATOM   425  C CB  . HIS A 1 67  ? -1.898  -13.572 6.469   1.00 28.84  ? 224 HIS A CB  1 
ATOM   426  C CG  . HIS A 1 67  ? -0.610  -14.300 6.540   1.00 23.69  ? 224 HIS A CG  1 
ATOM   427  N ND1 . HIS A 1 67  ? 0.323   -14.190 5.560   1.00 28.51  ? 224 HIS A ND1 1 
ATOM   428  C CD2 . HIS A 1 67  ? -0.121  -15.143 7.459   1.00 23.49  ? 224 HIS A CD2 1 
ATOM   429  C CE1 . HIS A 1 67  ? 1.332   -14.965 5.845   1.00 24.00  ? 224 HIS A CE1 1 
ATOM   430  N NE2 . HIS A 1 67  ? 1.112   -15.539 7.032   1.00 29.76  ? 224 HIS A NE2 1 
ATOM   431  N N   . GLU A 1 68  ? -5.424  -14.449 5.463   1.00 25.24  ? 225 GLU A N   1 
ATOM   432  C CA  . GLU A 1 68  ? -6.788  -13.880 5.378   1.00 31.73  ? 225 GLU A CA  1 
ATOM   433  C C   . GLU A 1 68  ? -7.367  -13.709 6.779   1.00 28.29  ? 225 GLU A C   1 
ATOM   434  O O   . GLU A 1 68  ? -7.995  -12.687 7.045   1.00 30.11  ? 225 GLU A O   1 
ATOM   435  C CB  . GLU A 1 68  ? -7.702  -14.778 4.524   1.00 34.05  ? 225 GLU A CB  1 
ATOM   436  C CG  . GLU A 1 68  ? -9.094  -14.188 4.302   1.00 38.07  ? 225 GLU A CG  1 
ATOM   437  C CD  . GLU A 1 68  ? -10.024 -15.199 3.637   0.75 46.94  ? 225 GLU A CD  1 
ATOM   438  O OE1 . GLU A 1 68  ? -9.523  -16.210 3.096   0.75 43.73  ? 225 GLU A OE1 1 
ATOM   439  O OE2 . GLU A 1 68  ? -11.247 -14.997 3.690   0.75 54.89  ? 225 GLU A OE2 1 
ATOM   440  N N   . THR A 1 69  ? -7.191  -14.709 7.620   1.00 30.35  ? 226 THR A N   1 
ATOM   441  C CA  . THR A 1 69  ? -7.823  -14.756 8.950   1.00 32.83  ? 226 THR A CA  1 
ATOM   442  C C   . THR A 1 69  ? -7.285  -13.631 9.839   1.00 31.42  ? 226 THR A C   1 
ATOM   443  O O   . THR A 1 69  ? -8.095  -12.964 10.490  1.00 28.45  ? 226 THR A O   1 
ATOM   444  C CB  . THR A 1 69  ? -7.583  -16.131 9.564   1.00 37.72  ? 226 THR A CB  1 
ATOM   445  O OG1 . THR A 1 69  ? -8.147  -17.049 8.631   1.00 41.87  ? 226 THR A OG1 1 
ATOM   446  C CG2 . THR A 1 69  ? -8.251  -16.250 10.907  1.00 41.72  ? 226 THR A CG2 1 
ATOM   447  N N   . ALA A 1 70  ? -5.961  -13.434 9.862   1.00 30.14  ? 227 ALA A N   1 
ATOM   448  C CA  . ALA A 1 70  ? -5.286  -12.353 10.634  1.00 30.68  ? 227 ALA A CA  1 
ATOM   449  C C   . ALA A 1 70  ? -5.711  -10.988 10.087  1.00 31.40  ? 227 ALA A C   1 
ATOM   450  O O   . ALA A 1 70  ? -6.031  -10.082 10.880  1.00 29.57  ? 227 ALA A O   1 
ATOM   451  C CB  . ALA A 1 70  ? -3.786  -12.548 10.560  1.00 30.18  ? 227 ALA A CB  1 
ATOM   452  N N   . PHE A 1 71  ? -5.746  -10.809 8.759   1.00 29.78  ? 228 PHE A N   1 
ATOM   453  C CA  . PHE A 1 71  ? -6.248  -9.561  8.135   1.00 29.36  ? 228 PHE A CA  1 
ATOM   454  C C   . PHE A 1 71  ? -7.722  -9.310  8.517   1.00 31.80  ? 228 PHE A C   1 
ATOM   455  O O   . PHE A 1 71  ? -8.062  -8.148  8.915   1.00 29.73  ? 228 PHE A O   1 
ATOM   456  C CB  . PHE A 1 71  ? -6.042  -9.593  6.621   1.00 30.99  ? 228 PHE A CB  1 
ATOM   457  C CG  . PHE A 1 71  ? -4.666  -9.144  6.191   1.00 28.45  ? 228 PHE A CG  1 
ATOM   458  C CD1 . PHE A 1 71  ? -3.621  -9.079  7.103   1.00 27.37  ? 228 PHE A CD1 1 
ATOM   459  C CD2 . PHE A 1 71  ? -4.454  -8.671  4.911   1.00 27.41  ? 228 PHE A CD2 1 
ATOM   460  C CE1 . PHE A 1 71  ? -2.370  -8.636  6.709   1.00 26.14  ? 228 PHE A CE1 1 
ATOM   461  C CE2 . PHE A 1 71  ? -3.187  -8.237  4.519   1.00 29.05  ? 228 PHE A CE2 1 
ATOM   462  C CZ  . PHE A 1 71  ? -2.153  -8.227  5.422   1.00 27.80  ? 228 PHE A CZ  1 
ATOM   463  N N   . GLN A 1 72  ? -8.578  -10.345 8.460   1.00 30.37  ? 229 GLN A N   1 
ATOM   464  C CA  . GLN A 1 72  ? -10.023 -10.167 8.783   1.00 31.79  ? 229 GLN A CA  1 
ATOM   465  C C   . GLN A 1 72  ? -10.163 -9.791  10.255  1.00 30.80  ? 229 GLN A C   1 
ATOM   466  O O   . GLN A 1 72  ? -11.034 -8.932  10.531  1.00 35.98  ? 229 GLN A O   1 
ATOM   467  C CB  . GLN A 1 72  ? -10.863 -11.400 8.472   1.00 34.80  ? 229 GLN A CB  1 
ATOM   468  C CG  . GLN A 1 72  ? -12.355 -11.123 8.523   1.00 38.61  ? 229 GLN A CG  1 
ATOM   469  C CD  . GLN A 1 72  ? -12.838 -10.204 7.427   1.00 44.08  ? 229 GLN A CD  1 
ATOM   470  O OE1 . GLN A 1 72  ? -12.396 -10.278 6.279   1.00 57.95  ? 229 GLN A OE1 1 
ATOM   471  N NE2 . GLN A 1 72  ? -13.760 -9.322  7.787   1.00 56.62  ? 229 GLN A NE2 1 
ATOM   472  N N   . GLY A 1 73  ? -9.391  -10.434 11.120  1.00 33.04  ? 230 GLY A N   1 
ATOM   473  C CA  . GLY A 1 73  ? -9.346  -10.162 12.573  1.00 40.28  ? 230 GLY A CA  1 
ATOM   474  C C   . GLY A 1 73  ? -9.019  -8.716  12.847  1.00 39.06  ? 230 GLY A C   1 
ATOM   475  O O   . GLY A 1 73  ? -9.711  -8.064  13.661  1.00 36.94  ? 230 GLY A O   1 
ATOM   476  N N   . MET A 1 74  ? -8.055  -8.165  12.114  1.00 36.98  ? 231 MET A N   1 
ATOM   477  C CA  . MET A 1 74  ? -7.600  -6.778  12.344  1.00 34.72  ? 231 MET A CA  1 
ATOM   478  C C   . MET A 1 74  ? -8.648  -5.805  11.789  1.00 34.82  ? 231 MET A C   1 
ATOM   479  O O   . MET A 1 74  ? -8.955  -4.779  12.468  1.00 37.10  ? 231 MET A O   1 
ATOM   480  C CB  . MET A 1 74  ? -6.215  -6.555  11.708  1.00 35.41  ? 231 MET A CB  1 
ATOM   481  C CG  . MET A 1 74  ? -5.722  -5.094  11.799  1.00 35.71  ? 231 MET A CG  1 
ATOM   482  S SD  . MET A 1 74  ? -5.452  -4.605  13.529  1.00 39.55  ? 231 MET A SD  1 
ATOM   483  C CE  . MET A 1 74  ? -4.210  -5.754  14.092  1.00 37.42  ? 231 MET A CE  1 
ATOM   484  N N   . LEU A 1 75  ? -9.180  -6.082  10.598  1.00 33.20  ? 232 LEU A N   1 
ATOM   485  C CA  . LEU A 1 75  ? -10.222 -5.267  9.973   1.00 37.17  ? 232 LEU A CA  1 
ATOM   486  C C   . LEU A 1 75  ? -11.387 -5.157  10.961  1.00 40.17  ? 232 LEU A C   1 
ATOM   487  O O   . LEU A 1 75  ? -11.896 -4.051  11.117  1.00 40.55  ? 232 LEU A O   1 
ATOM   488  C CB  . LEU A 1 75  ? -10.657 -5.897  8.652   1.00 39.43  ? 232 LEU A CB  1 
ATOM   489  C CG  . LEU A 1 75  ? -11.608 -5.045  7.815   1.00 43.80  ? 232 LEU A CG  1 
ATOM   490  C CD1 . LEU A 1 75  ? -11.036 -3.672  7.515   1.00 46.91  ? 232 LEU A CD1 1 
ATOM   491  C CD2 . LEU A 1 75  ? -11.987 -5.740  6.520   1.00 43.82  ? 232 LEU A CD2 1 
ATOM   492  N N   . ARG A 1 76  ? -11.777 -6.258  11.602  1.00 43.01  ? 233 ARG A N   1 
ATOM   493  C CA  . ARG A 1 76  ? -12.920 -6.248  12.561  1.00 46.56  ? 233 ARG A CA  1 
ATOM   494  C C   . ARG A 1 76  ? -12.552 -5.418  13.800  1.00 42.12  ? 233 ARG A C   1 
ATOM   495  O O   . ARG A 1 76  ? -13.372 -4.597  14.195  1.00 47.95  ? 233 ARG A O   1 
ATOM   496  C CB  . ARG A 1 76  ? -13.329 -7.682  12.895  1.00 49.60  ? 233 ARG A CB  1 
ATOM   497  C CG  . ARG A 1 76  ? -14.700 -7.789  13.549  1.00 55.24  ? 233 ARG A CG  1 
ATOM   498  C CD  . ARG A 1 76  ? -15.260 -9.201  13.532  1.00 58.37  ? 233 ARG A CD  1 
ATOM   499  N NE  . ARG A 1 76  ? -16.277 -9.449  14.565  1.00 61.70  ? 233 ARG A NE  1 
ATOM   500  C CZ  . ARG A 1 76  ? -16.033 -9.599  15.870  1.00 54.78  ? 233 ARG A CZ  1 
ATOM   501  N NH1 . ARG A 1 76  ? -14.794 -9.514  16.334  1.00 54.80  ? 233 ARG A NH1 1 
ATOM   502  N NH2 . ARG A 1 76  ? -17.035 -9.829  16.709  1.00 54.09  ? 233 ARG A NH2 1 
ATOM   503  N N   . LYS A 1 77  ? -11.375 -5.605  14.407  1.00 48.42  ? 234 LYS A N   1 
ATOM   504  C CA  . LYS A 1 77  ? -10.901 -4.770  15.549  1.00 47.70  ? 234 LYS A CA  1 
ATOM   505  C C   . LYS A 1 77  ? -10.951 -3.286  15.156  1.00 49.98  ? 234 LYS A C   1 
ATOM   506  O O   . LYS A 1 77  ? -11.426 -2.504  15.947  1.00 52.14  ? 234 LYS A O   1 
ATOM   507  C CB  . LYS A 1 77  ? -9.478  -5.132  15.976  1.00 53.69  ? 234 LYS A CB  1 
ATOM   508  C CG  . LYS A 1 77  ? -9.354  -6.340  16.892  1.00 62.70  ? 234 LYS A CG  1 
ATOM   509  C CD  . LYS A 1 77  ? -7.905  -6.795  17.147  1.00 76.63  ? 234 LYS A CD  1 
ATOM   510  C CE  . LYS A 1 77  ? -7.776  -8.220  17.670  1.00 78.41  ? 234 LYS A CE  1 
ATOM   511  N NZ  . LYS A 1 77  ? -8.054  -8.340  19.126  1.00 74.92  ? 234 LYS A NZ  1 
ATOM   512  N N   . LEU A 1 78  ? -10.515 -2.891  13.957  1.00 48.74  ? 235 LEU A N   1 
ATOM   513  C CA  . LEU A 1 78  ? -10.442 -1.450  13.574  1.00 45.20  ? 235 LEU A CA  1 
ATOM   514  C C   . LEU A 1 78  ? -11.829 -0.900  13.242  1.00 49.21  ? 235 LEU A C   1 
ATOM   515  O O   . LEU A 1 78  ? -11.975 0.324   13.239  1.00 47.44  ? 235 LEU A O   1 
ATOM   516  C CB  . LEU A 1 78  ? -9.512  -1.274  12.374  1.00 49.79  ? 235 LEU A CB  1 
ATOM   517  C CG  . LEU A 1 78  ? -8.053  -1.666  12.608  1.00 51.33  ? 235 LEU A CG  1 
ATOM   518  C CD1 . LEU A 1 78  ? -7.285  -1.573  11.294  1.00 50.29  ? 235 LEU A CD1 1 
ATOM   519  C CD2 . LEU A 1 78  ? -7.411  -0.804  13.688  1.00 52.11  ? 235 LEU A CD2 1 
ATOM   520  N N   . ASP A 1 79  ? -12.782 -1.774  12.905  1.00 54.35  ? 236 ASP A N   1 
ATOM   521  C CA  . ASP A 1 79  ? -14.195 -1.419  12.611  1.00 55.86  ? 236 ASP A CA  1 
ATOM   522  C C   . ASP A 1 79  ? -14.261 -0.228  11.647  1.00 57.37  ? 236 ASP A C   1 
ATOM   523  O O   . ASP A 1 79  ? -14.787 0.832   12.064  1.00 57.33  ? 236 ASP A O   1 
ATOM   524  C CB  . ASP A 1 79  ? -14.957 -1.105  13.905  1.00 62.03  ? 236 ASP A CB  1 
ATOM   525  C CG  . ASP A 1 79  ? -16.471 -0.961  13.742  1.00 72.08  ? 236 ASP A CG  1 
ATOM   526  O OD1 . ASP A 1 79  ? -17.010 -1.352  12.675  1.00 76.74  ? 236 ASP A OD1 1 
ATOM   527  O OD2 . ASP A 1 79  ? -17.108 -0.450  14.686  1.00 79.54  ? 236 ASP A OD2 1 
ATOM   528  N N   . ILE A 1 80  ? -13.768 -0.368  10.413  1.00 51.82  ? 237 ILE A N   1 
ATOM   529  C CA  . ILE A 1 80  ? -13.833 0.749   9.420   1.00 54.14  ? 237 ILE A CA  1 
ATOM   530  C C   . ILE A 1 80  ? -15.247 0.811   8.824   1.00 56.02  ? 237 ILE A C   1 
ATOM   531  O O   . ILE A 1 80  ? -15.696 -0.193  8.280   1.00 59.20  ? 237 ILE A O   1 
ATOM   532  C CB  . ILE A 1 80  ? -12.739 0.636   8.339   1.00 52.05  ? 237 ILE A CB  1 
ATOM   533  C CG1 . ILE A 1 80  ? -11.336 0.801   8.925   1.00 52.89  ? 237 ILE A CG1 1 
ATOM   534  C CG2 . ILE A 1 80  ? -12.992 1.638   7.235   1.00 53.02  ? 237 ILE A CG2 1 
ATOM   535  C CD1 . ILE A 1 80  ? -10.358 -0.242  8.425   1.00 51.94  ? 237 ILE A CD1 1 
ATOM   536  N N   . LYS A 1 81  ? -15.905 1.967   8.903   1.00 58.60  ? 238 LYS A N   1 
ATOM   537  C CA  . LYS A 1 81  ? -17.289 2.182   8.402   1.00 64.67  ? 238 LYS A CA  1 
ATOM   538  C C   . LYS A 1 81  ? -17.389 3.399   7.469   1.00 67.62  ? 238 LYS A C   1 
ATOM   539  O O   . LYS A 1 81  ? -18.318 3.417   6.641   1.00 68.83  ? 238 LYS A O   1 
ATOM   540  C CB  . LYS A 1 81  ? -18.246 2.365   9.577   1.00 66.72  ? 238 LYS A CB  1 
ATOM   541  C CG  . LYS A 1 81  ? -18.569 1.087   10.331  1.00 75.23  ? 238 LYS A CG  1 
ATOM   542  C CD  . LYS A 1 81  ? -19.751 1.232   11.269  1.00 78.34  ? 238 LYS A CD  1 
ATOM   543  C CE  . LYS A 1 81  ? -20.163 -0.078  11.915  1.00 82.30  ? 238 LYS A CE  1 
ATOM   544  N NZ  . LYS A 1 81  ? -21.591 -0.071  12.326  1.00 77.77  ? 238 LYS A NZ  1 
ATOM   545  N N   . ASN A 1 82  ? -16.515 4.399   7.586   1.00 61.60  ? 239 ASN A N   1 
ATOM   546  C CA  . ASN A 1 82  ? -16.690 5.658   6.820   1.00 64.20  ? 239 ASN A CA  1 
ATOM   547  C C   . ASN A 1 82  ? -15.367 6.429   6.740   1.00 56.64  ? 239 ASN A C   1 
ATOM   548  O O   . ASN A 1 82  ? -14.370 5.930   7.264   1.00 56.69  ? 239 ASN A O   1 
ATOM   549  C CB  . ASN A 1 82  ? -17.796 6.502   7.455   1.00 66.62  ? 239 ASN A CB  1 
ATOM   550  C CG  . ASN A 1 82  ? -17.408 6.992   8.830   1.00 60.30  ? 239 ASN A CG  1 
ATOM   551  O OD1 . ASN A 1 82  ? -16.491 7.788   8.975   1.00 73.39  ? 239 ASN A OD1 1 
ATOM   552  N ND2 . ASN A 1 82  ? -18.078 6.497   9.847   1.00 66.91  ? 239 ASN A ND2 1 
ATOM   553  N N   . GLU A 1 83  ? -15.395 7.623   6.139   1.00 56.86  ? 240 GLU A N   1 
ATOM   554  C CA  . GLU A 1 83  ? -14.214 8.513   5.957   1.00 57.58  ? 240 GLU A CA  1 
ATOM   555  C C   . GLU A 1 83  ? -13.499 8.720   7.306   1.00 55.83  ? 240 GLU A C   1 
ATOM   556  O O   . GLU A 1 83  ? -12.242 8.761   7.299   1.00 52.23  ? 240 GLU A O   1 
ATOM   557  C CB  . GLU A 1 83  ? -14.621 9.850   5.311   1.00 57.44  ? 240 GLU A CB  1 
ATOM   558  N N   . ASP A 1 84  ? -14.234 8.896   8.414   1.00 62.16  ? 241 ASP A N   1 
ATOM   559  C CA  . ASP A 1 84  ? -13.630 9.166   9.754   1.00 64.82  ? 241 ASP A CA  1 
ATOM   560  C C   . ASP A 1 84  ? -12.797 7.966   10.195  1.00 56.33  ? 241 ASP A C   1 
ATOM   561  O O   . ASP A 1 84  ? -11.686 8.181   10.681  1.00 53.91  ? 241 ASP A O   1 
ATOM   562  C CB  . ASP A 1 84  ? -14.654 9.459   10.854  1.00 72.57  ? 241 ASP A CB  1 
ATOM   563  C CG  . ASP A 1 84  ? -15.274 10.844  10.763  1.00 81.57  ? 241 ASP A CG  1 
ATOM   564  O OD1 . ASP A 1 84  ? -14.575 11.785  10.299  1.00 79.71  ? 241 ASP A OD1 1 
ATOM   565  O OD2 . ASP A 1 84  ? -16.453 10.971  11.154  1.00 87.90  ? 241 ASP A OD2 1 
ATOM   566  N N   . ASP A 1 85  ? -13.320 6.757   10.001  1.00 53.64  ? 242 ASP A N   1 
ATOM   567  C CA  . ASP A 1 85  ? -12.659 5.495   10.422  1.00 53.59  ? 242 ASP A CA  1 
ATOM   568  C C   . ASP A 1 85  ? -11.381 5.280   9.583   1.00 50.69  ? 242 ASP A C   1 
ATOM   569  O O   . ASP A 1 85  ? -10.382 4.709   10.100  1.00 50.44  ? 242 ASP A O   1 
ATOM   570  C CB  . ASP A 1 85  ? -13.662 4.338   10.354  1.00 59.73  ? 242 ASP A CB  1 
ATOM   571  C CG  . ASP A 1 85  ? -14.819 4.465   11.338  1.00 67.50  ? 242 ASP A CG  1 
ATOM   572  O OD1 . ASP A 1 85  ? -14.666 5.198   12.360  1.00 66.28  ? 242 ASP A OD1 1 
ATOM   573  O OD2 . ASP A 1 85  ? -15.867 3.828   11.089  1.00 69.99  ? 242 ASP A OD2 1 
ATOM   574  N N   . VAL A 1 86  ? -11.374 5.735   8.336   1.00 49.31  ? 243 VAL A N   1 
ATOM   575  C CA  . VAL A 1 86  ? -10.168 5.653   7.459   1.00 47.78  ? 243 VAL A CA  1 
ATOM   576  C C   . VAL A 1 86  ? -9.133  6.664   7.958   1.00 51.16  ? 243 VAL A C   1 
ATOM   577  O O   . VAL A 1 86  ? -7.945  6.308   7.995   1.00 48.38  ? 243 VAL A O   1 
ATOM   578  C CB  . VAL A 1 86  ? -10.527 5.893   5.980   1.00 51.17  ? 243 VAL A CB  1 
ATOM   579  C CG1 . VAL A 1 86  ? -9.296  5.858   5.092   1.00 51.51  ? 243 VAL A CG1 1 
ATOM   580  C CG2 . VAL A 1 86  ? -11.580 4.910   5.479   1.00 48.27  ? 243 VAL A CG2 1 
ATOM   581  N N   . LYS A 1 87  ? -9.550  7.884   8.326   1.00 53.49  ? 244 LYS A N   1 
ATOM   582  C CA  . LYS A 1 87  ? -8.634  8.954   8.817   1.00 49.66  ? 244 LYS A CA  1 
ATOM   583  C C   . LYS A 1 87  ? -7.953  8.470   10.106  1.00 49.48  ? 244 LYS A C   1 
ATOM   584  O O   . LYS A 1 87  ? -6.761  8.802   10.329  1.00 60.80  ? 244 LYS A O   1 
ATOM   585  C CB  . LYS A 1 87  ? -9.402  10.260  9.025   1.00 48.46  ? 244 LYS A CB  1 
ATOM   586  N N   . SER A 1 88  ? -8.678  7.681   10.904  1.00 50.52  ? 245 SER A N   1 
ATOM   587  C CA  . SER A 1 88  ? -8.256  7.080   12.195  1.00 50.59  ? 245 SER A CA  1 
ATOM   588  C C   . SER A 1 88  ? -7.172  6.004   11.978  1.00 52.94  ? 245 SER A C   1 
ATOM   589  O O   . SER A 1 88  ? -6.404  5.704   12.892  1.00 44.60  ? 245 SER A O   1 
ATOM   590  C CB  . SER A 1 88  ? -9.486  6.533   12.890  1.00 51.70  ? 245 SER A CB  1 
ATOM   591  O OG  . SER A 1 88  ? -9.159  6.014   14.163  1.00 62.72  ? 245 SER A OG  1 
ATOM   592  N N   . LEU A 1 89  ? -7.087  5.439   10.780  1.00 51.74  ? 246 LEU A N   1 
ATOM   593  C CA  . LEU A 1 89  ? -6.233  4.257   10.475  1.00 53.37  ? 246 LEU A CA  1 
ATOM   594  C C   . LEU A 1 89  ? -4.764  4.689   10.407  1.00 49.49  ? 246 LEU A C   1 
ATOM   595  O O   . LEU A 1 89  ? -3.899  3.848   10.673  1.00 53.05  ? 246 LEU A O   1 
ATOM   596  C CB  . LEU A 1 89  ? -6.767  3.702   9.150   1.00 55.89  ? 246 LEU A CB  1 
ATOM   597  C CG  . LEU A 1 89  ? -6.330  2.320   8.703   1.00 57.56  ? 246 LEU A CG  1 
ATOM   598  C CD1 . LEU A 1 89  ? -6.499  1.294   9.811   1.00 59.69  ? 246 LEU A CD1 1 
ATOM   599  C CD2 . LEU A 1 89  ? -7.137  1.946   7.475   1.00 54.57  ? 246 LEU A CD2 1 
ATOM   600  N N   . SER A 1 90  ? -4.521  5.961   10.074  1.00 46.77  ? 247 SER A N   1 
ATOM   601  C CA  . SER A 1 90  ? -3.188  6.583   9.908   1.00 49.47  ? 247 SER A CA  1 
ATOM   602  C C   . SER A 1 90  ? -2.432  6.495   11.228  1.00 50.85  ? 247 SER A C   1 
ATOM   603  O O   . SER A 1 90  ? -1.250  6.115   11.190  1.00 42.30  ? 247 SER A O   1 
ATOM   604  C CB  . SER A 1 90  ? -3.269  8.007   9.439   1.00 50.98  ? 247 SER A CB  1 
ATOM   605  O OG  . SER A 1 90  ? -2.028  8.658   9.670   1.00 60.87  ? 247 SER A OG  1 
ATOM   606  N N   . ARG A 1 91  ? -3.093  6.847   12.341  1.00 46.50  ? 248 ARG A N   1 
ATOM   607  C CA  . ARG A 1 91  ? -2.504  6.776   13.709  1.00 42.62  ? 248 ARG A CA  1 
ATOM   608  C C   . ARG A 1 91  ? -2.181  5.313   14.000  1.00 38.43  ? 248 ARG A C   1 
ATOM   609  O O   . ARG A 1 91  ? -1.136  5.049   14.619  1.00 36.33  ? 248 ARG A O   1 
ATOM   610  C CB  . ARG A 1 91  ? -3.453  7.348   14.777  1.00 39.25  ? 248 ARG A CB  1 
ATOM   611  N N   . VAL A 1 92  ? -3.062  4.385   13.613  1.00 37.25  ? 249 VAL A N   1 
ATOM   612  C CA  . VAL A 1 92  ? -2.847  2.937   13.921  1.00 40.98  ? 249 VAL A CA  1 
ATOM   613  C C   . VAL A 1 92  ? -1.608  2.441   13.158  1.00 34.01  ? 249 VAL A C   1 
ATOM   614  O O   . VAL A 1 92  ? -0.823  1.652   13.698  1.00 34.00  ? 249 VAL A O   1 
ATOM   615  C CB  . VAL A 1 92  ? -4.083  2.100   13.561  1.00 40.84  ? 249 VAL A CB  1 
ATOM   616  C CG1 . VAL A 1 92  ? -3.755  0.620   13.611  1.00 42.13  ? 249 VAL A CG1 1 
ATOM   617  C CG2 . VAL A 1 92  ? -5.281  2.440   14.451  1.00 45.41  ? 249 VAL A CG2 1 
ATOM   618  N N   . MET A 1 93  ? -1.467  2.892   11.930  1.00 34.05  ? 250 MET A N   1 
ATOM   619  C CA  . MET A 1 93  ? -0.401  2.426   11.012  1.00 34.46  ? 250 MET A CA  1 
ATOM   620  C C   . MET A 1 93  ? 0.909   3.035   11.492  1.00 37.16  ? 250 MET A C   1 
ATOM   621  O O   . MET A 1 93  ? 1.927   2.342   11.518  1.00 34.67  ? 250 MET A O   1 
ATOM   622  C CB  . MET A 1 93  ? -0.729  2.859   9.583   1.00 37.32  ? 250 MET A CB  1 
ATOM   623  C CG  . MET A 1 93  ? -1.855  2.049   8.968   1.00 38.86  ? 250 MET A CG  1 
ATOM   624  S SD  . MET A 1 93  ? -1.999  2.377   7.209   0.75 38.99  ? 250 MET A SD  1 
ATOM   625  C CE  . MET A 1 93  ? -2.263  4.151   7.174   1.00 45.80  ? 250 MET A CE  1 
ATOM   626  N N   . ILE A 1 94  ? 0.889   4.250   12.023  1.00 32.85  ? 251 ILE A N   1 
ATOM   627  C CA  . ILE A 1 94  ? 2.160   4.826   12.522  1.00 36.37  ? 251 ILE A CA  1 
ATOM   628  C C   . ILE A 1 94  ? 2.610   3.946   13.680  1.00 33.97  ? 251 ILE A C   1 
ATOM   629  O O   . ILE A 1 94  ? 3.796   3.633   13.741  1.00 42.46  ? 251 ILE A O   1 
ATOM   630  C CB  . ILE A 1 94  ? 2.026   6.320   12.880  1.00 39.79  ? 251 ILE A CB  1 
ATOM   631  C CG1 . ILE A 1 94  ? 1.965   7.160   11.604  1.00 46.37  ? 251 ILE A CG1 1 
ATOM   632  C CG2 . ILE A 1 94  ? 3.168   6.781   13.773  1.00 44.19  ? 251 ILE A CG2 1 
ATOM   633  C CD1 . ILE A 1 94  ? 1.691   8.614   11.855  1.00 51.41  ? 251 ILE A CD1 1 
ATOM   634  N N   . HIS A 1 95  ? 1.691   3.592   14.567  1.00 33.98  ? 252 HIS A N   1 
ATOM   635  C CA  . HIS A 1 95  ? 1.983   2.822   15.788  1.00 39.89  ? 252 HIS A CA  1 
ATOM   636  C C   . HIS A 1 95  ? 2.361   1.417   15.345  1.00 39.68  ? 252 HIS A C   1 
ATOM   637  O O   . HIS A 1 95  ? 3.403   0.911   15.818  1.00 40.80  ? 252 HIS A O   1 
ATOM   638  C CB  . HIS A 1 95  ? 0.818   2.821   16.798  1.00 41.06  ? 252 HIS A CB  1 
ATOM   639  C CG  . HIS A 1 95  ? 0.919   1.727   17.809  0.75 43.17  ? 252 HIS A CG  1 
ATOM   640  N ND1 . HIS A 1 95  ? 2.079   1.494   18.535  0.75 45.37  ? 252 HIS A ND1 1 
ATOM   641  C CD2 . HIS A 1 95  ? 0.019   0.806   18.220  0.75 47.46  ? 252 HIS A CD2 1 
ATOM   642  C CE1 . HIS A 1 95  ? 1.885   0.472   19.349  0.75 44.35  ? 252 HIS A CE1 1 
ATOM   643  N NE2 . HIS A 1 95  ? 0.624   0.049   19.195  0.75 47.22  ? 252 HIS A NE2 1 
ATOM   644  N N   . VAL A 1 96  ? 1.565   0.806   14.475  1.00 38.31  ? 253 VAL A N   1 
ATOM   645  C CA  . VAL A 1 96  ? 1.804   -0.631  14.146  1.00 36.65  ? 253 VAL A CA  1 
ATOM   646  C C   . VAL A 1 96  ? 3.005   -0.729  13.209  1.00 34.13  ? 253 VAL A C   1 
ATOM   647  O O   . VAL A 1 96  ? 3.908   -1.523  13.506  1.00 34.05  ? 253 VAL A O   1 
ATOM   648  C CB  . VAL A 1 96  ? 0.548   -1.311  13.590  1.00 34.65  ? 253 VAL A CB  1 
ATOM   649  C CG1 . VAL A 1 96  ? 0.861   -2.709  13.073  1.00 39.46  ? 253 VAL A CG1 1 
ATOM   650  C CG2 . VAL A 1 96  ? -0.553  -1.374  14.661  1.00 40.33  ? 253 VAL A CG2 1 
ATOM   651  N N   . PHE A 1 97  ? 2.990   0.028   12.110  1.00 34.00  ? 254 PHE A N   1 
ATOM   652  C CA  . PHE A 1 97  ? 4.011   -0.041  11.039  1.00 35.79  ? 254 PHE A CA  1 
ATOM   653  C C   . PHE A 1 97  ? 5.316   0.673   11.457  1.00 35.82  ? 254 PHE A C   1 
ATOM   654  O O   . PHE A 1 97  ? 6.400   0.081   11.529  1.00 31.15  ? 254 PHE A O   1 
ATOM   655  C CB  . PHE A 1 97  ? 3.470   0.565   9.742   1.00 32.58  ? 254 PHE A CB  1 
ATOM   656  C CG  . PHE A 1 97  ? 4.574   0.593   8.717   1.00 29.81  ? 254 PHE A CG  1 
ATOM   657  C CD1 . PHE A 1 97  ? 5.025   -0.583  8.138   1.00 28.46  ? 254 PHE A CD1 1 
ATOM   658  C CD2 . PHE A 1 97  ? 5.189   1.781   8.386   1.00 29.25  ? 254 PHE A CD2 1 
ATOM   659  C CE1 . PHE A 1 97  ? 6.069   -0.569  7.231   1.00 27.91  ? 254 PHE A CE1 1 
ATOM   660  C CE2 . PHE A 1 97  ? 6.219   1.800   7.462   1.00 30.94  ? 254 PHE A CE2 1 
ATOM   661  C CZ  . PHE A 1 97  ? 6.644   0.631   6.882   1.00 30.65  ? 254 PHE A CZ  1 
ATOM   662  N N   . SER A 1 98  ? 5.244   1.960   11.714  1.00 34.58  ? 255 SER A N   1 
ATOM   663  C CA  . SER A 1 98  ? 6.460   2.806   11.864  1.00 39.05  ? 255 SER A CA  1 
ATOM   664  C C   . SER A 1 98  ? 7.278   2.398   13.098  1.00 41.15  ? 255 SER A C   1 
ATOM   665  O O   . SER A 1 98  ? 8.508   2.334   13.003  1.00 46.60  ? 255 SER A O   1 
ATOM   666  C CB  . SER A 1 98  ? 6.111   4.253   11.860  1.00 39.28  ? 255 SER A CB  1 
ATOM   667  O OG  . SER A 1 98  ? 5.423   4.557   10.652  1.00 41.36  ? 255 SER A OG  1 
ATOM   668  N N   . ASP A 1 99  ? 6.622   2.062   14.194  1.00 43.41  ? 256 ASP A N   1 
ATOM   669  C CA  . ASP A 1 99  ? 7.300   1.721   15.467  1.00 49.83  ? 256 ASP A CA  1 
ATOM   670  C C   . ASP A 1 99  ? 7.711   0.233   15.503  1.00 50.69  ? 256 ASP A C   1 
ATOM   671  O O   . ASP A 1 99  ? 8.092   -0.237  16.563  1.00 49.24  ? 256 ASP A O   1 
ATOM   672  C CB  . ASP A 1 99  ? 6.407   2.140   16.636  1.00 55.68  ? 256 ASP A CB  1 
ATOM   673  C CG  . ASP A 1 99  ? 6.083   3.625   16.679  1.00 54.44  ? 256 ASP A CG  1 
ATOM   674  O OD1 . ASP A 1 99  ? 6.740   4.399   15.952  1.00 62.85  ? 256 ASP A OD1 1 
ATOM   675  O OD2 . ASP A 1 99  ? 5.174   3.993   17.442  1.00 57.17  ? 256 ASP A OD2 1 
ATOM   676  N N   . GLY A 1 100 ? 7.708   -0.491  14.388  1.00 45.92  ? 257 GLY A N   1 
ATOM   677  C CA  . GLY A 1 100 ? 8.337   -1.823  14.322  1.00 41.78  ? 257 GLY A CA  1 
ATOM   678  C C   . GLY A 1 100 ? 9.619   -1.821  13.508  1.00 43.49  ? 257 GLY A C   1 
ATOM   679  O O   . GLY A 1 100 ? 9.991   -0.777  12.952  1.00 43.14  ? 257 GLY A O   1 
ATOM   680  N N   . VAL A 1 101 ? 10.288  -2.967  13.383  1.00 39.97  ? 258 VAL A N   1 
ATOM   681  C CA  . VAL A 1 101 ? 11.566  -3.050  12.611  1.00 44.43  ? 258 VAL A CA  1 
ATOM   682  C C   . VAL A 1 101 ? 11.231  -2.648  11.167  1.00 42.02  ? 258 VAL A C   1 
ATOM   683  O O   . VAL A 1 101 ? 10.020  -2.627  10.825  1.00 36.15  ? 258 VAL A O   1 
ATOM   684  C CB  . VAL A 1 101 ? 12.243  -4.435  12.743  1.00 49.21  ? 258 VAL A CB  1 
ATOM   685  C CG1 . VAL A 1 101 ? 12.648  -4.734  14.185  1.00 52.18  ? 258 VAL A CG1 1 
ATOM   686  C CG2 . VAL A 1 101 ? 11.381  -5.580  12.215  1.00 50.05  ? 258 VAL A CG2 1 
ATOM   687  N N   . THR A 1 102 ? 12.230  -2.286  10.359  1.00 35.24  ? 259 THR A N   1 
ATOM   688  C CA  . THR A 1 102 ? 12.016  -1.889  8.948   1.00 34.79  ? 259 THR A CA  1 
ATOM   689  C C   . THR A 1 102 ? 12.616  -2.914  7.988   1.00 35.26  ? 259 THR A C   1 
ATOM   690  O O   . THR A 1 102 ? 13.841  -3.182  8.044   1.00 34.70  ? 259 THR A O   1 
ATOM   691  C CB  . THR A 1 102 ? 12.598  -0.521  8.579   1.00 35.55  ? 259 THR A CB  1 
ATOM   692  O OG1 . THR A 1 102 ? 12.238  0.356   9.647   1.00 36.26  ? 259 THR A OG1 1 
ATOM   693  C CG2 . THR A 1 102 ? 12.014  -0.015  7.273   1.00 35.26  ? 259 THR A CG2 1 
ATOM   694  N N   . ASN A 1 103 ? 11.782  -3.414  7.077   1.00 27.99  ? 260 ASN A N   1 
ATOM   695  C CA  . ASN A 1 103 ? 12.212  -4.421  6.076   1.00 27.19  ? 260 ASN A CA  1 
ATOM   696  C C   . ASN A 1 103 ? 11.111  -4.512  5.041   1.00 26.69  ? 260 ASN A C   1 
ATOM   697  O O   . ASN A 1 103 ? 9.970   -4.086  5.327   1.00 25.10  ? 260 ASN A O   1 
ATOM   698  C CB  . ASN A 1 103 ? 12.540  -5.749  6.739   1.00 25.68  ? 260 ASN A CB  1 
ATOM   699  C CG  . ASN A 1 103 ? 11.369  -6.315  7.511   1.00 27.61  ? 260 ASN A CG  1 
ATOM   700  O OD1 . ASN A 1 103 ? 10.393  -6.718  6.895   1.00 27.71  ? 260 ASN A OD1 1 
ATOM   701  N ND2 . ASN A 1 103 ? 11.466  -6.346  8.834   1.00 30.19  ? 260 ASN A ND2 1 
ATOM   702  N N   . TRP A 1 104 ? 11.434  -5.013  3.861   1.00 27.43  ? 261 TRP A N   1 
ATOM   703  C CA  . TRP A 1 104 ? 10.468  -5.107  2.755   1.00 25.33  ? 261 TRP A CA  1 
ATOM   704  C C   . TRP A 1 104 ? 9.283   -6.040  3.133   1.00 23.42  ? 261 TRP A C   1 
ATOM   705  O O   . TRP A 1 104 ? 8.181   -5.790  2.651   1.00 26.26  ? 261 TRP A O   1 
ATOM   706  C CB  . TRP A 1 104 ? 11.220  -5.614  1.537   1.00 28.15  ? 261 TRP A CB  1 
ATOM   707  C CG  . TRP A 1 104 ? 12.124  -4.610  0.896   1.00 27.01  ? 261 TRP A CG  1 
ATOM   708  C CD1 . TRP A 1 104 ? 13.455  -4.778  0.641   1.00 33.11  ? 261 TRP A CD1 1 
ATOM   709  C CD2 . TRP A 1 104 ? 11.770  -3.319  0.369   1.00 29.54  ? 261 TRP A CD2 1 
ATOM   710  N NE1 . TRP A 1 104 ? 13.950  -3.675  -0.004  1.00 30.65  ? 261 TRP A NE1 1 
ATOM   711  C CE2 . TRP A 1 104 ? 12.949  -2.754  -0.166  1.00 29.07  ? 261 TRP A CE2 1 
ATOM   712  C CE3 . TRP A 1 104 ? 10.605  -2.554  0.349   1.00 27.46  ? 261 TRP A CE3 1 
ATOM   713  C CZ2 . TRP A 1 104 ? 12.966  -1.502  -0.757  1.00 29.08  ? 261 TRP A CZ2 1 
ATOM   714  C CZ3 . TRP A 1 104 ? 10.629  -1.300  -0.226  1.00 28.20  ? 261 TRP A CZ3 1 
ATOM   715  C CH2 . TRP A 1 104 ? 11.806  -0.771  -0.755  1.00 29.16  ? 261 TRP A CH2 1 
ATOM   716  N N   . GLY A 1 105 ? 9.518   -7.060  3.971   1.00 28.98  ? 262 GLY A N   1 
ATOM   717  C CA  . GLY A 1 105 ? 8.452   -7.963  4.471   1.00 29.15  ? 262 GLY A CA  1 
ATOM   718  C C   . GLY A 1 105 ? 7.347   -7.189  5.151   1.00 32.16  ? 262 GLY A C   1 
ATOM   719  O O   . GLY A 1 105 ? 6.162   -7.422  4.821   1.00 27.12  ? 262 GLY A O   1 
ATOM   720  N N   . ARG A 1 106 ? 7.702   -6.212  5.991   1.00 29.06  ? 263 ARG A N   1 
ATOM   721  C CA  . ARG A 1 106 ? 6.705   -5.423  6.718   1.00 24.23  ? 263 ARG A CA  1 
ATOM   722  C C   . ARG A 1 106 ? 6.112   -4.396  5.806   1.00 23.11  ? 263 ARG A C   1 
ATOM   723  O O   . ARG A 1 106 ? 4.926   -4.147  5.943   1.00 23.85  ? 263 ARG A O   1 
ATOM   724  C CB  . ARG A 1 106 ? 7.233   -4.871  8.028   1.00 30.71  ? 263 ARG A CB  1 
ATOM   725  C CG  . ARG A 1 106 ? 7.701   -5.950  8.980   1.00 31.54  ? 263 ARG A CG  1 
ATOM   726  C CD  . ARG A 1 106 ? 7.919   -5.379  10.361  1.00 32.69  ? 263 ARG A CD  1 
ATOM   727  N NE  . ARG A 1 106 ? 6.671   -5.048  11.001  1.00 32.90  ? 263 ARG A NE  1 
ATOM   728  C CZ  . ARG A 1 106 ? 6.305   -3.842  11.403  1.00 35.65  ? 263 ARG A CZ  1 
ATOM   729  N NH1 . ARG A 1 106 ? 7.085   -2.780  11.218  1.00 34.20  ? 263 ARG A NH1 1 
ATOM   730  N NH2 . ARG A 1 106 ? 5.124   -3.704  11.965  1.00 37.21  ? 263 ARG A NH2 1 
ATOM   731  N N   . ILE A 1 107 ? 6.879   -3.837  4.904   1.00 23.14  ? 264 ILE A N   1 
ATOM   732  C CA  . ILE A 1 107 ? 6.367   -2.841  3.952   1.00 23.91  ? 264 ILE A CA  1 
ATOM   733  C C   . ILE A 1 107 ? 5.294   -3.516  3.073   1.00 27.28  ? 264 ILE A C   1 
ATOM   734  O O   . ILE A 1 107 ? 4.233   -2.902  2.852   1.00 25.09  ? 264 ILE A O   1 
ATOM   735  C CB  . ILE A 1 107 ? 7.528   -2.209  3.165   1.00 25.57  ? 264 ILE A CB  1 
ATOM   736  C CG1 . ILE A 1 107 ? 8.345   -1.294  4.089   1.00 24.70  ? 264 ILE A CG1 1 
ATOM   737  C CG2 . ILE A 1 107 ? 6.984   -1.476  1.969   1.00 24.19  ? 264 ILE A CG2 1 
ATOM   738  C CD1 . ILE A 1 107 ? 9.632   -0.778  3.476   1.00 25.67  ? 264 ILE A CD1 1 
ATOM   739  N N   . VAL A 1 108 ? 5.526   -4.726  2.572   1.00 27.42  ? 265 VAL A N   1 
ATOM   740  C CA  A VAL A 1 108 ? 4.530   -5.427  1.702   0.50 29.26  ? 265 VAL A CA  1 
ATOM   741  C CA  B VAL A 1 108 ? 4.511   -5.391  1.690   0.50 28.95  ? 265 VAL A CA  1 
ATOM   742  C C   . VAL A 1 108 ? 3.254   -5.729  2.511   1.00 23.92  ? 265 VAL A C   1 
ATOM   743  O O   . VAL A 1 108 ? 2.128   -5.592  1.961   1.00 26.19  ? 265 VAL A O   1 
ATOM   744  C CB  A VAL A 1 108 ? 5.141   -6.697  1.077   0.50 30.26  ? 265 VAL A CB  1 
ATOM   745  C CB  B VAL A 1 108 ? 5.047   -6.615  0.911   0.50 29.94  ? 265 VAL A CB  1 
ATOM   746  C CG1 A VAL A 1 108 ? 4.074   -7.656  0.571   0.50 32.68  ? 265 VAL A CG1 1 
ATOM   747  C CG1 B VAL A 1 108 ? 6.153   -6.230  -0.024  0.50 34.88  ? 265 VAL A CG1 1 
ATOM   748  C CG2 A VAL A 1 108 ? 6.037   -6.348  -0.084  0.50 34.40  ? 265 VAL A CG2 1 
ATOM   749  C CG2 B VAL A 1 108 ? 5.476   -7.799  1.749   0.50 28.42  ? 265 VAL A CG2 1 
ATOM   750  N N   . THR A 1 109 ? 3.429   -6.075  3.772   1.00 26.59  ? 266 THR A N   1 
ATOM   751  C CA  . THR A 1 109 ? 2.299   -6.375  4.696   1.00 24.85  ? 266 THR A CA  1 
ATOM   752  C C   . THR A 1 109 ? 1.433   -5.131  4.865   1.00 26.28  ? 266 THR A C   1 
ATOM   753  O O   . THR A 1 109 ? 0.218   -5.190  4.727   1.00 24.33  ? 266 THR A O   1 
ATOM   754  C CB  . THR A 1 109 ? 2.767   -6.944  6.021   1.00 25.51  ? 266 THR A CB  1 
ATOM   755  O OG1 . THR A 1 109 ? 3.573   -8.100  5.771   1.00 28.48  ? 266 THR A OG1 1 
ATOM   756  C CG2 . THR A 1 109 ? 1.615   -7.332  6.918   1.00 24.27  ? 266 THR A CG2 1 
ATOM   757  N N   . LEU A 1 110 ? 2.035   -3.975  5.112   1.00 26.11  ? 267 LEU A N   1 
ATOM   758  C CA  . LEU A 1 110 ? 1.267   -2.715  5.208   1.00 24.18  ? 267 LEU A CA  1 
ATOM   759  C C   . LEU A 1 110 ? 0.495   -2.433  3.919   1.00 26.18  ? 267 LEU A C   1 
ATOM   760  O O   . LEU A 1 110 ? -0.697  -2.039  3.982   1.00 24.81  ? 267 LEU A O   1 
ATOM   761  C CB  . LEU A 1 110 ? 2.239   -1.575  5.543   1.00 24.48  ? 267 LEU A CB  1 
ATOM   762  C CG  . LEU A 1 110 ? 1.676   -0.170  5.367   1.00 26.13  ? 267 LEU A CG  1 
ATOM   763  C CD1 . LEU A 1 110 ? 0.775   0.190   6.529   1.00 27.02  ? 267 LEU A CD1 1 
ATOM   764  C CD2 . LEU A 1 110 ? 2.824   0.805   5.206   1.00 25.76  ? 267 LEU A CD2 1 
ATOM   765  N N   . ILE A 1 111 ? 1.126   -2.579  2.757   1.00 23.00  ? 268 ILE A N   1 
ATOM   766  C CA  . ILE A 1 111 ? 0.455   -2.222  1.497   1.00 23.44  ? 268 ILE A CA  1 
ATOM   767  C C   . ILE A 1 111 ? -0.637  -3.278  1.229   1.00 22.72  ? 268 ILE A C   1 
ATOM   768  O O   . ILE A 1 111 ? -1.696  -2.858  0.770   1.00 25.87  ? 268 ILE A O   1 
ATOM   769  C CB  . ILE A 1 111 ? 1.463   -2.087  0.339   1.00 22.71  ? 268 ILE A CB  1 
ATOM   770  C CG1 . ILE A 1 111 ? 2.408   -0.887  0.559   1.00 24.86  ? 268 ILE A CG1 1 
ATOM   771  C CG2 . ILE A 1 111 ? 0.717   -1.971  -0.969  1.00 26.37  ? 268 ILE A CG2 1 
ATOM   772  C CD1 . ILE A 1 111 ? 3.709   -0.978  -0.244  1.00 23.98  ? 268 ILE A CD1 1 
ATOM   773  N N   . SER A 1 112 ? -0.355  -4.542  1.485   1.00 24.97  ? 269 SER A N   1 
ATOM   774  C CA  . SER A 1 112 ? -1.337  -5.670  1.340   1.00 27.60  ? 269 SER A CA  1 
ATOM   775  C C   . SER A 1 112 ? -2.569  -5.429  2.225   1.00 28.08  ? 269 SER A C   1 
ATOM   776  O O   . SER A 1 112 ? -3.692  -5.765  1.821   1.00 26.15  ? 269 SER A O   1 
ATOM   777  C CB  . SER A 1 112 ? -0.737  -6.972  1.699   1.00 27.43  ? 269 SER A CB  1 
ATOM   778  O OG  . SER A 1 112 ? 0.333   -7.239  0.833   1.00 34.23  ? 269 SER A OG  1 
ATOM   779  N N   . PHE A 1 113 ? -2.347  -4.937  3.442   1.00 24.33  ? 270 PHE A N   1 
ATOM   780  C CA  . PHE A 1 113 ? -3.457  -4.651  4.376   1.00 22.27  ? 270 PHE A CA  1 
ATOM   781  C C   . PHE A 1 113 ? -4.261  -3.495  3.821   1.00 25.79  ? 270 PHE A C   1 
ATOM   782  O O   . PHE A 1 113 ? -5.518  -3.498  3.920   1.00 29.01  ? 270 PHE A O   1 
ATOM   783  C CB  . PHE A 1 113 ? -2.965  -4.502  5.818   1.00 24.59  ? 270 PHE A CB  1 
ATOM   784  C CG  . PHE A 1 113 ? -4.125  -4.301  6.764   1.00 27.04  ? 270 PHE A CG  1 
ATOM   785  C CD1 . PHE A 1 113 ? -4.887  -5.395  7.152   1.00 29.21  ? 270 PHE A CD1 1 
ATOM   786  C CD2 . PHE A 1 113 ? -4.497  -3.034  7.186   1.00 29.32  ? 270 PHE A CD2 1 
ATOM   787  C CE1 . PHE A 1 113 ? -5.982  -5.214  7.988   1.00 31.84  ? 270 PHE A CE1 1 
ATOM   788  C CE2 . PHE A 1 113 ? -5.582  -2.857  8.020   1.00 26.27  ? 270 PHE A CE2 1 
ATOM   789  C CZ  . PHE A 1 113 ? -6.323  -3.935  8.411   1.00 30.46  ? 270 PHE A CZ  1 
ATOM   790  N N   . GLY A 1 114 ? -3.594  -2.517  3.204   1.00 23.62  ? 271 GLY A N   1 
ATOM   791  C CA  . GLY A 1 114 ? -4.278  -1.424  2.526   1.00 26.79  ? 271 GLY A CA  1 
ATOM   792  C C   . GLY A 1 114 ? -5.202  -1.958  1.455   1.00 26.70  ? 271 GLY A C   1 
ATOM   793  O O   . GLY A 1 114 ? -6.349  -1.435  1.316   1.00 27.64  ? 271 GLY A O   1 
ATOM   794  N N   . ALA A 1 115 ? -4.720  -2.905  0.678   1.00 25.80  ? 272 ALA A N   1 
ATOM   795  C CA  . ALA A 1 115 ? -5.530  -3.470  -0.429  1.00 26.43  ? 272 ALA A CA  1 
ATOM   796  C C   . ALA A 1 115 ? -6.750  -4.200  0.155   1.00 23.81  ? 272 ALA A C   1 
ATOM   797  O O   . ALA A 1 115 ? -7.829  -4.051  -0.389  1.00 26.23  ? 272 ALA A O   1 
ATOM   798  C CB  . ALA A 1 115 ? -4.716  -4.443  -1.246  1.00 25.69  ? 272 ALA A CB  1 
ATOM   799  N N   . PHE A 1 116 ? -6.528  -4.942  1.220   1.00 25.53  ? 273 PHE A N   1 
ATOM   800  C CA  . PHE A 1 116 ? -7.566  -5.683  1.972   1.00 25.85  ? 273 PHE A CA  1 
ATOM   801  C C   . PHE A 1 116 ? -8.655  -4.729  2.441   1.00 27.26  ? 273 PHE A C   1 
ATOM   802  O O   . PHE A 1 116 ? -9.850  -5.086  2.262   1.00 26.27  ? 273 PHE A O   1 
ATOM   803  C CB  . PHE A 1 116 ? -6.910  -6.502  3.070   1.00 26.00  ? 273 PHE A CB  1 
ATOM   804  C CG  . PHE A 1 116 ? -7.817  -7.509  3.712   1.00 27.97  ? 273 PHE A CG  1 
ATOM   805  C CD1 . PHE A 1 116 ? -8.006  -8.748  3.136   1.00 29.23  ? 273 PHE A CD1 1 
ATOM   806  C CD2 . PHE A 1 116 ? -8.554  -7.165  4.834   1.00 28.36  ? 273 PHE A CD2 1 
ATOM   807  C CE1 . PHE A 1 116 ? -8.885  -9.663  3.714   1.00 31.58  ? 273 PHE A CE1 1 
ATOM   808  C CE2 . PHE A 1 116 ? -9.427  -8.084  5.394   1.00 27.39  ? 273 PHE A CE2 1 
ATOM   809  C CZ  . PHE A 1 116 ? -9.565  -9.342  4.862   1.00 25.94  ? 273 PHE A CZ  1 
ATOM   810  N N   . VAL A 1 117 ? -8.271  -3.589  3.013   1.00 25.56  ? 274 VAL A N   1 
ATOM   811  C CA  . VAL A 1 117 ? -9.186  -2.527  3.463   1.00 25.95  ? 274 VAL A CA  1 
ATOM   812  C C   . VAL A 1 117 ? -9.867  -1.923  2.235   1.00 29.84  ? 274 VAL A C   1 
ATOM   813  O O   . VAL A 1 117 ? -11.124 -1.624  2.313   1.00 27.79  ? 274 VAL A O   1 
ATOM   814  C CB  . VAL A 1 117 ? -8.466  -1.466  4.328   1.00 26.28  ? 274 VAL A CB  1 
ATOM   815  C CG1 . VAL A 1 117 ? -9.342  -0.269  4.524   1.00 29.46  ? 274 VAL A CG1 1 
ATOM   816  C CG2 . VAL A 1 117 ? -8.004  -2.061  5.644   1.00 27.88  ? 274 VAL A CG2 1 
ATOM   817  N N   . ALA A 1 118 ? -9.149  -1.743  1.120   1.00 27.74  ? 275 ALA A N   1 
ATOM   818  C CA  . ALA A 1 118 ? -9.743  -1.067  -0.050  1.00 29.01  ? 275 ALA A CA  1 
ATOM   819  C C   . ALA A 1 118 ? -10.873 -1.955  -0.606  1.00 26.29  ? 275 ALA A C   1 
ATOM   820  O O   . ALA A 1 118 ? -11.877 -1.408  -1.099  1.00 27.86  ? 275 ALA A O   1 
ATOM   821  C CB  . ALA A 1 118 ? -8.714  -0.769  -1.103  1.00 26.06  ? 275 ALA A CB  1 
ATOM   822  N N   . LYS A 1 119 ? -10.680 -3.239  -0.613  1.00 28.27  ? 276 LYS A N   1 
ATOM   823  C CA  . LYS A 1 119 ? -11.719 -4.196  -1.083  1.00 35.64  ? 276 LYS A CA  1 
ATOM   824  C C   . LYS A 1 119 ? -12.906 -4.117  -0.130  1.00 34.96  ? 276 LYS A C   1 
ATOM   825  O O   . LYS A 1 119 ? -14.065 -4.046  -0.620  1.00 34.18  ? 276 LYS A O   1 
ATOM   826  C CB  . LYS A 1 119 ? -11.193 -5.622  -1.073  1.00 32.92  ? 276 LYS A CB  1 
ATOM   827  C CG  . LYS A 1 119 ? -10.199 -5.959  -2.164  1.00 31.94  ? 276 LYS A CG  1 
ATOM   828  C CD  . LYS A 1 119 ? -9.532  -7.208  -1.804  1.00 33.86  ? 276 LYS A CD  1 
ATOM   829  C CE  . LYS A 1 119 ? -8.641  -7.721  -2.903  1.00 43.24  ? 276 LYS A CE  1 
ATOM   830  N NZ  . LYS A 1 119 ? -7.929  -8.913  -2.405  1.00 51.81  ? 276 LYS A NZ  1 
ATOM   831  N N   . HIS A 1 120 ? -12.624 -4.033  1.161   1.00 34.19  ? 277 HIS A N   1 
ATOM   832  C CA  . HIS A 1 120 ? -13.663 -3.827  2.192   1.00 35.17  ? 277 HIS A CA  1 
ATOM   833  C C   . HIS A 1 120 ? -14.431 -2.551  1.874   1.00 38.30  ? 277 HIS A C   1 
ATOM   834  O O   . HIS A 1 120 ? -15.668 -2.626  1.883   1.00 42.18  ? 277 HIS A O   1 
ATOM   835  C CB  . HIS A 1 120 ? -13.099 -3.822  3.600   1.00 36.91  ? 277 HIS A CB  1 
ATOM   836  C CG  . HIS A 1 120 ? -14.135 -3.454  4.600   1.00 43.99  ? 277 HIS A CG  1 
ATOM   837  N ND1 . HIS A 1 120 ? -15.055 -4.368  5.055   1.00 53.59  ? 277 HIS A ND1 1 
ATOM   838  C CD2 . HIS A 1 120 ? -14.422 -2.283  5.206   1.00 46.79  ? 277 HIS A CD2 1 
ATOM   839  C CE1 . HIS A 1 120 ? -15.863 -3.782  5.920   1.00 56.33  ? 277 HIS A CE1 1 
ATOM   840  N NE2 . HIS A 1 120 ? -15.483 -2.506  6.041   1.00 53.00  ? 277 HIS A NE2 1 
ATOM   841  N N   . LEU A 1 121 ? -13.753 -1.441  1.577   1.00 34.06  ? 278 LEU A N   1 
ATOM   842  C CA  . LEU A 1 121 ? -14.387 -0.136  1.294   1.00 34.91  ? 278 LEU A CA  1 
ATOM   843  C C   . LEU A 1 121 ? -15.279 -0.221  0.050   1.00 38.99  ? 278 LEU A C   1 
ATOM   844  O O   . LEU A 1 121 ? -16.341 0.422   0.044   1.00 35.79  ? 278 LEU A O   1 
ATOM   845  C CB  . LEU A 1 121 ? -13.339 0.974   1.141   1.00 30.58  ? 278 LEU A CB  1 
ATOM   846  C CG  . LEU A 1 121 ? -12.643 1.352   2.440   1.00 31.93  ? 278 LEU A CG  1 
ATOM   847  C CD1 . LEU A 1 121 ? -11.419 2.224   2.169   1.00 33.89  ? 278 LEU A CD1 1 
ATOM   848  C CD2 . LEU A 1 121 ? -13.595 2.084   3.351   1.00 33.38  ? 278 LEU A CD2 1 
ATOM   849  N N   . LYS A 1 122 ? -14.869 -0.968  -0.971  1.00 35.70  ? 279 LYS A N   1 
ATOM   850  C CA  . LYS A 1 122 ? -15.723 -1.160  -2.185  1.00 42.07  ? 279 LYS A CA  1 
ATOM   851  C C   . LYS A 1 122 ? -17.038 -1.884  -1.821  1.00 40.65  ? 279 LYS A C   1 
ATOM   852  O O   . LYS A 1 122 ? -18.090 -1.434  -2.284  1.00 42.15  ? 279 LYS A O   1 
ATOM   853  C CB  . LYS A 1 122 ? -14.965 -1.928  -3.264  1.00 43.66  ? 279 LYS A CB  1 
ATOM   854  C CG  . LYS A 1 122 ? -15.747 -2.235  -4.525  1.00 49.57  ? 279 LYS A CG  1 
ATOM   855  C CD  . LYS A 1 122 ? -16.465 -1.043  -5.072  1.00 55.52  ? 279 LYS A CD  1 
ATOM   856  C CE  . LYS A 1 122 ? -16.737 -1.166  -6.551  1.00 64.42  ? 279 LYS A CE  1 
ATOM   857  N NZ  . LYS A 1 122 ? -15.561 -0.688  -7.316  1.00 72.15  ? 279 LYS A NZ  1 
ATOM   858  N N   . THR A 1 123 ? -16.967 -2.932  -1.009  1.00 40.98  ? 280 THR A N   1 
ATOM   859  C CA  . THR A 1 123 ? -18.118 -3.794  -0.637  1.00 50.10  ? 280 THR A CA  1 
ATOM   860  C C   . THR A 1 123 ? -19.128 -3.017  0.204   1.00 50.48  ? 280 THR A C   1 
ATOM   861  O O   . THR A 1 123 ? -20.286 -3.432  0.188   1.00 53.35  ? 280 THR A O   1 
ATOM   862  C CB  . THR A 1 123 ? -17.677 -5.048  0.115   1.00 46.20  ? 280 THR A CB  1 
ATOM   863  O OG1 . THR A 1 123 ? -17.140 -4.608  1.357   1.00 59.81  ? 280 THR A OG1 1 
ATOM   864  C CG2 . THR A 1 123 ? -16.637 -5.864  -0.614  1.00 45.29  ? 280 THR A CG2 1 
ATOM   865  N N   . ILE A 1 124 ? -18.735 -1.931  0.872   1.00 42.74  ? 281 ILE A N   1 
ATOM   866  C CA  . ILE A 1 124 ? -19.670 -1.086  1.667   1.00 42.64  ? 281 ILE A CA  1 
ATOM   867  C C   . ILE A 1 124 ? -19.966 0.244   0.966   1.00 43.75  ? 281 ILE A C   1 
ATOM   868  O O   . ILE A 1 124 ? -20.394 1.175   1.651   1.00 48.12  ? 281 ILE A O   1 
ATOM   869  C CB  . ILE A 1 124 ? -19.123 -0.911  3.100   1.00 48.55  ? 281 ILE A CB  1 
ATOM   870  C CG1 . ILE A 1 124 ? -17.920 0.039   3.154   1.00 48.73  ? 281 ILE A CG1 1 
ATOM   871  C CG2 . ILE A 1 124 ? -18.796 -2.260  3.727   1.00 44.41  ? 281 ILE A CG2 1 
ATOM   872  C CD1 . ILE A 1 124 ? -17.599 0.551   4.551   1.00 53.07  ? 281 ILE A CD1 1 
ATOM   873  N N   . ASN A 1 125 ? -19.813 0.357   -0.353  1.00 38.21  ? 282 ASN A N   1 
ATOM   874  C CA  . ASN A 1 125 ? -20.086 1.608   -1.118  1.00 48.61  ? 282 ASN A CA  1 
ATOM   875  C C   . ASN A 1 125 ? -19.330 2.783   -0.489  1.00 49.52  ? 282 ASN A C   1 
ATOM   876  O O   . ASN A 1 125 ? -19.956 3.833   -0.284  1.00 45.72  ? 282 ASN A O   1 
ATOM   877  C CB  . ASN A 1 125 ? -21.584 1.982   -1.242  1.00 49.51  ? 282 ASN A CB  1 
ATOM   878  C CG  . ASN A 1 125 ? -21.909 3.020   -2.322  1.00 55.76  ? 282 ASN A CG  1 
ATOM   879  O OD1 . ASN A 1 125 ? -22.708 3.961   -2.096  1.00 49.34  ? 282 ASN A OD1 1 
ATOM   880  N ND2 . ASN A 1 125 ? -21.339 2.842   -3.521  1.00 40.69  ? 282 ASN A ND2 1 
ATOM   881  N N   . GLN A 1 126 ? -18.026 2.635   -0.231  1.00 49.30  ? 283 GLN A N   1 
ATOM   882  C CA  . GLN A 1 126 ? -17.191 3.737   0.310   1.00 47.78  ? 283 GLN A CA  1 
ATOM   883  C C   . GLN A 1 126 ? -15.936 3.876   -0.555  1.00 52.29  ? 283 GLN A C   1 
ATOM   884  O O   . GLN A 1 126 ? -14.838 4.034   0.016   1.00 42.57  ? 283 GLN A O   1 
ATOM   885  C CB  . GLN A 1 126 ? -16.873 3.443   1.772   1.00 56.36  ? 283 GLN A CB  1 
ATOM   886  C CG  . GLN A 1 126 ? -18.103 3.401   2.669   1.00 60.27  ? 283 GLN A CG  1 
ATOM   887  C CD  . GLN A 1 126 ? -18.597 4.784   2.989   1.00 60.65  ? 283 GLN A CD  1 
ATOM   888  O OE1 . GLN A 1 126 ? -17.891 5.773   2.814   1.00 66.50  ? 283 GLN A OE1 1 
ATOM   889  N NE2 . GLN A 1 126 ? -19.829 4.854   3.456   1.00 61.80  ? 283 GLN A NE2 1 
ATOM   890  N N   . GLU A 1 127 ? -16.114 3.809   -1.875  1.00 48.26  ? 284 GLU A N   1 
ATOM   891  C CA  . GLU A 1 127 ? -15.031 3.869   -2.878  1.00 54.33  ? 284 GLU A CA  1 
ATOM   892  C C   . GLU A 1 127 ? -14.326 5.207   -2.777  1.00 50.26  ? 284 GLU A C   1 
ATOM   893  O O   . GLU A 1 127 ? -13.139 5.240   -3.049  1.00 45.84  ? 284 GLU A O   1 
ATOM   894  C CB  . GLU A 1 127 ? -15.571 3.772   -4.299  1.00 63.47  ? 284 GLU A CB  1 
ATOM   895  C CG  . GLU A 1 127 ? -16.002 2.379   -4.690  1.00 74.48  ? 284 GLU A CG  1 
ATOM   896  C CD  . GLU A 1 127 ? -16.610 2.297   -6.088  1.00 88.93  ? 284 GLU A CD  1 
ATOM   897  O OE1 . GLU A 1 127 ? -15.872 1.879   -7.011  1.00 91.62  ? 284 GLU A OE1 1 
ATOM   898  O OE2 . GLU A 1 127 ? -17.818 2.649   -6.262  1.00 87.50  ? 284 GLU A OE2 1 
ATOM   899  N N   . SER A 1 128 ? -15.043 6.267   -2.409  1.00 47.69  ? 285 SER A N   1 
ATOM   900  C CA  . SER A 1 128 ? -14.483 7.640   -2.295  1.00 52.34  ? 285 SER A CA  1 
ATOM   901  C C   . SER A 1 128 ? -13.321 7.664   -1.278  1.00 42.13  ? 285 SER A C   1 
ATOM   902  O O   . SER A 1 128 ? -12.455 8.515   -1.426  1.00 48.11  ? 285 SER A O   1 
ATOM   903  C CB  . SER A 1 128 ? -15.565 8.658   -1.948  1.00 55.91  ? 285 SER A CB  1 
ATOM   904  O OG  . SER A 1 128 ? -16.259 8.274   -0.767  1.00 60.96  ? 285 SER A OG  1 
ATOM   905  N N   . CYS A 1 129 ? -13.322 6.783   -0.282  1.00 42.76  ? 286 CYS A N   1 
ATOM   906  C CA  . CYS A 1 129 ? -12.250 6.660   0.749   1.00 41.66  ? 286 CYS A CA  1 
ATOM   907  C C   . CYS A 1 129 ? -11.002 5.934   0.247   1.00 40.54  ? 286 CYS A C   1 
ATOM   908  O O   . CYS A 1 129 ? -10.003 5.926   1.002   1.00 35.26  ? 286 CYS A O   1 
ATOM   909  C CB  . CYS A 1 129 ? -12.721 5.882   1.957   1.00 45.19  ? 286 CYS A CB  1 
ATOM   910  S SG  . CYS A 1 129 ? -14.046 6.749   2.832   1.00 55.17  ? 286 CYS A SG  1 
ATOM   911  N N   . ILE A 1 130 ? -11.031 5.304   -0.927  1.00 35.55  ? 287 ILE A N   1 
ATOM   912  C CA  . ILE A 1 130 ? -9.877  4.471   -1.392  1.00 33.83  ? 287 ILE A CA  1 
ATOM   913  C C   . ILE A 1 130 ? -8.703  5.402   -1.710  1.00 35.70  ? 287 ILE A C   1 
ATOM   914  O O   . ILE A 1 130 ? -7.590  5.079   -1.287  1.00 34.59  ? 287 ILE A O   1 
ATOM   915  C CB  . ILE A 1 130 ? -10.242 3.523   -2.554  1.00 30.80  ? 287 ILE A CB  1 
ATOM   916  C CG1 . ILE A 1 130 ? -11.191 2.434   -2.061  1.00 36.13  ? 287 ILE A CG1 1 
ATOM   917  C CG2 . ILE A 1 130 ? -8.996  2.910   -3.168  1.00 32.37  ? 287 ILE A CG2 1 
ATOM   918  C CD1 . ILE A 1 130 ? -11.854 1.623   -3.145  1.00 37.02  ? 287 ILE A CD1 1 
ATOM   919  N N   . GLU A 1 131 ? -8.914  6.534   -2.369  1.00 36.28  ? 288 GLU A N   1 
ATOM   920  C CA  . GLU A 1 131 ? -7.769  7.444   -2.654  1.00 43.79  ? 288 GLU A CA  1 
ATOM   921  C C   . GLU A 1 131 ? -7.166  8.011   -1.355  1.00 39.24  ? 288 GLU A C   1 
ATOM   922  O O   . GLU A 1 131 ? -5.946  7.998   -1.194  1.00 37.02  ? 288 GLU A O   1 
ATOM   923  C CB  . GLU A 1 131 ? -8.135  8.549   -3.648  1.00 44.93  ? 288 GLU A CB  1 
ATOM   924  C CG  . GLU A 1 131 ? -6.935  9.364   -4.116  0.75 50.27  ? 288 GLU A CG  1 
ATOM   925  C CD  . GLU A 1 131 ? -5.730  8.564   -4.585  0.50 56.01  ? 288 GLU A CD  1 
ATOM   926  O OE1 . GLU A 1 131 ? -4.734  8.502   -3.830  0.50 58.56  ? 288 GLU A OE1 1 
ATOM   927  O OE2 . GLU A 1 131 ? -5.784  8.011   -5.703  0.50 53.40  ? 288 GLU A OE2 1 
ATOM   928  N N   . PRO A 1 132 ? -7.940  8.546   -0.386  1.00 37.04  ? 289 PRO A N   1 
ATOM   929  C CA  . PRO A 1 132 ? -7.352  8.991   0.873   1.00 37.72  ? 289 PRO A CA  1 
ATOM   930  C C   . PRO A 1 132 ? -6.568  7.893   1.600   1.00 35.76  ? 289 PRO A C   1 
ATOM   931  O O   . PRO A 1 132 ? -5.564  8.198   2.262   1.00 31.14  ? 289 PRO A O   1 
ATOM   932  C CB  . PRO A 1 132 ? -8.545  9.370   1.752   1.00 38.30  ? 289 PRO A CB  1 
ATOM   933  C CG  . PRO A 1 132 ? -9.633  9.708   0.763   1.00 42.13  ? 289 PRO A CG  1 
ATOM   934  C CD  . PRO A 1 132 ? -9.361  8.893   -0.488  1.00 41.74  ? 289 PRO A CD  1 
ATOM   935  N N   . LEU A 1 133 ? -7.063  6.660   1.546   1.00 33.92  ? 290 LEU A N   1 
ATOM   936  C CA  . LEU A 1 133 ? -6.417  5.501   2.204   1.00 33.16  ? 290 LEU A CA  1 
ATOM   937  C C   . LEU A 1 133 ? -5.031  5.317   1.568   1.00 31.84  ? 290 LEU A C   1 
ATOM   938  O O   . LEU A 1 133 ? -4.045  5.105   2.308   1.00 29.45  ? 290 LEU A O   1 
ATOM   939  C CB  . LEU A 1 133 ? -7.267  4.240   2.021   1.00 34.11  ? 290 LEU A CB  1 
ATOM   940  C CG  . LEU A 1 133 ? -6.593  2.934   2.419   1.00 34.37  ? 290 LEU A CG  1 
ATOM   941  C CD1 . LEU A 1 133 ? -6.187  2.953   3.890   1.00 39.15  ? 290 LEU A CD1 1 
ATOM   942  C CD2 . LEU A 1 133 ? -7.500  1.746   2.147   1.00 40.28  ? 290 LEU A CD2 1 
ATOM   943  N N   . ALA A 1 134 ? -4.968  5.383   0.240   1.00 30.24  ? 291 ALA A N   1 
ATOM   944  C CA  . ALA A 1 134 ? -3.712  5.230   -0.537  1.00 31.80  ? 291 ALA A CA  1 
ATOM   945  C C   . ALA A 1 134 ? -2.734  6.359   -0.171  1.00 30.95  ? 291 ALA A C   1 
ATOM   946  O O   . ALA A 1 134 ? -1.556  6.070   0.089   1.00 28.83  ? 291 ALA A O   1 
ATOM   947  C CB  . ALA A 1 134 ? -4.001  5.205   -2.023  1.00 31.47  ? 291 ALA A CB  1 
ATOM   948  N N   . GLU A 1 135 ? -3.222  7.605   -0.156  1.00 30.48  ? 292 GLU A N   1 
ATOM   949  C CA  . GLU A 1 135 ? -2.446  8.786   0.298   1.00 34.85  ? 292 GLU A CA  1 
ATOM   950  C C   . GLU A 1 135 ? -1.919  8.533   1.709   1.00 28.98  ? 292 GLU A C   1 
ATOM   951  O O   . GLU A 1 135 ? -0.750  8.833   1.943   1.00 30.72  ? 292 GLU A O   1 
ATOM   952  C CB  . GLU A 1 135 ? -3.288  10.060  0.224   1.00 39.21  ? 292 GLU A CB  1 
ATOM   953  C CG  . GLU A 1 135 ? -3.727  10.370  -1.195  0.75 49.98  ? 292 GLU A CG  1 
ATOM   954  C CD  . GLU A 1 135 ? -3.779  11.836  -1.582  0.75 60.08  ? 292 GLU A CD  1 
ATOM   955  O OE1 . GLU A 1 135 ? -2.832  12.578  -1.203  0.75 67.47  ? 292 GLU A OE1 1 
ATOM   956  O OE2 . GLU A 1 135 ? -4.762  12.225  -2.267  0.75 62.80  ? 292 GLU A OE2 1 
ATOM   957  N N   . SER A 1 136 ? -2.758  8.035   2.632   1.00 30.13  ? 293 SER A N   1 
ATOM   958  C CA  . SER A 1 136 ? -2.368  7.857   4.046   1.00 31.75  ? 293 SER A CA  1 
ATOM   959  C C   . SER A 1 136 ? -1.262  6.803   4.128   1.00 29.71  ? 293 SER A C   1 
ATOM   960  O O   . SER A 1 136 ? -0.280  6.990   4.876   1.00 27.48  ? 293 SER A O   1 
ATOM   961  C CB  . SER A 1 136 ? -3.563  7.560   4.909   1.00 35.86  ? 293 SER A CB  1 
ATOM   962  O OG  . SER A 1 136 ? -3.158  6.986   6.121   1.00 46.46  ? 293 SER A OG  1 
ATOM   963  N N   . ILE A 1 137 ? -1.385  5.706   3.390   1.00 27.12  ? 294 ILE A N   1 
ATOM   964  C CA  . ILE A 1 137 ? -0.357  4.630   3.438   1.00 27.64  ? 294 ILE A CA  1 
ATOM   965  C C   . ILE A 1 137 ? 0.968   5.162   2.904   1.00 24.45  ? 294 ILE A C   1 
ATOM   966  O O   . ILE A 1 137 ? 2.016   4.906   3.531   1.00 28.02  ? 294 ILE A O   1 
ATOM   967  C CB  . ILE A 1 137 ? -0.830  3.402   2.648   1.00 28.24  ? 294 ILE A CB  1 
ATOM   968  C CG1 . ILE A 1 137 ? -2.032  2.777   3.334   1.00 32.40  ? 294 ILE A CG1 1 
ATOM   969  C CG2 . ILE A 1 137 ? 0.305   2.416   2.447   1.00 27.81  ? 294 ILE A CG2 1 
ATOM   970  C CD1 . ILE A 1 137 ? -2.635  1.661   2.568   1.00 33.23  ? 294 ILE A CD1 1 
ATOM   971  N N   . THR A 1 138 ? 0.922   5.836   1.764   1.00 28.08  ? 295 THR A N   1 
ATOM   972  C CA  . THR A 1 138 ? 2.121   6.389   1.115   1.00 26.48  ? 295 THR A CA  1 
ATOM   973  C C   . THR A 1 138 ? 2.795   7.399   2.064   1.00 29.05  ? 295 THR A C   1 
ATOM   974  O O   . THR A 1 138 ? 4.014   7.332   2.238   1.00 26.57  ? 295 THR A O   1 
ATOM   975  C CB  . THR A 1 138 ? 1.788   7.037   -0.218  1.00 29.50  ? 295 THR A CB  1 
ATOM   976  O OG1 . THR A 1 138 ? 1.064   6.106   -1.048  1.00 28.40  ? 295 THR A OG1 1 
ATOM   977  C CG2 . THR A 1 138 ? 3.080   7.479   -0.862  1.00 28.13  ? 295 THR A CG2 1 
ATOM   978  N N   . ASP A 1 139 ? 2.010   8.246   2.732   1.00 31.62  ? 296 ASP A N   1 
ATOM   979  C CA  . ASP A 1 139 ? 2.559   9.249   3.687   1.00 32.84  ? 296 ASP A CA  1 
ATOM   980  C C   . ASP A 1 139 ? 3.255   8.510   4.835   1.00 30.40  ? 296 ASP A C   1 
ATOM   981  O O   . ASP A 1 139 ? 4.416   8.823   5.136   1.00 32.88  ? 296 ASP A O   1 
ATOM   982  C CB  . ASP A 1 139 ? 1.473   10.214  4.170   1.00 38.24  ? 296 ASP A CB  1 
ATOM   983  C CG  . ASP A 1 139 ? 2.044   11.468  4.824   0.75 48.23  ? 296 ASP A CG  1 
ATOM   984  O OD1 . ASP A 1 139 ? 2.804   12.216  4.144   0.75 46.64  ? 296 ASP A OD1 1 
ATOM   985  O OD2 . ASP A 1 139 ? 1.746   11.668  6.014   0.75 54.77  ? 296 ASP A OD2 1 
ATOM   986  N N   . VAL A 1 140 ? 2.595   7.535   5.449   1.00 27.22  ? 297 VAL A N   1 
ATOM   987  C CA  . VAL A 1 140 ? 3.205   6.771   6.574   1.00 33.48  ? 297 VAL A CA  1 
ATOM   988  C C   . VAL A 1 140 ? 4.518   6.188   6.077   1.00 35.01  ? 297 VAL A C   1 
ATOM   989  O O   . VAL A 1 140 ? 5.534   6.325   6.780   1.00 34.46  ? 297 VAL A O   1 
ATOM   990  C CB  . VAL A 1 140 ? 2.296   5.674   7.140   1.00 37.31  ? 297 VAL A CB  1 
ATOM   991  C CG1 . VAL A 1 140 ? 3.065   4.731   8.049   1.00 40.56  ? 297 VAL A CG1 1 
ATOM   992  C CG2 . VAL A 1 140 ? 1.107   6.286   7.868   1.00 38.94  ? 297 VAL A CG2 1 
ATOM   993  N N   . LEU A 1 141 ? 4.469   5.504   4.943   1.00 29.73  ? 298 LEU A N   1 
ATOM   994  C CA  . LEU A 1 141 ? 5.650   4.806   4.423   1.00 28.74  ? 298 LEU A CA  1 
ATOM   995  C C   . LEU A 1 141 ? 6.780   5.798   4.143   1.00 29.54  ? 298 LEU A C   1 
ATOM   996  O O   . LEU A 1 141 ? 7.891   5.603   4.655   1.00 29.37  ? 298 LEU A O   1 
ATOM   997  C CB  . LEU A 1 141 ? 5.267   4.051   3.158   1.00 32.22  ? 298 LEU A CB  1 
ATOM   998  C CG  . LEU A 1 141 ? 6.434   3.356   2.456   1.00 31.72  ? 298 LEU A CG  1 
ATOM   999  C CD1 . LEU A 1 141 ? 7.130   2.379   3.404   1.00 30.03  ? 298 LEU A CD1 1 
ATOM   1000 C CD2 . LEU A 1 141 ? 5.909   2.648   1.215   1.00 32.14  ? 298 LEU A CD2 1 
ATOM   1001 N N   . VAL A 1 142 ? 6.535   6.801   3.315   1.00 28.87  ? 299 VAL A N   1 
ATOM   1002 C CA  . VAL A 1 142 ? 7.597   7.696   2.812   1.00 30.85  ? 299 VAL A CA  1 
ATOM   1003 C C   . VAL A 1 142 ? 8.031   8.660   3.936   1.00 30.63  ? 299 VAL A C   1 
ATOM   1004 O O   . VAL A 1 142 ? 9.242   8.871   4.088   1.00 35.04  ? 299 VAL A O   1 
ATOM   1005 C CB  . VAL A 1 142 ? 7.169   8.404   1.526   1.00 34.91  ? 299 VAL A CB  1 
ATOM   1006 C CG1 . VAL A 1 142 ? 8.238   9.385   1.107   1.00 35.42  ? 299 VAL A CG1 1 
ATOM   1007 C CG2 . VAL A 1 142 ? 6.888   7.393   0.418   1.00 35.28  ? 299 VAL A CG2 1 
ATOM   1008 N N   . ARG A 1 143 ? 7.116   9.159   4.752   1.00 31.46  ? 300 ARG A N   1 
ATOM   1009 C CA  . ARG A 1 143 ? 7.496   10.154  5.790   1.00 35.73  ? 300 ARG A CA  1 
ATOM   1010 C C   . ARG A 1 143 ? 8.330   9.448   6.857   1.00 34.05  ? 300 ARG A C   1 
ATOM   1011 O O   . ARG A 1 143 ? 9.301   10.049  7.281   1.00 33.96  ? 300 ARG A O   1 
ATOM   1012 C CB  . ARG A 1 143 ? 6.300   10.850  6.443   1.00 40.46  ? 300 ARG A CB  1 
ATOM   1013 C CG  . ARG A 1 143 ? 6.680   11.833  7.547   1.00 56.72  ? 300 ARG A CG  1 
ATOM   1014 C CD  . ARG A 1 143 ? 5.496   12.503  8.246   1.00 68.46  ? 300 ARG A CD  1 
ATOM   1015 N NE  . ARG A 1 143 ? 4.562   11.495  8.743   1.00 79.28  ? 300 ARG A NE  1 
ATOM   1016 C CZ  . ARG A 1 143 ? 3.232   11.591  8.735   1.00 85.84  ? 300 ARG A CZ  1 
ATOM   1017 N NH1 . ARG A 1 143 ? 2.632   12.680  8.278   1.00 94.65  ? 300 ARG A NH1 1 
ATOM   1018 N NH2 . ARG A 1 143 ? 2.503   10.583  9.183   1.00 82.19  ? 300 ARG A NH2 1 
ATOM   1019 N N   . THR A 1 144 ? 7.967   8.237   7.285   1.00 28.00  ? 301 THR A N   1 
ATOM   1020 C CA  . THR A 1 144 ? 8.618   7.569   8.447   1.00 33.29  ? 301 THR A CA  1 
ATOM   1021 C C   . THR A 1 144 ? 9.821   6.711   8.059   1.00 31.74  ? 301 THR A C   1 
ATOM   1022 O O   . THR A 1 144 ? 10.616  6.420   8.964   1.00 37.49  ? 301 THR A O   1 
ATOM   1023 C CB  . THR A 1 144 ? 7.619   6.778   9.289   1.00 34.43  ? 301 THR A CB  1 
ATOM   1024 O OG1 . THR A 1 144 ? 7.213   5.600   8.573   1.00 32.37  ? 301 THR A OG1 1 
ATOM   1025 C CG2 . THR A 1 144 ? 6.457   7.647   9.696   1.00 38.31  ? 301 THR A CG2 1 
ATOM   1026 N N   . LYS A 1 145 ? 10.001  6.351   6.794   1.00 26.26  ? 302 LYS A N   1 
ATOM   1027 C CA  . LYS A 1 145 ? 11.084  5.395   6.413   1.00 27.61  ? 302 LYS A CA  1 
ATOM   1028 C C   . LYS A 1 145 ? 11.945  5.954   5.294   1.00 26.87  ? 302 LYS A C   1 
ATOM   1029 O O   . LYS A 1 145 ? 12.656  5.195   4.644   1.00 23.51  ? 302 LYS A O   1 
ATOM   1030 C CB  . LYS A 1 145 ? 10.424  4.082   5.960   1.00 29.18  ? 302 LYS A CB  1 
ATOM   1031 C CG  . LYS A 1 145 ? 9.581   3.398   7.012   1.00 29.55  ? 302 LYS A CG  1 
ATOM   1032 C CD  . LYS A 1 145 ? 10.335  3.185   8.285   1.00 34.83  ? 302 LYS A CD  1 
ATOM   1033 C CE  . LYS A 1 145 ? 9.472   2.452   9.290   1.00 37.80  ? 302 LYS A CE  1 
ATOM   1034 N NZ  . LYS A 1 145 ? 10.281  1.959   10.431  1.00 42.37  ? 302 LYS A NZ  1 
ATOM   1035 N N   . ARG A 1 146 ? 11.901  7.256   5.085   1.00 26.21  ? 303 ARG A N   1 
ATOM   1036 C CA  . ARG A 1 146 ? 12.580  7.935   3.963   1.00 28.06  ? 303 ARG A CA  1 
ATOM   1037 C C   . ARG A 1 146 ? 14.010  7.432   3.819   1.00 25.37  ? 303 ARG A C   1 
ATOM   1038 O O   . ARG A 1 146 ? 14.376  6.927   2.707   1.00 25.59  ? 303 ARG A O   1 
ATOM   1039 C CB  . ARG A 1 146 ? 12.481  9.448   4.178   1.00 30.03  ? 303 ARG A CB  1 
ATOM   1040 C CG  . ARG A 1 146 ? 13.431  10.261  3.309   1.00 37.83  ? 303 ARG A CG  1 
ATOM   1041 C CD  . ARG A 1 146 ? 12.991  10.499  1.884   1.00 35.35  ? 303 ARG A CD  1 
ATOM   1042 N NE  . ARG A 1 146 ? 11.731  11.228  1.937   1.00 40.02  ? 303 ARG A NE  1 
ATOM   1043 C CZ  . ARG A 1 146 ? 11.029  11.647  0.889   1.00 28.56  ? 303 ARG A CZ  1 
ATOM   1044 N NH1 . ARG A 1 146 ? 11.504  11.484  -0.326  1.00 34.66  ? 303 ARG A NH1 1 
ATOM   1045 N NH2 . ARG A 1 146 ? 9.898   12.303  1.092   1.00 34.87  ? 303 ARG A NH2 1 
ATOM   1046 N N   . ASP A 1 147 ? 14.829  7.584   4.845   1.00 27.99  ? 304 ASP A N   1 
ATOM   1047 C CA  . ASP A 1 147 ? 16.290  7.332   4.704   1.00 27.98  ? 304 ASP A CA  1 
ATOM   1048 C C   . ASP A 1 147 ? 16.515  5.832   4.437   1.00 27.24  ? 304 ASP A C   1 
ATOM   1049 O O   . ASP A 1 147 ? 17.425  5.476   3.652   1.00 26.58  ? 304 ASP A O   1 
ATOM   1050 C CB  . ASP A 1 147 ? 17.080  7.813   5.914   1.00 31.58  ? 304 ASP A CB  1 
ATOM   1051 C CG  . ASP A 1 147 ? 17.142  9.335   6.034   1.00 32.74  ? 304 ASP A CG  1 
ATOM   1052 O OD1 . ASP A 1 147 ? 16.702  10.050  5.069   1.00 29.44  ? 304 ASP A OD1 1 
ATOM   1053 O OD2 . ASP A 1 147 ? 17.599  9.783   7.079   1.00 33.95  ? 304 ASP A OD2 1 
ATOM   1054 N N   . TRP A 1 148 ? 15.690  4.971   5.011   1.00 27.65  ? 305 TRP A N   1 
ATOM   1055 C CA  . TRP A 1 148 ? 15.818  3.501   4.783   1.00 26.83  ? 305 TRP A CA  1 
ATOM   1056 C C   . TRP A 1 148 ? 15.460  3.160   3.344   1.00 26.20  ? 305 TRP A C   1 
ATOM   1057 O O   . TRP A 1 148 ? 16.235  2.425   2.695   1.00 28.35  ? 305 TRP A O   1 
ATOM   1058 C CB  . TRP A 1 148 ? 14.971  2.716   5.782   1.00 28.02  ? 305 TRP A CB  1 
ATOM   1059 C CG  . TRP A 1 148 ? 15.129  1.230   5.704   1.00 26.48  ? 305 TRP A CG  1 
ATOM   1060 C CD1 . TRP A 1 148 ? 15.989  0.475   6.449   1.00 31.60  ? 305 TRP A CD1 1 
ATOM   1061 C CD2 . TRP A 1 148 ? 14.499  0.318   4.771   1.00 26.19  ? 305 TRP A CD2 1 
ATOM   1062 N NE1 . TRP A 1 148 ? 15.897  -0.848  6.087   1.00 28.79  ? 305 TRP A NE1 1 
ATOM   1063 C CE2 . TRP A 1 148 ? 14.996  -0.975  5.070   1.00 27.58  ? 305 TRP A CE2 1 
ATOM   1064 C CE3 . TRP A 1 148 ? 13.532  0.454   3.770   1.00 25.32  ? 305 TRP A CE3 1 
ATOM   1065 C CZ2 . TRP A 1 148 ? 14.535  -2.129  4.426   1.00 26.65  ? 305 TRP A CZ2 1 
ATOM   1066 C CZ3 . TRP A 1 148 ? 13.091  -0.683  3.111   1.00 27.76  ? 305 TRP A CZ3 1 
ATOM   1067 C CH2 . TRP A 1 148 ? 13.632  -1.935  3.405   1.00 25.54  ? 305 TRP A CH2 1 
ATOM   1068 N N   . LEU A 1 149 ? 14.355  3.699   2.831   1.00 25.23  ? 306 LEU A N   1 
ATOM   1069 C CA  . LEU A 1 149 ? 13.974  3.458   1.432   1.00 24.12  ? 306 LEU A CA  1 
ATOM   1070 C C   . LEU A 1 149 ? 15.111  3.923   0.521   1.00 31.57  ? 306 LEU A C   1 
ATOM   1071 O O   . LEU A 1 149 ? 15.451  3.212   -0.427  1.00 28.06  ? 306 LEU A O   1 
ATOM   1072 C CB  . LEU A 1 149 ? 12.695  4.211   1.141   1.00 24.64  ? 306 LEU A CB  1 
ATOM   1073 C CG  . LEU A 1 149 ? 11.444  3.642   1.817   1.00 27.22  ? 306 LEU A CG  1 
ATOM   1074 C CD1 . LEU A 1 149 ? 10.309  4.634   1.686   1.00 26.27  ? 306 LEU A CD1 1 
ATOM   1075 C CD2 . LEU A 1 149 ? 11.084  2.245   1.245   1.00 31.44  ? 306 LEU A CD2 1 
ATOM   1076 N N   . VAL A 1 150 ? 15.695  5.094   0.795   1.00 29.07  ? 307 VAL A N   1 
ATOM   1077 C CA  . VAL A 1 150 ? 16.777  5.626   -0.098  1.00 28.11  ? 307 VAL A CA  1 
ATOM   1078 C C   . VAL A 1 150 ? 17.965  4.671   -0.062  1.00 25.21  ? 307 VAL A C   1 
ATOM   1079 O O   . VAL A 1 150 ? 18.475  4.348   -1.119  1.00 30.86  ? 307 VAL A O   1 
ATOM   1080 C CB  . VAL A 1 150 ? 17.178  7.068   0.275   1.00 30.68  ? 307 VAL A CB  1 
ATOM   1081 C CG1 . VAL A 1 150 ? 18.398  7.497   -0.517  1.00 34.67  ? 307 VAL A CG1 1 
ATOM   1082 C CG2 . VAL A 1 150 ? 16.018  8.031   0.046   1.00 30.29  ? 307 VAL A CG2 1 
ATOM   1083 N N   . LYS A 1 151 ? 18.386  4.249   1.111   1.00 27.03  ? 308 LYS A N   1 
ATOM   1084 C CA  . LYS A 1 151 ? 19.555  3.362   1.306   1.00 34.90  ? 308 LYS A CA  1 
ATOM   1085 C C   . LYS A 1 151 ? 19.321  2.067   0.519   1.00 41.96  ? 308 LYS A C   1 
ATOM   1086 O O   . LYS A 1 151 ? 20.275  1.551   -0.035  1.00 31.64  ? 308 LYS A O   1 
ATOM   1087 C CB  . LYS A 1 151 ? 19.682  3.037   2.786   1.00 39.33  ? 308 LYS A CB  1 
ATOM   1088 C CG  . LYS A 1 151 ? 21.078  2.692   3.264   1.00 45.84  ? 308 LYS A CG  1 
ATOM   1089 C CD  . LYS A 1 151 ? 21.060  1.788   4.496   1.00 54.19  ? 308 LYS A CD  1 
ATOM   1090 C CE  . LYS A 1 151 ? 19.926  2.053   5.480   1.00 57.72  ? 308 LYS A CE  1 
ATOM   1091 N NZ  . LYS A 1 151 ? 19.471  0.809   6.147   1.00 58.86  ? 308 LYS A NZ  1 
ATOM   1092 N N   . GLN A 1 152 ? 18.069  1.562   0.491   1.00 35.60  ? 309 GLN A N   1 
ATOM   1093 C CA  . GLN A 1 152 ? 17.680  0.261   -0.115  1.00 31.55  ? 309 GLN A CA  1 
ATOM   1094 C C   . GLN A 1 152 ? 17.358  0.422   -1.592  1.00 33.35  ? 309 GLN A C   1 
ATOM   1095 O O   . GLN A 1 152 ? 16.923  -0.550  -2.182  1.00 34.00  ? 309 GLN A O   1 
ATOM   1096 C CB  . GLN A 1 152 ? 16.492  -0.301  0.667   1.00 31.37  ? 309 GLN A CB  1 
ATOM   1097 C CG  . GLN A 1 152 ? 16.855  -0.660  2.099   1.00 34.63  ? 309 GLN A CG  1 
ATOM   1098 C CD  . GLN A 1 152 ? 17.936  -1.707  2.173   1.00 43.15  ? 309 GLN A CD  1 
ATOM   1099 O OE1 . GLN A 1 152 ? 17.832  -2.754  1.552   1.00 54.06  ? 309 GLN A OE1 1 
ATOM   1100 N NE2 . GLN A 1 152 ? 19.002  -1.415  2.901   1.00 42.67  ? 309 GLN A NE2 1 
ATOM   1101 N N   . ARG A 1 153 ? 17.638  1.582   -2.178  1.00 36.32  ? 310 ARG A N   1 
ATOM   1102 C CA  . ARG A 1 153 ? 17.441  1.951   -3.609  1.00 38.35  ? 310 ARG A CA  1 
ATOM   1103 C C   . ARG A 1 153 ? 15.953  1.960   -3.983  1.00 40.08  ? 310 ARG A C   1 
ATOM   1104 O O   . ARG A 1 153 ? 15.648  1.667   -5.152  1.00 33.95  ? 310 ARG A O   1 
ATOM   1105 C CB  . ARG A 1 153 ? 18.259  1.018   -4.504  1.00 46.63  ? 310 ARG A CB  1 
ATOM   1106 C CG  . ARG A 1 153 ? 19.702  1.457   -4.685  1.00 51.63  ? 310 ARG A CG  1 
ATOM   1107 C CD  . ARG A 1 153 ? 20.483  0.441   -5.495  1.00 54.34  ? 310 ARG A CD  1 
ATOM   1108 N NE  . ARG A 1 153 ? 20.238  -0.906  -5.002  0.75 57.24  ? 310 ARG A NE  1 
ATOM   1109 C CZ  . ARG A 1 153 ? 19.553  -1.849  -5.644  0.75 58.02  ? 310 ARG A CZ  1 
ATOM   1110 N NH1 . ARG A 1 153 ? 19.377  -3.016  -5.059  0.75 58.83  ? 310 ARG A NH1 1 
ATOM   1111 N NH2 . ARG A 1 153 ? 19.036  -1.631  -6.845  0.75 60.51  ? 310 ARG A NH2 1 
ATOM   1112 N N   . GLY A 1 154 ? 15.061  2.330   -3.050  1.00 34.83  ? 311 GLY A N   1 
ATOM   1113 C CA  . GLY A 1 154 ? 13.658  2.621   -3.373  1.00 32.89  ? 311 GLY A CA  1 
ATOM   1114 C C   . GLY A 1 154 ? 12.998  1.417   -4.033  1.00 27.43  ? 311 GLY A C   1 
ATOM   1115 O O   . GLY A 1 154 ? 13.251  0.285   -3.630  1.00 27.99  ? 311 GLY A O   1 
ATOM   1116 N N   . TRP A 1 155 ? 12.159  1.694   -5.025  1.00 27.47  ? 312 TRP A N   1 
ATOM   1117 C CA  . TRP A 1 155 ? 11.312  0.669   -5.684  1.00 34.72  ? 312 TRP A CA  1 
ATOM   1118 C C   . TRP A 1 155 ? 12.178  -0.281  -6.511  1.00 37.03  ? 312 TRP A C   1 
ATOM   1119 O O   . TRP A 1 155 ? 11.810  -1.451  -6.641  1.00 32.86  ? 312 TRP A O   1 
ATOM   1120 C CB  . TRP A 1 155 ? 10.202  1.368   -6.468  1.00 29.04  ? 312 TRP A CB  1 
ATOM   1121 C CG  . TRP A 1 155 ? 9.203   1.953   -5.506  1.00 32.47  ? 312 TRP A CG  1 
ATOM   1122 C CD1 . TRP A 1 155 ? 9.071   3.258   -5.149  1.00 31.04  ? 312 TRP A CD1 1 
ATOM   1123 C CD2 . TRP A 1 155 ? 8.270   1.235   -4.665  1.00 31.80  ? 312 TRP A CD2 1 
ATOM   1124 N NE1 . TRP A 1 155 ? 8.104   3.414   -4.187  1.00 28.72  ? 312 TRP A NE1 1 
ATOM   1125 C CE2 . TRP A 1 155 ? 7.564   2.196   -3.901  1.00 33.01  ? 312 TRP A CE2 1 
ATOM   1126 C CE3 . TRP A 1 155 ? 7.894   -0.111  -4.554  1.00 32.78  ? 312 TRP A CE3 1 
ATOM   1127 C CZ2 . TRP A 1 155 ? 6.542   1.854   -3.012  1.00 30.00  ? 312 TRP A CZ2 1 
ATOM   1128 C CZ3 . TRP A 1 155 ? 6.863   -0.443  -3.702  1.00 33.36  ? 312 TRP A CZ3 1 
ATOM   1129 C CH2 . TRP A 1 155 ? 6.188   0.525   -2.956  1.00 35.08  ? 312 TRP A CH2 1 
ATOM   1130 N N   . ASP A 1 156 ? 13.328  0.171   -6.997  1.00 33.59  ? 313 ASP A N   1 
ATOM   1131 C CA  . ASP A 1 156 ? 14.294  -0.739  -7.649  1.00 39.01  ? 313 ASP A CA  1 
ATOM   1132 C C   . ASP A 1 156 ? 14.772  -1.797  -6.658  1.00 38.02  ? 313 ASP A C   1 
ATOM   1133 O O   . ASP A 1 156 ? 14.895  -2.935  -7.064  1.00 41.87  ? 313 ASP A O   1 
ATOM   1134 C CB  . ASP A 1 156 ? 15.440  0.059   -8.261  1.00 49.56  ? 313 ASP A CB  1 
ATOM   1135 C CG  . ASP A 1 156 ? 14.928  0.916   -9.398  1.00 53.82  ? 313 ASP A CG  1 
ATOM   1136 O OD1 . ASP A 1 156 ? 14.259  0.340   -10.267 1.00 68.63  ? 313 ASP A OD1 1 
ATOM   1137 O OD2 . ASP A 1 156 ? 15.131  2.153   -9.378  1.00 61.86  ? 313 ASP A OD2 1 
ATOM   1138 N N   . GLY A 1 157 ? 15.020  -1.445  -5.397  1.00 33.38  ? 314 GLY A N   1 
ATOM   1139 C CA  . GLY A 1 157 ? 15.425  -2.416  -4.367  1.00 34.91  ? 314 GLY A CA  1 
ATOM   1140 C C   . GLY A 1 157 ? 14.298  -3.368  -4.012  1.00 38.00  ? 314 GLY A C   1 
ATOM   1141 O O   . GLY A 1 157 ? 14.571  -4.512  -3.647  1.00 37.27  ? 314 GLY A O   1 
ATOM   1142 N N   . PHE A 1 158 ? 13.061  -2.867  -4.023  1.00 37.32  ? 315 PHE A N   1 
ATOM   1143 C CA  . PHE A 1 158 ? 11.858  -3.687  -3.751  1.00 34.18  ? 315 PHE A CA  1 
ATOM   1144 C C   . PHE A 1 158 ? 11.761  -4.812  -4.799  1.00 30.01  ? 315 PHE A C   1 
ATOM   1145 O O   . PHE A 1 158 ? 11.532  -5.954  -4.427  1.00 33.25  ? 315 PHE A O   1 
ATOM   1146 C CB  . PHE A 1 158 ? 10.630  -2.806  -3.917  1.00 32.42  ? 315 PHE A CB  1 
ATOM   1147 C CG  . PHE A 1 158 ? 9.321   -3.528  -3.791  1.00 30.65  ? 315 PHE A CG  1 
ATOM   1148 C CD1 . PHE A 1 158 ? 8.868   -3.924  -2.548  1.00 33.72  ? 315 PHE A CD1 1 
ATOM   1149 C CD2 . PHE A 1 158 ? 8.506   -3.686  -4.898  1.00 31.81  ? 315 PHE A CD2 1 
ATOM   1150 C CE1 . PHE A 1 158 ? 7.634   -4.543  -2.419  1.00 33.00  ? 315 PHE A CE1 1 
ATOM   1151 C CE2 . PHE A 1 158 ? 7.279   -4.317  -4.775  1.00 35.28  ? 315 PHE A CE2 1 
ATOM   1152 C CZ  . PHE A 1 158 ? 6.858   -4.752  -3.537  1.00 33.30  ? 315 PHE A CZ  1 
ATOM   1153 N N   . VAL A 1 159 ? 11.880  -4.448  -6.055  1.00 35.70  ? 316 VAL A N   1 
ATOM   1154 C CA  . VAL A 1 159 ? 11.735  -5.402  -7.191  1.00 38.34  ? 316 VAL A CA  1 
ATOM   1155 C C   . VAL A 1 159 ? 12.857  -6.425  -7.136  1.00 44.20  ? 316 VAL A C   1 
ATOM   1156 O O   . VAL A 1 159 ? 12.551  -7.627  -7.350  1.00 44.55  ? 316 VAL A O   1 
ATOM   1157 C CB  . VAL A 1 159 ? 11.716  -4.674  -8.521  1.00 35.71  ? 316 VAL A CB  1 
ATOM   1158 C CG1 . VAL A 1 159 ? 11.793  -5.638  -9.698  1.00 42.20  ? 316 VAL A CG1 1 
ATOM   1159 C CG2 . VAL A 1 159 ? 10.525  -3.771  -8.618  1.00 35.77  ? 316 VAL A CG2 1 
ATOM   1160 N N   . GLU A 1 160 ? 14.083  -5.986  -6.844  1.00 40.03  ? 317 GLU A N   1 
ATOM   1161 C CA  . GLU A 1 160 ? 15.269  -6.879  -6.806  1.00 42.86  ? 317 GLU A CA  1 
ATOM   1162 C C   . GLU A 1 160 ? 15.066  -7.831  -5.646  1.00 43.89  ? 317 GLU A C   1 
ATOM   1163 O O   . GLU A 1 160 ? 15.258  -9.045  -5.839  1.00 45.29  ? 317 GLU A O   1 
ATOM   1164 C CB  . GLU A 1 160 ? 16.600  -6.125  -6.671  1.00 42.82  ? 317 GLU A CB  1 
ATOM   1165 C CG  . GLU A 1 160 ? 16.959  -5.356  -7.933  0.75 47.82  ? 317 GLU A CG  1 
ATOM   1166 C CD  . GLU A 1 160 ? 18.334  -4.712  -7.983  0.50 48.71  ? 317 GLU A CD  1 
ATOM   1167 O OE1 . GLU A 1 160 ? 19.032  -4.740  -6.971  0.50 52.18  ? 317 GLU A OE1 1 
ATOM   1168 O OE2 . GLU A 1 160 ? 18.697  -4.169  -9.038  0.50 52.66  ? 317 GLU A OE2 1 
ATOM   1169 N N   . PHE A 1 161 ? 14.555  -7.324  -4.529  1.00 39.72  ? 318 PHE A N   1 
ATOM   1170 C CA  . PHE A 1 161 ? 14.432  -8.133  -3.296  1.00 38.88  ? 318 PHE A CA  1 
ATOM   1171 C C   . PHE A 1 161 ? 13.513  -9.340  -3.554  1.00 43.86  ? 318 PHE A C   1 
ATOM   1172 O O   . PHE A 1 161 ? 13.830  -10.424 -3.094  1.00 43.40  ? 318 PHE A O   1 
ATOM   1173 C CB  . PHE A 1 161 ? 13.918  -7.286  -2.137  1.00 37.72  ? 318 PHE A CB  1 
ATOM   1174 C CG  . PHE A 1 161 ? 13.731  -8.026  -0.847  1.00 35.50  ? 318 PHE A CG  1 
ATOM   1175 C CD1 . PHE A 1 161 ? 14.810  -8.271  -0.015  1.00 43.22  ? 318 PHE A CD1 1 
ATOM   1176 C CD2 . PHE A 1 161 ? 12.478  -8.457  -0.462  1.00 38.84  ? 318 PHE A CD2 1 
ATOM   1177 C CE1 . PHE A 1 161 ? 14.640  -8.966  1.170   1.00 47.64  ? 318 PHE A CE1 1 
ATOM   1178 C CE2 . PHE A 1 161 ? 12.294  -9.129  0.735   1.00 39.39  ? 318 PHE A CE2 1 
ATOM   1179 C CZ  . PHE A 1 161 ? 13.381  -9.387  1.547   1.00 48.64  ? 318 PHE A CZ  1 
ATOM   1180 N N   . PHE A 1 162 ? 12.379  -9.134  -4.209  1.00 43.73  ? 319 PHE A N   1 
ATOM   1181 C CA  . PHE A 1 162 ? 11.309  -10.158 -4.357  1.00 44.26  ? 319 PHE A CA  1 
ATOM   1182 C C   . PHE A 1 162 ? 11.422  -10.887 -5.706  1.00 48.76  ? 319 PHE A C   1 
ATOM   1183 O O   . PHE A 1 162 ? 10.544  -11.732 -5.937  1.00 51.57  ? 319 PHE A O   1 
ATOM   1184 C CB  . PHE A 1 162 ? 9.930   -9.494  -4.282  1.00 38.73  ? 319 PHE A CB  1 
ATOM   1185 C CG  . PHE A 1 162 ? 9.505   -9.137  -2.884  1.00 37.51  ? 319 PHE A CG  1 
ATOM   1186 C CD1 . PHE A 1 162 ? 9.277   -10.119 -1.940  1.00 34.52  ? 319 PHE A CD1 1 
ATOM   1187 C CD2 . PHE A 1 162 ? 9.390   -7.807  -2.497  1.00 36.89  ? 319 PHE A CD2 1 
ATOM   1188 C CE1 . PHE A 1 162 ? 8.921   -9.789  -0.639  1.00 35.10  ? 319 PHE A CE1 1 
ATOM   1189 C CE2 . PHE A 1 162 ? 9.041   -7.477  -1.205  1.00 32.32  ? 319 PHE A CE2 1 
ATOM   1190 C CZ  . PHE A 1 162 ? 8.799   -8.464  -0.279  1.00 36.04  ? 319 PHE A CZ  1 
ATOM   1191 N N   . HIS A 1 163 ? 12.390  -10.509 -6.549  1.00 45.19  ? 320 HIS A N   1 
ATOM   1192 C CA  . HIS A 1 163 ? 12.658  -10.934 -7.963  1.00 57.31  ? 320 HIS A CA  1 
ATOM   1193 C C   . HIS A 1 163 ? 11.746  -12.089 -8.428  1.00 61.02  ? 320 HIS A C   1 
ATOM   1194 O O   . HIS A 1 163 ? 11.949  -13.309 -8.252  1.00 55.22  ? 320 HIS A O   1 
ATOM   1195 C CB  . HIS A 1 163 ? 14.148  -11.277 -8.115  1.00 58.20  ? 320 HIS A CB  1 
ATOM   1196 C CG  . HIS A 1 163 ? 14.500  -12.536 -7.410  1.00 64.27  ? 320 HIS A CG  1 
ATOM   1197 N ND1 . HIS A 1 163 ? 13.782  -12.975 -6.304  1.00 71.90  ? 320 HIS A ND1 1 
ATOM   1198 C CD2 . HIS A 1 163 ? 15.424  -13.484 -7.677  1.00 67.78  ? 320 HIS A CD2 1 
ATOM   1199 C CE1 . HIS A 1 163 ? 14.264  -14.137 -5.913  1.00 73.28  ? 320 HIS A CE1 1 
ATOM   1200 N NE2 . HIS A 1 163 ? 15.271  -14.473 -6.741  1.00 69.07  ? 320 HIS A NE2 1 
HETATM 1201 C C5  . JLE B 2 .   ? 0.841   -4.738  9.827   1.00 24.71  ? 401 JLE A C5  1 
HETATM 1202 C C6  . JLE B 2 .   ? 1.121   -3.486  9.281   1.00 26.57  ? 401 JLE A C6  1 
HETATM 1203 C C4  . JLE B 2 .   ? 1.911   -5.655  9.894   1.00 26.73  ? 401 JLE A C4  1 
HETATM 1204 C C2  . JLE B 2 .   ? 3.300   -4.106  8.852   1.00 27.51  ? 401 JLE A C2  1 
HETATM 1205 C C8  . JLE B 2 .   ? -1.135  -3.621  9.990   1.00 29.01  ? 401 JLE A C8  1 
HETATM 1206 N N3  . JLE B 2 .   ? 2.351   -3.126  8.770   1.00 26.26  ? 401 JLE A N3  1 
HETATM 1207 C C25 . JLE B 2 .   ? 0.058   -10.995 8.121   1.00 29.62  ? 401 JLE A C25 1 
HETATM 1208 C C24 . JLE B 2 .   ? -0.535  -10.425 9.236   1.00 27.96  ? 401 JLE A C24 1 
HETATM 1209 C C23 . JLE B 2 .   ? 0.242   -9.802  10.249  1.00 30.59  ? 401 JLE A C23 1 
HETATM 1210 C C22 . JLE B 2 .   ? 1.626   -9.828  10.088  1.00 27.58  ? 401 JLE A C22 1 
HETATM 1211 C C21 . JLE B 2 .   ? 2.509   -9.119  11.153  1.00 28.50  ? 401 JLE A C21 1 
HETATM 1212 C C9  . JLE B 2 .   ? -0.492  -4.797  10.275  1.00 27.40  ? 401 JLE A C9  1 
HETATM 1213 N N1  . JLE B 2 .   ? 3.138   -5.300  9.374   1.00 29.16  ? 401 JLE A N1  1 
HETATM 1214 C C11 . JLE B 2 .   ? -2.724  -8.126  11.732  1.00 31.81  ? 401 JLE A C11 1 
HETATM 1215 C C12 . JLE B 2 .   ? -3.024  -7.525  10.508  1.00 30.33  ? 401 JLE A C12 1 
HETATM 1216 C C13 . JLE B 2 .   ? -2.270  -6.448  10.042  1.00 32.50  ? 401 JLE A C13 1 
HETATM 1217 C C14 . JLE B 2 .   ? -1.693  -7.646  12.500  1.00 33.18  ? 401 JLE A C14 1 
HETATM 1218 C C10 . JLE B 2 .   ? -1.218  -5.963  10.831  1.00 29.13  ? 401 JLE A C10 1 
HETATM 1219 C C15 . JLE B 2 .   ? -0.943  -6.562  12.048  1.00 29.21  ? 401 JLE A C15 1 
HETATM 1220 C C20 . JLE B 2 .   ? 3.002   -7.832  10.561  1.00 24.65  ? 401 JLE A C20 1 
HETATM 1221 C C17 . JLE B 2 .   ? -0.171  -7.262  13.989  1.00 37.42  ? 401 JLE A C17 1 
HETATM 1222 C C16 . JLE B 2 .   ? -0.007  -6.299  13.002  1.00 29.47  ? 401 JLE A C16 1 
HETATM 1223 C C26 . JLE B 2 .   ? 1.441   -11.006 7.942   1.00 27.36  ? 401 JLE A C26 1 
HETATM 1224 C C27 . JLE B 2 .   ? 2.224   -10.442 8.989   1.00 29.16  ? 401 JLE A C27 1 
HETATM 1225 C C28 . JLE B 2 .   ? 4.079   -7.190  11.539  1.00 29.46  ? 401 JLE A C28 1 
HETATM 1226 O O30 . JLE B 2 .   ? 3.664   -6.396  12.384  1.00 28.87  ? 401 JLE A O30 1 
HETATM 1227 O O29 . JLE B 2 .   ? 5.283   -7.536  11.479  1.00 26.36  ? 401 JLE A O29 1 
HETATM 1228 N N19 . JLE B 2 .   ? 1.799   -6.906  10.375  1.00 26.12  ? 401 JLE A N19 1 
HETATM 1229 S S7  . JLE B 2 .   ? -0.170  -2.452  9.303   1.00 31.17  ? 401 JLE A S7  1 
HETATM 1230 C C31 . JLE B 2 .   ? -2.597  -3.294  10.299  1.00 34.20  ? 401 JLE A C31 1 
HETATM 1231 C C32 . JLE B 2 .   ? -2.688  -1.941  10.854  1.00 31.83  ? 401 JLE A C32 1 
HETATM 1232 N N18 . JLE B 2 .   ? -1.177  -8.069  13.639  1.00 34.04  ? 401 JLE A N18 1 
HETATM 1233 O O   . HOH C 3 .   ? 15.873  -3.696  7.810   1.00 47.01  ? 501 HOH A O   1 
HETATM 1234 O O   . HOH C 3 .   ? -5.212  3.422   -11.233 1.00 48.26  ? 502 HOH A O   1 
HETATM 1235 O O   . HOH C 3 .   ? 6.498   6.010   -12.113 1.00 60.16  ? 503 HOH A O   1 
HETATM 1236 O O   . HOH C 3 .   ? -3.197  -9.430  -8.434  1.00 47.04  ? 504 HOH A O   1 
HETATM 1237 O O   . HOH C 3 .   ? -7.588  6.545   -5.769  1.00 53.04  ? 505 HOH A O   1 
HETATM 1238 O O   . HOH C 3 .   ? -13.978 -3.447  10.221  1.00 47.01  ? 506 HOH A O   1 
HETATM 1239 O O   . HOH C 3 .   ? 9.260   13.566  -9.213  1.00 60.38  ? 507 HOH A O   1 
HETATM 1240 O O   . HOH C 3 .   ? 1.807   11.701  1.771   1.00 60.10  ? 508 HOH A O   1 
HETATM 1241 O O   . HOH C 3 .   ? 11.180  1.039   14.105  1.00 55.52  ? 509 HOH A O   1 
HETATM 1242 O O   . HOH C 3 .   ? -7.848  0.183   -11.324 1.00 46.07  ? 510 HOH A O   1 
HETATM 1243 O O   . HOH C 3 .   ? -14.116 -2.121  8.057   1.00 64.53  ? 511 HOH A O   1 
HETATM 1244 O O   . HOH C 3 .   ? -11.389 6.890   -3.654  1.00 58.62  ? 512 HOH A O   1 
HETATM 1245 O O   . HOH C 3 .   ? 4.138   -5.591  14.737  1.00 41.16  ? 513 HOH A O   1 
HETATM 1246 O O   . HOH C 3 .   ? 17.618  8.726   9.421   1.00 47.18  ? 514 HOH A O   1 
HETATM 1247 O O   . HOH C 3 .   ? 6.936   -7.076  13.392  1.00 28.69  ? 515 HOH A O   1 
HETATM 1248 O O   . HOH C 3 .   ? -7.918  -9.059  15.218  1.00 57.48  ? 516 HOH A O   1 
HETATM 1249 O O   . HOH C 3 .   ? 11.486  7.059   -6.367  1.00 59.21  ? 517 HOH A O   1 
HETATM 1250 O O   . HOH C 3 .   ? -7.326  -17.216 1.744   1.00 44.57  ? 518 HOH A O   1 
HETATM 1251 O O   . HOH C 3 .   ? -13.065 -8.572  4.420   1.00 43.68  ? 519 HOH A O   1 
HETATM 1252 O O   . HOH C 3 .   ? 19.352  7.155   3.112   1.00 35.55  ? 520 HOH A O   1 
HETATM 1253 O O   . HOH C 3 .   ? 8.700   7.061   -17.940 1.00 64.92  ? 521 HOH A O   1 
HETATM 1254 O O   . HOH C 3 .   ? -11.529 -7.130  2.432   1.00 29.45  ? 522 HOH A O   1 
HETATM 1255 O O   . HOH C 3 .   ? -0.626  13.216  -2.559  1.00 67.19  ? 523 HOH A O   1 
HETATM 1256 O O   . HOH C 3 .   ? 10.092  -8.541  -8.149  1.00 42.47  ? 524 HOH A O   1 
HETATM 1257 O O   . HOH C 3 .   ? -15.587 -6.788  4.058   1.00 61.12  ? 525 HOH A O   1 
HETATM 1258 O O   . HOH C 3 .   ? -5.406  -10.498 13.446  1.00 44.48  ? 526 HOH A O   1 
HETATM 1259 O O   . HOH C 3 .   ? 3.285   -13.295 -0.519  1.00 42.88  ? 527 HOH A O   1 
HETATM 1260 O O   . HOH C 3 .   ? 2.010   9.926   -8.111  1.00 39.99  ? 528 HOH A O   1 
HETATM 1261 O O   . HOH C 3 .   ? -5.094  -14.672 -4.483  1.00 49.39  ? 529 HOH A O   1 
HETATM 1262 O O   . HOH C 3 .   ? 16.711  12.722  4.665   1.00 30.96  ? 530 HOH A O   1 
HETATM 1263 O O   . HOH C 3 .   ? -8.967  8.133   15.843  1.00 67.66  ? 531 HOH A O   1 
HETATM 1264 O O   . HOH C 3 .   ? 12.478  4.142   -6.149  1.00 39.02  ? 532 HOH A O   1 
HETATM 1265 O O   . HOH C 3 .   ? -5.510  7.519   7.974   1.00 53.35  ? 533 HOH A O   1 
HETATM 1266 O O   . HOH C 3 .   ? 9.734   15.573  0.712   1.00 43.77  ? 534 HOH A O   1 
HETATM 1267 O O   . HOH C 3 .   ? -5.251  -12.319 -2.526  1.00 29.92  ? 535 HOH A O   1 
HETATM 1268 O O   . HOH C 3 .   ? -8.396  -9.988  0.090   1.00 51.35  ? 536 HOH A O   1 
HETATM 1269 O O   . HOH C 3 .   ? -7.807  -12.597 1.448   1.00 43.84  ? 537 HOH A O   1 
HETATM 1270 O O   . HOH C 3 .   ? 15.285  -3.572  -9.746  1.00 50.96  ? 538 HOH A O   1 
HETATM 1271 O O   . HOH C 3 .   ? -5.013  0.725   -10.911 1.00 36.06  ? 539 HOH A O   1 
HETATM 1272 O O   . HOH C 3 .   ? -24.889 3.526   -0.385  1.00 32.23  ? 540 HOH A O   1 
HETATM 1273 O O   . HOH C 3 .   ? -10.626 -13.406 11.656  1.00 42.22  ? 541 HOH A O   1 
HETATM 1274 O O   . HOH C 3 .   ? -20.639 1.978   5.933   1.00 46.22  ? 542 HOH A O   1 
HETATM 1275 O O   . HOH C 3 .   ? -9.138  -7.579  -7.432  1.00 48.30  ? 543 HOH A O   1 
HETATM 1276 O O   . HOH C 3 .   ? -1.462  0.185   -13.879 1.00 49.09  ? 544 HOH A O   1 
HETATM 1277 O O   . HOH C 3 .   ? 13.964  -6.143  10.160  1.00 38.77  ? 545 HOH A O   1 
HETATM 1278 O O   . HOH C 3 .   ? 10.251  5.585   11.649  1.00 52.37  ? 546 HOH A O   1 
HETATM 1279 O O   . HOH C 3 .   ? 17.139  -5.445  -2.841  1.00 48.18  ? 547 HOH A O   1 
HETATM 1280 O O   . HOH C 3 .   ? -0.772  8.923   7.125   1.00 52.22  ? 548 HOH A O   1 
HETATM 1281 O O   . HOH C 3 .   ? 17.936  9.674   2.521   1.00 42.42  ? 549 HOH A O   1 
HETATM 1282 O O   . HOH C 3 .   ? -5.787  -10.259 -4.049  1.00 48.08  ? 550 HOH A O   1 
HETATM 1283 O O   . HOH C 3 .   ? -4.202  -6.815  -8.778  1.00 45.92  ? 551 HOH A O   1 
HETATM 1284 O O   . HOH C 3 .   ? -18.383 2.803   -3.325  1.00 48.23  ? 552 HOH A O   1 
HETATM 1285 O O   . HOH C 3 .   ? 16.619  -3.472  -1.085  1.00 36.59  ? 553 HOH A O   1 
HETATM 1286 O O   . HOH C 3 .   ? 2.490   -3.879  -14.196 1.00 50.74  ? 554 HOH A O   1 
HETATM 1287 O O   . HOH C 3 .   ? -1.175  -13.200 -7.770  1.00 47.03  ? 555 HOH A O   1 
HETATM 1288 O O   . HOH C 3 .   ? -0.159  -14.373 -5.628  1.00 40.12  ? 556 HOH A O   1 
HETATM 1289 O O   . HOH C 3 .   ? -11.558 10.129  12.851  1.00 49.30  ? 557 HOH A O   1 
HETATM 1290 O O   . HOH C 3 .   ? 12.199  2.990   -14.187 1.00 52.46  ? 558 HOH A O   1 
HETATM 1291 O O   . HOH C 3 .   ? -3.042  -9.958  14.924  1.00 45.96  ? 559 HOH A O   1 
HETATM 1292 O O   . HOH C 3 .   ? 12.142  -8.398  4.191   1.00 41.78  ? 560 HOH A O   1 
HETATM 1293 O O   . HOH C 3 .   ? -22.513 -0.775  -0.934  1.00 46.88  ? 561 HOH A O   1 
HETATM 1294 O O   . HOH C 3 .   ? -7.335  -7.136  -9.127  1.00 49.63  ? 562 HOH A O   1 
HETATM 1295 O O   . HOH C 3 .   ? 21.066  -3.351  1.931   1.00 47.76  ? 563 HOH A O   1 
HETATM 1296 O O   . HOH C 3 .   ? 9.186   -2.012  7.601   1.00 58.11  ? 564 HOH A O   1 
HETATM 1297 O O   . HOH C 3 .   ? 13.939  10.509  -1.807  1.00 43.17  ? 565 HOH A O   1 
HETATM 1298 O O   . HOH C 3 .   ? -11.329 -8.167  -13.241 1.00 42.17  ? 566 HOH A O   1 
HETATM 1299 O O   . HOH C 3 .   ? 2.106   -9.952  -11.627 1.00 49.31  ? 567 HOH A O   1 
HETATM 1300 O O   . HOH C 3 .   ? 1.249   -8.446  -13.481 1.00 57.12  ? 568 HOH A O   1 
HETATM 1301 O O   . HOH C 3 .   ? 10.429  5.558   -18.187 1.00 65.13  ? 569 HOH A O   1 
HETATM 1302 O O   . HOH C 3 .   ? 10.129  -13.269 -10.969 1.00 51.26  ? 570 HOH A O   1 
HETATM 1303 O O   . HOH C 3 .   ? -4.432  -13.860 -6.592  1.00 63.79  ? 571 HOH A O   1 
HETATM 1304 O O   . HOH C 3 .   ? -13.957 -7.032  1.320   1.00 45.19  ? 572 HOH A O   1 
HETATM 1305 O O   . HOH C 3 .   ? -2.878  8.941   -7.009  1.00 64.89  ? 573 HOH A O   1 
HETATM 1306 O O   . HOH C 3 .   ? -11.765 9.958   -4.382  1.00 55.84  ? 574 HOH A O   1 
HETATM 1307 O O   . HOH C 3 .   ? -14.336 -10.458 11.068  1.00 45.48  ? 575 HOH A O   1 
HETATM 1308 O O   . HOH C 3 .   ? 3.063   -16.058 3.997   1.00 39.52  ? 576 HOH A O   1 
HETATM 1309 O O   . HOH C 3 .   ? -0.600  8.975   -8.112  1.00 47.03  ? 577 HOH A O   1 
HETATM 1310 O O   . HOH C 3 .   ? -7.189  -13.165 -1.401  1.00 49.50  ? 578 HOH A O   1 
HETATM 1311 O O   . HOH C 3 .   ? 4.816   -11.584 4.644   1.00 44.06  ? 579 HOH A O   1 
HETATM 1312 O O   . HOH C 3 .   ? 3.961   -14.929 -2.755  1.00 51.59  ? 580 HOH A O   1 
HETATM 1313 O O   . HOH C 3 .   ? 5.789   -11.044 3.095   1.00 48.61  ? 581 HOH A O   1 
HETATM 1314 O O   . HOH C 3 .   ? -15.868 -5.434  8.912   1.00 63.02  ? 582 HOH A O   1 
HETATM 1315 O O   . HOH C 3 .   ? 10.785  -8.948  -11.034 1.00 57.30  ? 583 HOH A O   1 
HETATM 1316 O O   . HOH C 3 .   ? -10.855 -9.320  0.729   1.00 38.38  ? 584 HOH A O   1 
HETATM 1317 O O   . HOH C 3 .   ? 4.625   -13.146 6.226   0.50 44.36  ? 585 HOH A O   1 
HETATM 1318 O O   . HOH C 3 .   ? 15.820  11.813  -0.046  0.50 49.79  ? 586 HOH A O   1 
HETATM 1319 O O   . HOH C 3 .   ? -0.250  -4.794  16.416  1.00 51.23  ? 587 HOH A O   1 
HETATM 1320 O O   . HOH C 3 .   ? -5.280  -13.571 14.328  1.00 62.05  ? 588 HOH A O   1 
HETATM 1321 O O   . HOH C 3 .   ? -19.936 -1.837  7.943   1.00 61.58  ? 589 HOH A O   1 
HETATM 1322 O O   . HOH C 3 .   ? 17.861  11.385  0.489   1.00 48.84  ? 590 HOH A O   1 
HETATM 1323 O O   . HOH C 3 .   ? 6.817   -12.400 1.410   1.00 47.56  ? 591 HOH A O   1 
# 
